data_7YXF
#
_entry.id   7YXF
#
_cell.length_a   136.445
_cell.length_b   69.383
_cell.length_c   144.353
_cell.angle_alpha   90.000
_cell.angle_beta   94.289
_cell.angle_gamma   90.000
#
_symmetry.space_group_name_H-M   'C 1 2 1'
#
loop_
_entity.id
_entity.type
_entity.pdbx_description
1 polymer 'Steroid C26-monooxygenase'
2 non-polymer 1-(2-piperazin-1-ylethyl)-5-pyridin-4-yl-indole
3 non-polymer 'PROTOPORPHYRIN IX CONTAINING FE'
4 non-polymer 'SULFATE ION'
5 water water
#
_entity_poly.entity_id   1
_entity_poly.type   'polypeptide(L)'
_entity_poly.pdbx_seq_one_letter_code
;NGPSPNLPPGFDFTDPAIYAERLPVAEFAELRSAAPIWWNGQDPGKGGGFHDGGFWAITKLNDVKEISRHSDVFSSYENG
VIPRFKNDIAREDIEVQRFVMLNMDAPHHTRLRKIISRGFTPRAVGRLHDELQERAQKIAAEAAAAGSGDFVEQVSCELP
LQAIAGLLGVPQEDRGKLFHWSNEMTGNEDPEYAHIDPKASSAELIGYAMKMAEEKAKNPADDIVTQLIQADIDGEKLSD
DEFGFFVVMLAVAGNETTRNSITQGMMAFAEHPDQWELYKKVRPETAADEIVRWATPVTAFQRTALRDYELSGVQIKKGQ
RVVMFYRSANFDEEVFQDPFTFNILRNPNPHVGFGGTGAHYCIGANLARMTINLIFNAVADHMPDLKPISAPERLRSGWL
NGIKHWQVDYTGRCPVAH
;
_entity_poly.pdbx_strand_id   A,B,C
#
loop_
_chem_comp.id
_chem_comp.type
_chem_comp.name
_chem_comp.formula
HEM non-polymer 'PROTOPORPHYRIN IX CONTAINING FE' 'C34 H32 Fe N4 O4'
I6Y non-polymer 1-(2-piperazin-1-ylethyl)-5-pyridin-4-yl-indole 'C19 H22 N4'
SO4 non-polymer 'SULFATE ION' 'O4 S -2'
#
# COMPACT_ATOMS: atom_id res chain seq x y z
N GLY A 2 37.87 35.99 -36.55
CA GLY A 2 38.85 36.85 -35.88
C GLY A 2 39.72 36.12 -34.87
N PRO A 3 40.47 36.87 -34.05
CA PRO A 3 41.35 36.21 -33.07
C PRO A 3 40.57 35.45 -32.02
N SER A 4 41.24 34.45 -31.45
CA SER A 4 40.66 33.70 -30.34
C SER A 4 40.48 34.61 -29.11
N PRO A 5 39.53 34.30 -28.25
CA PRO A 5 39.34 35.13 -27.08
C PRO A 5 40.48 34.96 -26.08
N ASN A 6 40.75 36.05 -25.36
CA ASN A 6 41.80 36.11 -24.37
C ASN A 6 41.31 35.49 -23.07
N LEU A 7 41.40 34.17 -23.02
CA LEU A 7 41.02 33.38 -21.88
C LEU A 7 42.16 32.45 -21.52
N PRO A 8 42.29 32.06 -20.25
CA PRO A 8 43.32 31.09 -19.91
C PRO A 8 43.10 29.79 -20.65
N PRO A 9 44.17 29.08 -21.04
CA PRO A 9 43.97 27.80 -21.72
C PRO A 9 43.13 26.86 -20.84
N GLY A 10 42.19 26.17 -21.46
CA GLY A 10 41.34 25.20 -20.79
C GLY A 10 40.27 25.80 -19.88
N PHE A 11 40.16 27.11 -19.84
CA PHE A 11 39.06 27.77 -19.08
C PHE A 11 37.72 27.15 -19.41
N ASP A 12 36.93 26.81 -18.39
CA ASP A 12 35.62 26.20 -18.55
C ASP A 12 34.62 27.06 -17.77
N PHE A 13 33.65 27.65 -18.48
CA PHE A 13 32.70 28.56 -17.85
C PHE A 13 31.73 27.86 -16.90
N THR A 14 31.78 26.54 -16.86
CA THR A 14 30.97 25.79 -15.90
C THR A 14 31.81 25.28 -14.73
N ASP A 15 33.04 25.74 -14.59
CA ASP A 15 33.96 25.22 -13.54
C ASP A 15 33.49 25.69 -12.15
N PRO A 16 33.03 24.79 -11.30
CA PRO A 16 32.57 25.24 -9.98
C PRO A 16 33.64 25.94 -9.17
N ALA A 17 34.93 25.64 -9.40
CA ALA A 17 35.99 26.30 -8.64
C ALA A 17 36.06 27.78 -8.93
N ILE A 18 35.59 28.20 -10.11
CA ILE A 18 35.49 29.63 -10.38
C ILE A 18 34.43 30.26 -9.49
N TYR A 19 33.22 29.71 -9.55
CA TYR A 19 32.09 30.33 -8.87
C TYR A 19 32.22 30.26 -7.33
N ALA A 20 33.02 29.33 -6.78
CA ALA A 20 33.27 29.37 -5.34
C ALA A 20 33.96 30.65 -4.91
N GLU A 21 34.65 31.32 -5.84
N GLU A 21 34.67 31.29 -5.84
CA GLU A 21 35.41 32.51 -5.52
CA GLU A 21 35.46 32.50 -5.58
C GLU A 21 34.88 33.78 -6.15
C GLU A 21 34.84 33.77 -6.14
N ARG A 22 34.29 33.71 -7.34
CA ARG A 22 33.90 34.90 -8.05
C ARG A 22 32.98 34.56 -9.20
N LEU A 23 32.36 35.61 -9.75
CA LEU A 23 31.67 35.52 -11.04
C LEU A 23 32.64 35.90 -12.15
N PRO A 24 32.74 35.09 -13.24
CA PRO A 24 33.77 35.41 -14.28
C PRO A 24 33.27 36.48 -15.27
N VAL A 25 33.06 37.67 -14.74
CA VAL A 25 32.42 38.76 -15.48
C VAL A 25 33.28 39.22 -16.64
N ALA A 26 34.56 39.40 -16.40
CA ALA A 26 35.47 39.82 -17.47
C ALA A 26 35.56 38.77 -18.56
N GLU A 27 35.51 37.51 -18.17
CA GLU A 27 35.65 36.45 -19.16
C GLU A 27 34.42 36.38 -20.04
N PHE A 28 33.23 36.53 -19.45
CA PHE A 28 32.03 36.60 -20.28
C PHE A 28 32.08 37.80 -21.20
N ALA A 29 32.53 38.95 -20.67
CA ALA A 29 32.56 40.14 -21.53
C ALA A 29 33.53 39.95 -22.69
N GLU A 30 34.61 39.20 -22.45
CA GLU A 30 35.56 38.89 -23.54
C GLU A 30 34.92 38.04 -24.63
N LEU A 31 34.12 37.04 -24.25
CA LEU A 31 33.39 36.29 -25.26
C LEU A 31 32.41 37.18 -26.00
N ARG A 32 31.67 38.05 -25.29
CA ARG A 32 30.66 38.81 -26.02
C ARG A 32 31.33 39.67 -27.08
N SER A 33 32.51 40.19 -26.78
CA SER A 33 33.25 41.01 -27.72
C SER A 33 33.97 40.22 -28.81
N ALA A 34 34.63 39.12 -28.46
CA ALA A 34 35.54 38.44 -29.38
C ALA A 34 35.02 37.12 -29.91
N ALA A 35 34.09 36.45 -29.22
CA ALA A 35 33.61 35.18 -29.72
C ALA A 35 32.27 34.86 -29.07
N PRO A 36 31.20 35.48 -29.54
CA PRO A 36 29.96 35.49 -28.75
C PRO A 36 29.29 34.13 -28.69
N ILE A 37 29.58 33.26 -29.66
CA ILE A 37 29.29 31.83 -29.59
C ILE A 37 30.63 31.15 -29.72
N TRP A 38 31.03 30.39 -28.71
CA TRP A 38 32.40 29.89 -28.57
C TRP A 38 32.38 28.48 -28.04
N TRP A 39 33.19 27.63 -28.62
CA TRP A 39 33.27 26.23 -28.19
C TRP A 39 34.13 26.16 -26.93
N ASN A 40 33.51 25.70 -25.84
CA ASN A 40 34.09 25.51 -24.50
C ASN A 40 34.51 24.07 -24.41
N GLY A 41 35.75 23.77 -24.81
CA GLY A 41 36.22 22.41 -24.73
C GLY A 41 36.34 21.93 -23.28
N GLN A 42 36.12 20.62 -23.10
CA GLN A 42 36.23 19.99 -21.80
C GLN A 42 37.05 18.72 -21.95
N ASP A 43 38.07 18.58 -21.10
CA ASP A 43 38.96 17.40 -21.14
C ASP A 43 38.24 16.16 -20.63
N PRO A 44 38.74 14.99 -21.01
CA PRO A 44 38.07 13.74 -20.62
C PRO A 44 37.93 13.66 -19.11
N GLY A 45 36.75 13.25 -18.66
CA GLY A 45 36.44 13.22 -17.24
C GLY A 45 36.24 14.57 -16.55
N LYS A 46 36.28 15.66 -17.28
CA LYS A 46 36.16 16.97 -16.63
C LYS A 46 34.92 17.69 -17.12
N GLY A 47 33.94 16.95 -17.63
CA GLY A 47 32.71 17.43 -18.22
C GLY A 47 31.52 17.60 -17.30
N GLY A 48 31.70 17.44 -15.99
CA GLY A 48 30.58 17.63 -15.06
C GLY A 48 29.46 16.65 -15.27
N GLY A 49 29.78 15.46 -15.76
CA GLY A 49 28.75 14.46 -16.01
C GLY A 49 28.49 14.21 -17.49
N PHE A 50 28.97 15.09 -18.37
CA PHE A 50 28.76 15.00 -19.80
C PHE A 50 30.10 14.69 -20.45
N HIS A 51 30.10 13.78 -21.39
CA HIS A 51 31.29 13.16 -21.95
C HIS A 51 31.32 13.30 -23.44
N ASP A 52 31.13 14.54 -23.92
CA ASP A 52 31.01 14.82 -25.34
C ASP A 52 32.05 15.82 -25.82
N GLY A 53 33.01 16.16 -24.98
CA GLY A 53 34.13 16.97 -25.40
C GLY A 53 33.93 18.46 -25.26
N GLY A 54 32.74 18.91 -24.93
CA GLY A 54 32.53 20.32 -24.68
C GLY A 54 31.13 20.74 -25.08
N PHE A 55 30.97 22.05 -25.16
CA PHE A 55 29.68 22.62 -25.45
C PHE A 55 29.87 24.00 -26.08
N TRP A 56 28.80 24.52 -26.66
CA TRP A 56 28.80 25.89 -27.18
C TRP A 56 28.36 26.83 -26.06
N ALA A 57 29.23 27.80 -25.73
CA ALA A 57 28.93 28.87 -24.78
C ALA A 57 28.17 29.96 -25.50
N ILE A 58 26.98 30.24 -25.02
CA ILE A 58 26.06 31.19 -25.63
C ILE A 58 26.00 32.39 -24.71
N THR A 59 26.47 33.55 -25.20
CA THR A 59 26.76 34.66 -24.33
C THR A 59 25.88 35.90 -24.61
N LYS A 60 25.21 35.96 -25.76
CA LYS A 60 24.37 37.09 -26.14
C LYS A 60 22.90 36.85 -25.83
N LEU A 61 22.22 37.91 -25.41
CA LEU A 61 20.82 37.73 -25.03
C LEU A 61 19.95 37.31 -26.20
N ASN A 62 20.16 37.89 -27.41
CA ASN A 62 19.30 37.46 -28.51
C ASN A 62 19.49 35.97 -28.88
N ASP A 63 20.69 35.43 -28.71
CA ASP A 63 20.92 34.01 -28.97
C ASP A 63 20.26 33.14 -27.90
N VAL A 64 20.34 33.57 -26.63
CA VAL A 64 19.60 32.89 -25.56
C VAL A 64 18.10 32.86 -25.86
N LYS A 65 17.53 33.98 -26.32
CA LYS A 65 16.11 33.98 -26.63
C LYS A 65 15.80 33.05 -27.79
N GLU A 66 16.65 33.07 -28.83
CA GLU A 66 16.39 32.25 -29.99
C GLU A 66 16.41 30.77 -29.63
N ILE A 67 17.40 30.34 -28.84
CA ILE A 67 17.42 28.94 -28.38
C ILE A 67 16.18 28.62 -27.56
N SER A 68 15.81 29.52 -26.64
CA SER A 68 14.68 29.25 -25.74
C SER A 68 13.38 29.13 -26.51
N ARG A 69 13.24 29.93 -27.58
CA ARG A 69 12.04 29.91 -28.42
C ARG A 69 11.95 28.64 -29.27
N HIS A 70 13.07 28.17 -29.82
CA HIS A 70 13.07 26.99 -30.69
C HIS A 70 13.28 25.70 -29.88
N SER A 71 12.34 25.43 -28.96
N SER A 71 12.34 25.43 -28.96
CA SER A 71 12.40 24.21 -28.18
CA SER A 71 12.40 24.21 -28.18
C SER A 71 12.21 22.97 -29.05
C SER A 71 12.18 22.97 -29.04
N ASP A 72 11.66 23.13 -30.26
CA ASP A 72 11.50 21.97 -31.14
C ASP A 72 12.86 21.47 -31.67
N VAL A 73 13.87 22.33 -31.70
CA VAL A 73 15.22 21.95 -32.04
C VAL A 73 16.10 21.78 -30.79
N PHE A 74 15.98 22.68 -29.83
CA PHE A 74 16.88 22.70 -28.68
C PHE A 74 16.17 22.03 -27.50
N SER A 75 16.55 20.79 -27.22
CA SER A 75 15.83 19.90 -26.31
C SER A 75 16.29 20.06 -24.88
N SER A 76 15.34 20.04 -23.95
CA SER A 76 15.64 19.95 -22.52
C SER A 76 15.82 18.51 -22.07
N TYR A 77 15.01 17.63 -22.61
CA TYR A 77 14.98 16.24 -22.20
C TYR A 77 16.28 15.50 -22.53
N GLU A 78 16.88 15.78 -23.68
N GLU A 78 16.88 15.79 -23.68
CA GLU A 78 17.95 14.87 -24.16
CA GLU A 78 17.95 14.92 -24.18
C GLU A 78 19.07 14.74 -23.14
C GLU A 78 19.07 14.76 -23.16
N ASN A 79 19.54 15.85 -22.60
CA ASN A 79 20.59 15.79 -21.58
C ASN A 79 20.23 16.55 -20.29
N GLY A 80 18.98 16.90 -20.12
CA GLY A 80 18.60 17.79 -19.04
C GLY A 80 19.12 19.18 -19.29
N VAL A 81 18.73 20.11 -18.40
CA VAL A 81 19.15 21.50 -18.52
C VAL A 81 20.26 21.93 -17.56
N ILE A 82 20.55 21.13 -16.55
CA ILE A 82 21.66 21.50 -15.68
C ILE A 82 22.97 21.13 -16.37
N PRO A 83 23.91 22.07 -16.51
CA PRO A 83 25.10 21.81 -17.34
C PRO A 83 26.29 21.32 -16.56
N ARG A 84 26.16 21.10 -15.26
CA ARG A 84 27.32 20.68 -14.47
C ARG A 84 26.89 19.94 -13.23
N PHE A 85 27.33 18.71 -13.08
CA PHE A 85 27.25 17.89 -11.88
C PHE A 85 28.65 17.50 -11.45
N LYS A 86 28.76 16.71 -10.38
N LYS A 86 28.76 16.70 -10.40
CA LYS A 86 30.04 16.11 -10.06
CA LYS A 86 30.06 16.13 -10.06
C LYS A 86 30.56 15.32 -11.27
C LYS A 86 30.57 15.31 -11.25
N ASN A 87 31.88 15.35 -11.48
CA ASN A 87 32.43 14.75 -12.71
C ASN A 87 32.11 13.26 -12.84
N ASP A 88 31.92 12.58 -11.70
N ASP A 88 31.93 12.57 -11.71
CA ASP A 88 31.71 11.15 -11.68
CA ASP A 88 31.73 11.14 -11.73
C ASP A 88 30.25 10.75 -11.63
C ASP A 88 30.26 10.75 -11.60
N ILE A 89 29.33 11.68 -11.81
CA ILE A 89 27.92 11.31 -11.73
C ILE A 89 27.59 10.26 -12.77
N ALA A 90 26.82 9.26 -12.36
CA ALA A 90 26.39 8.23 -13.30
C ALA A 90 25.29 8.75 -14.22
N ARG A 91 25.35 8.33 -15.47
CA ARG A 91 24.34 8.82 -16.44
C ARG A 91 22.92 8.58 -15.96
N GLU A 92 22.67 7.44 -15.31
CA GLU A 92 21.30 7.18 -14.88
C GLU A 92 20.80 8.26 -13.93
N ASP A 93 21.69 8.89 -13.16
CA ASP A 93 21.29 9.95 -12.23
C ASP A 93 21.03 11.28 -12.91
N ILE A 94 21.59 11.51 -14.09
CA ILE A 94 21.15 12.64 -14.94
C ILE A 94 19.77 12.35 -15.50
N GLU A 95 19.58 11.15 -16.04
CA GLU A 95 18.33 10.86 -16.73
C GLU A 95 17.14 10.82 -15.78
N VAL A 96 17.36 10.53 -14.50
CA VAL A 96 16.22 10.50 -13.57
C VAL A 96 15.63 11.90 -13.43
N GLN A 97 16.40 12.94 -13.74
CA GLN A 97 15.85 14.29 -13.71
C GLN A 97 14.81 14.58 -14.79
N ARG A 98 14.64 13.68 -15.76
CA ARG A 98 13.63 13.81 -16.78
C ARG A 98 12.23 13.68 -16.22
N PHE A 99 12.09 13.21 -14.99
CA PHE A 99 10.76 13.09 -14.41
C PHE A 99 10.22 14.42 -13.89
N VAL A 100 11.00 15.51 -13.92
CA VAL A 100 10.41 16.81 -13.58
C VAL A 100 10.22 17.63 -14.86
N MET A 101 9.24 18.55 -14.83
N MET A 101 9.26 18.56 -14.78
CA MET A 101 8.81 19.18 -16.07
CA MET A 101 8.77 19.27 -15.96
C MET A 101 9.90 20.04 -16.71
C MET A 101 9.88 20.03 -16.68
N LEU A 102 10.80 20.62 -15.93
CA LEU A 102 11.90 21.40 -16.49
C LEU A 102 12.69 20.60 -17.51
N ASN A 103 12.82 19.29 -17.30
CA ASN A 103 13.65 18.44 -18.17
C ASN A 103 12.82 17.62 -19.15
N MET A 104 11.62 18.06 -19.49
CA MET A 104 10.90 17.38 -20.53
C MET A 104 10.68 18.23 -21.75
N ASP A 105 10.41 17.53 -22.86
CA ASP A 105 10.04 18.13 -24.11
C ASP A 105 8.55 17.91 -24.40
N ALA A 106 8.05 18.68 -25.35
CA ALA A 106 6.72 18.44 -25.92
C ALA A 106 6.69 17.08 -26.58
N PRO A 107 5.57 16.36 -26.55
CA PRO A 107 4.28 16.73 -25.95
C PRO A 107 4.16 16.48 -24.44
N HIS A 108 5.04 15.71 -23.81
CA HIS A 108 4.86 15.46 -22.38
C HIS A 108 4.89 16.77 -21.60
N HIS A 109 5.86 17.62 -21.92
CA HIS A 109 5.95 18.92 -21.26
C HIS A 109 4.65 19.71 -21.42
N THR A 110 4.06 19.65 -22.62
CA THR A 110 2.91 20.51 -22.89
C THR A 110 1.75 20.15 -22.02
N ARG A 111 1.49 18.85 -21.88
CA ARG A 111 0.40 18.41 -21.03
C ARG A 111 0.64 18.82 -19.58
N LEU A 112 1.87 18.62 -19.08
CA LEU A 112 2.15 18.84 -17.67
C LEU A 112 2.06 20.32 -17.34
N ARG A 113 2.58 21.16 -18.22
CA ARG A 113 2.57 22.59 -17.99
C ARG A 113 1.15 23.14 -17.96
N LYS A 114 0.29 22.65 -18.86
CA LYS A 114 -1.11 23.07 -18.88
C LYS A 114 -1.80 22.71 -17.57
N ILE A 115 -1.55 21.51 -17.06
CA ILE A 115 -2.11 21.15 -15.76
C ILE A 115 -1.57 22.06 -14.67
N ILE A 116 -0.25 22.20 -14.61
CA ILE A 116 0.37 22.96 -13.52
C ILE A 116 -0.05 24.43 -13.55
N SER A 117 -0.28 24.97 -14.74
N SER A 117 -0.39 24.94 -14.74
CA SER A 117 -0.65 26.37 -14.84
CA SER A 117 -0.88 26.32 -14.90
C SER A 117 -1.81 26.72 -13.91
C SER A 117 -2.40 26.47 -14.74
N ARG A 118 -2.79 25.82 -13.79
N ARG A 118 -3.14 25.38 -14.58
CA ARG A 118 -3.94 26.05 -12.91
CA ARG A 118 -4.55 25.50 -14.26
C ARG A 118 -3.51 25.76 -11.46
C ARG A 118 -4.76 26.00 -12.83
N GLY A 119 -2.44 26.48 -11.07
N GLY A 119 -3.80 25.78 -11.95
CA GLY A 119 -1.79 26.40 -9.77
CA GLY A 119 -3.96 26.23 -10.57
C GLY A 119 -0.84 27.58 -9.61
C GLY A 119 -2.88 27.16 -10.11
N PHE A 120 -0.53 28.22 -10.72
N PHE A 120 -1.74 27.14 -10.82
CA PHE A 120 0.25 29.44 -10.71
CA PHE A 120 -0.64 28.07 -10.59
C PHE A 120 -0.56 30.56 -11.32
C PHE A 120 -0.89 29.31 -11.45
N THR A 121 -1.89 30.38 -11.34
N THR A 121 -1.75 30.23 -10.94
CA THR A 121 -2.75 31.46 -11.78
CA THR A 121 -2.31 31.35 -11.70
C THR A 121 -2.37 32.71 -11.00
C THR A 121 -2.02 32.70 -11.04
N PRO A 122 -2.40 33.84 -11.64
CA PRO A 122 -2.21 35.09 -10.93
C PRO A 122 -3.08 35.22 -9.72
N ARG A 123 -4.34 34.78 -9.79
CA ARG A 123 -5.19 34.76 -8.62
C ARG A 123 -4.60 33.92 -7.50
N ALA A 124 -4.14 32.71 -7.81
CA ALA A 124 -3.56 31.86 -6.75
C ALA A 124 -2.35 32.52 -6.12
N VAL A 125 -1.48 33.09 -6.93
CA VAL A 125 -0.29 33.73 -6.40
C VAL A 125 -0.67 34.95 -5.59
N GLY A 126 -1.64 35.74 -6.08
CA GLY A 126 -2.00 36.92 -5.34
C GLY A 126 -2.62 36.59 -4.00
N ARG A 127 -3.27 35.44 -3.91
CA ARG A 127 -3.87 35.06 -2.65
C ARG A 127 -2.82 34.89 -1.57
N LEU A 128 -1.53 34.76 -1.94
CA LEU A 128 -0.47 34.61 -0.94
C LEU A 128 0.08 35.93 -0.46
N HIS A 129 -0.32 37.04 -1.10
CA HIS A 129 0.31 38.33 -0.84
C HIS A 129 0.29 38.72 0.64
N ASP A 130 -0.90 38.65 1.27
CA ASP A 130 -1.03 39.21 2.59
C ASP A 130 -0.26 38.38 3.63
N GLU A 131 -0.35 37.04 3.54
CA GLU A 131 0.44 36.22 4.47
C GLU A 131 1.95 36.38 4.26
N LEU A 132 2.42 36.46 3.01
CA LEU A 132 3.84 36.64 2.77
C LEU A 132 4.28 38.03 3.23
N GLN A 133 3.42 39.05 3.10
CA GLN A 133 3.77 40.39 3.58
C GLN A 133 3.94 40.37 5.10
N GLU A 134 2.96 39.80 5.82
N GLU A 134 2.94 39.82 5.82
CA GLU A 134 3.06 39.67 7.28
CA GLU A 134 3.10 39.59 7.27
C GLU A 134 4.33 38.90 7.67
C GLU A 134 4.42 38.89 7.56
N ARG A 135 4.65 37.83 6.93
N ARG A 135 4.68 37.76 6.88
CA ARG A 135 5.83 37.02 7.28
CA ARG A 135 5.85 36.95 7.21
C ARG A 135 7.12 37.79 7.02
C ARG A 135 7.14 37.72 6.96
N ALA A 136 7.17 38.53 5.90
CA ALA A 136 8.34 39.32 5.61
C ALA A 136 8.60 40.33 6.71
N GLN A 137 7.54 40.99 7.21
CA GLN A 137 7.76 41.97 8.24
C GLN A 137 8.27 41.34 9.52
N LYS A 138 7.75 40.16 9.85
CA LYS A 138 8.21 39.48 11.07
C LYS A 138 9.68 39.03 10.93
N ILE A 139 10.05 38.55 9.75
CA ILE A 139 11.42 38.12 9.49
C ILE A 139 12.39 39.27 9.67
N ALA A 140 12.10 40.40 9.04
CA ALA A 140 12.98 41.55 9.18
C ALA A 140 13.02 42.08 10.62
N ALA A 141 11.88 42.07 11.30
CA ALA A 141 11.87 42.52 12.70
C ALA A 141 12.71 41.61 13.58
N GLU A 142 12.59 40.29 13.39
CA GLU A 142 13.39 39.38 14.23
C GLU A 142 14.87 39.56 13.94
N ALA A 143 15.21 39.78 12.68
CA ALA A 143 16.61 40.00 12.37
C ALA A 143 17.10 41.29 12.99
N ALA A 144 16.30 42.38 12.88
CA ALA A 144 16.75 43.65 13.44
C ALA A 144 16.94 43.50 14.94
N ALA A 145 16.08 42.75 15.59
CA ALA A 145 16.21 42.52 17.03
C ALA A 145 17.47 41.73 17.39
N ALA A 146 18.06 40.96 16.46
CA ALA A 146 19.30 40.27 16.75
C ALA A 146 20.51 41.19 16.65
N GLY A 147 20.34 42.32 16.02
CA GLY A 147 21.39 43.34 15.93
C GLY A 147 22.34 43.06 14.80
N SER A 148 22.85 41.84 14.72
CA SER A 148 23.79 41.51 13.66
C SER A 148 23.70 40.00 13.45
N GLY A 149 24.17 39.58 12.29
CA GLY A 149 24.16 38.15 12.01
C GLY A 149 24.31 37.88 10.52
N ASP A 150 23.94 36.67 10.16
CA ASP A 150 24.13 36.21 8.79
C ASP A 150 22.88 36.61 7.98
N PHE A 151 23.03 37.60 7.10
CA PHE A 151 21.90 38.06 6.30
C PHE A 151 21.27 36.93 5.49
N VAL A 152 22.07 35.98 4.99
CA VAL A 152 21.50 34.91 4.17
C VAL A 152 20.50 34.11 4.98
N GLU A 153 20.90 33.74 6.19
CA GLU A 153 20.05 32.88 6.99
C GLU A 153 18.94 33.64 7.70
N GLN A 154 19.17 34.89 8.08
CA GLN A 154 18.17 35.60 8.89
C GLN A 154 17.22 36.45 8.09
N VAL A 155 17.56 36.79 6.85
CA VAL A 155 16.71 37.62 5.99
C VAL A 155 16.33 36.89 4.72
N SER A 156 17.30 36.25 4.05
CA SER A 156 16.99 35.77 2.71
C SER A 156 16.29 34.40 2.67
N CYS A 157 16.53 33.53 3.66
N CYS A 157 16.56 33.46 3.58
CA CYS A 157 16.21 32.11 3.51
CA CYS A 157 16.13 32.11 3.24
C CYS A 157 14.71 31.83 3.65
C CYS A 157 14.68 31.78 3.63
N GLU A 158 14.07 32.45 4.62
CA GLU A 158 12.76 31.94 5.04
C GLU A 158 11.61 32.31 4.09
N LEU A 159 11.58 33.49 3.53
CA LEU A 159 10.35 33.87 2.85
C LEU A 159 10.15 33.01 1.60
N PRO A 160 11.20 32.66 0.83
CA PRO A 160 10.94 31.80 -0.34
C PRO A 160 10.33 30.46 0.07
N LEU A 161 10.82 29.91 1.15
CA LEU A 161 10.30 28.64 1.67
C LEU A 161 8.85 28.79 2.12
N GLN A 162 8.52 29.90 2.80
CA GLN A 162 7.11 30.10 3.20
C GLN A 162 6.19 30.32 1.98
N ALA A 163 6.73 30.82 0.88
CA ALA A 163 5.94 30.97 -0.33
C ALA A 163 5.59 29.61 -0.91
N ILE A 164 6.56 28.69 -0.92
CA ILE A 164 6.31 27.30 -1.37
C ILE A 164 5.30 26.63 -0.48
N ALA A 165 5.48 26.75 0.83
CA ALA A 165 4.54 26.14 1.77
C ALA A 165 3.15 26.70 1.60
N GLY A 166 3.02 28.01 1.50
CA GLY A 166 1.70 28.60 1.33
C GLY A 166 1.05 28.19 0.02
N LEU A 167 1.81 28.18 -1.06
CA LEU A 167 1.24 27.81 -2.33
C LEU A 167 0.68 26.39 -2.27
N LEU A 168 1.41 25.47 -1.64
CA LEU A 168 0.97 24.08 -1.54
C LEU A 168 0.01 23.80 -0.38
N GLY A 169 -0.21 24.77 0.52
CA GLY A 169 -1.00 24.49 1.70
C GLY A 169 -0.39 23.53 2.69
N VAL A 170 0.91 23.63 2.90
CA VAL A 170 1.56 22.71 3.83
C VAL A 170 1.27 23.20 5.24
N PRO A 171 0.66 22.38 6.09
CA PRO A 171 0.39 22.82 7.47
C PRO A 171 1.67 23.23 8.18
N GLN A 172 1.50 24.14 9.16
N GLN A 172 1.51 24.17 9.13
CA GLN A 172 2.64 24.74 9.83
CA GLN A 172 2.69 24.73 9.80
C GLN A 172 3.52 23.68 10.49
C GLN A 172 3.55 23.66 10.45
N GLU A 173 2.91 22.62 11.02
CA GLU A 173 3.67 21.58 11.69
C GLU A 173 4.56 20.78 10.72
N ASP A 174 4.26 20.82 9.44
CA ASP A 174 5.06 20.09 8.45
C ASP A 174 6.09 20.97 7.75
N ARG A 175 6.06 22.29 7.98
CA ARG A 175 6.94 23.17 7.20
C ARG A 175 8.41 22.95 7.53
N GLY A 176 8.75 22.69 8.79
CA GLY A 176 10.14 22.38 9.10
C GLY A 176 10.72 21.26 8.27
N LYS A 177 9.98 20.17 8.12
CA LYS A 177 10.62 19.11 7.33
C LYS A 177 10.57 19.41 5.83
N LEU A 178 9.53 20.11 5.35
CA LEU A 178 9.53 20.56 3.96
C LEU A 178 10.77 21.43 3.69
N PHE A 179 11.05 22.37 4.59
CA PHE A 179 12.19 23.24 4.39
C PHE A 179 13.48 22.43 4.40
N HIS A 180 13.57 21.46 5.30
CA HIS A 180 14.77 20.65 5.35
C HIS A 180 14.98 19.92 4.02
N TRP A 181 13.95 19.25 3.54
CA TRP A 181 14.09 18.55 2.25
C TRP A 181 14.48 19.53 1.16
N SER A 182 13.86 20.71 1.15
N SER A 182 13.86 20.71 1.14
CA SER A 182 14.16 21.69 0.12
CA SER A 182 14.16 21.69 0.10
C SER A 182 15.63 22.09 0.15
C SER A 182 15.63 22.10 0.15
N ASN A 183 16.17 22.29 1.35
CA ASN A 183 17.58 22.67 1.48
C ASN A 183 18.51 21.54 1.11
N GLU A 184 18.12 20.29 1.36
CA GLU A 184 18.97 19.15 1.01
C GLU A 184 19.11 18.98 -0.50
N MET A 185 18.15 19.43 -1.24
CA MET A 185 18.03 19.05 -2.64
C MET A 185 18.87 19.94 -3.52
N THR A 186 19.40 21.00 -2.96
CA THR A 186 20.09 21.95 -3.80
CA THR A 186 20.14 22.00 -3.70
C THR A 186 21.53 21.54 -4.06
N GLY A 187 21.93 20.35 -3.63
CA GLY A 187 23.19 19.75 -4.05
C GLY A 187 24.14 19.47 -2.90
N ASN A 188 25.28 18.85 -3.26
CA ASN A 188 26.37 18.53 -2.34
C ASN A 188 27.75 18.74 -2.97
N GLU A 189 27.85 19.65 -3.94
CA GLU A 189 29.12 19.94 -4.60
C GLU A 189 30.01 20.91 -3.85
N ASP A 190 29.45 21.67 -2.90
CA ASP A 190 30.20 22.59 -2.04
C ASP A 190 30.63 21.82 -0.80
N PRO A 191 31.86 21.98 -0.32
CA PRO A 191 32.31 21.20 0.86
C PRO A 191 31.42 21.35 2.09
N GLU A 192 30.79 22.52 2.25
CA GLU A 192 29.91 22.68 3.39
C GLU A 192 28.71 21.77 3.32
N TYR A 193 28.29 21.37 2.10
CA TYR A 193 27.13 20.54 1.88
C TYR A 193 27.51 19.12 1.46
N ALA A 194 28.76 18.74 1.65
CA ALA A 194 29.23 17.48 1.09
C ALA A 194 28.45 16.30 1.63
N HIS A 195 27.91 16.41 2.83
CA HIS A 195 27.19 15.26 3.39
C HIS A 195 25.73 15.18 3.01
N ILE A 196 25.19 16.17 2.33
CA ILE A 196 23.79 16.10 1.95
C ILE A 196 23.60 15.03 0.89
N ASP A 197 22.39 14.45 0.86
CA ASP A 197 22.00 13.33 0.00
C ASP A 197 20.72 13.78 -0.71
N PRO A 198 20.85 14.46 -1.86
CA PRO A 198 19.64 14.99 -2.52
C PRO A 198 18.76 13.87 -3.04
N LYS A 199 19.34 12.72 -3.40
CA LYS A 199 18.53 11.61 -3.88
C LYS A 199 17.56 11.15 -2.80
N ALA A 200 18.09 10.94 -1.58
CA ALA A 200 17.26 10.51 -0.46
C ALA A 200 16.21 11.53 -0.09
N SER A 201 16.61 12.80 -0.04
CA SER A 201 15.63 13.85 0.21
C SER A 201 14.56 13.89 -0.87
N SER A 202 14.93 13.75 -2.14
CA SER A 202 13.90 13.71 -3.17
C SER A 202 12.93 12.57 -2.91
N ALA A 203 13.46 11.40 -2.55
CA ALA A 203 12.58 10.24 -2.30
C ALA A 203 11.66 10.52 -1.13
N GLU A 204 12.19 11.15 -0.08
CA GLU A 204 11.34 11.45 1.06
C GLU A 204 10.29 12.47 0.69
N LEU A 205 10.63 13.44 -0.15
CA LEU A 205 9.66 14.45 -0.53
C LEU A 205 8.55 13.85 -1.38
N ILE A 206 8.90 12.95 -2.32
CA ILE A 206 7.88 12.32 -3.12
C ILE A 206 6.91 11.54 -2.22
N GLY A 207 7.45 10.78 -1.26
CA GLY A 207 6.56 10.05 -0.36
C GLY A 207 5.64 10.98 0.40
N TYR A 208 6.20 12.07 0.95
CA TYR A 208 5.37 13.06 1.61
C TYR A 208 4.32 13.61 0.66
N ALA A 209 4.72 13.91 -0.58
CA ALA A 209 3.79 14.59 -1.50
C ALA A 209 2.67 13.66 -1.95
N MET A 210 2.99 12.38 -2.16
CA MET A 210 1.96 11.42 -2.54
C MET A 210 0.94 11.26 -1.44
N LYS A 211 1.40 11.20 -0.18
CA LYS A 211 0.44 11.17 0.92
C LYS A 211 -0.42 12.41 0.93
N MET A 212 0.20 13.57 0.72
CA MET A 212 -0.60 14.80 0.65
C MET A 212 -1.63 14.74 -0.47
N ALA A 213 -1.24 14.25 -1.64
CA ALA A 213 -2.19 14.16 -2.74
C ALA A 213 -3.39 13.29 -2.36
N GLU A 214 -3.13 12.17 -1.71
CA GLU A 214 -4.21 11.30 -1.30
C GLU A 214 -5.11 11.99 -0.28
N GLU A 215 -4.51 12.71 0.68
N GLU A 215 -4.52 12.70 0.69
CA GLU A 215 -5.30 13.37 1.72
CA GLU A 215 -5.35 13.36 1.70
C GLU A 215 -6.13 14.52 1.14
C GLU A 215 -6.17 14.48 1.08
N LYS A 216 -5.55 15.30 0.22
CA LYS A 216 -6.25 16.47 -0.29
C LYS A 216 -7.29 16.11 -1.33
N ALA A 217 -7.18 14.92 -1.93
CA ALA A 217 -8.26 14.48 -2.82
C ALA A 217 -9.54 14.26 -2.02
N LYS A 218 -9.40 13.71 -0.83
CA LYS A 218 -10.54 13.52 0.06
C LYS A 218 -11.10 14.86 0.52
N ASN A 219 -10.25 15.82 0.86
CA ASN A 219 -10.66 17.05 1.53
C ASN A 219 -10.12 18.26 0.78
N PRO A 220 -10.81 18.68 -0.28
CA PRO A 220 -10.35 19.86 -1.02
C PRO A 220 -10.21 21.10 -0.14
N ALA A 221 -9.32 22.00 -0.56
CA ALA A 221 -8.95 23.16 0.23
C ALA A 221 -8.58 24.32 -0.70
N ASP A 222 -8.27 25.47 -0.09
CA ASP A 222 -7.96 26.70 -0.79
C ASP A 222 -6.50 26.76 -1.25
N ASP A 223 -5.98 25.65 -1.74
CA ASP A 223 -4.65 25.60 -2.31
C ASP A 223 -4.71 25.23 -3.79
N ILE A 224 -3.55 25.30 -4.43
CA ILE A 224 -3.45 24.90 -5.81
C ILE A 224 -3.55 23.39 -5.97
N VAL A 225 -3.37 22.64 -4.88
CA VAL A 225 -3.26 21.18 -5.00
C VAL A 225 -4.55 20.60 -5.56
N THR A 226 -5.70 21.04 -5.06
CA THR A 226 -6.97 20.48 -5.54
C THR A 226 -7.11 20.70 -7.03
N GLN A 227 -6.76 21.88 -7.53
N GLN A 227 -6.76 21.88 -7.53
CA GLN A 227 -6.84 22.11 -8.96
CA GLN A 227 -6.85 22.11 -8.95
C GLN A 227 -5.94 21.15 -9.72
C GLN A 227 -5.93 21.16 -9.72
N LEU A 228 -4.82 20.73 -9.11
CA LEU A 228 -3.84 19.90 -9.82
C LEU A 228 -4.26 18.42 -9.91
N ILE A 229 -4.89 17.91 -8.87
CA ILE A 229 -5.22 16.49 -8.85
C ILE A 229 -6.67 16.21 -9.19
N GLN A 230 -7.48 17.24 -9.44
CA GLN A 230 -8.86 17.10 -9.88
C GLN A 230 -8.89 17.02 -11.41
N ALA A 231 -9.51 15.97 -11.93
CA ALA A 231 -9.59 15.79 -13.38
C ALA A 231 -10.38 16.94 -13.99
N ASP A 232 -10.00 17.34 -15.20
CA ASP A 232 -10.78 18.29 -15.96
C ASP A 232 -11.79 17.52 -16.81
N ILE A 233 -12.32 18.18 -17.86
CA ILE A 233 -13.28 17.53 -18.76
C ILE A 233 -12.65 16.30 -19.40
N ASP A 234 -11.44 16.46 -19.95
CA ASP A 234 -10.71 15.39 -20.62
C ASP A 234 -10.05 14.42 -19.66
N GLY A 235 -10.38 14.51 -18.36
CA GLY A 235 -9.76 13.66 -17.37
C GLY A 235 -8.30 13.95 -17.10
N GLU A 236 -7.83 15.15 -17.47
CA GLU A 236 -6.43 15.51 -17.28
C GLU A 236 -6.20 15.95 -15.84
N LYS A 237 -5.13 15.45 -15.24
CA LYS A 237 -4.81 15.78 -13.86
C LYS A 237 -3.45 15.17 -13.58
N LEU A 238 -2.76 15.69 -12.57
CA LEU A 238 -1.55 15.03 -12.10
C LEU A 238 -1.93 13.74 -11.37
N SER A 239 -1.27 12.65 -11.72
CA SER A 239 -1.29 11.45 -10.92
C SER A 239 -0.61 11.77 -9.60
N ASP A 240 -0.79 10.88 -8.63
CA ASP A 240 -0.16 11.13 -7.34
C ASP A 240 1.36 11.23 -7.47
N ASP A 241 1.97 10.36 -8.28
CA ASP A 241 3.43 10.47 -8.41
C ASP A 241 3.82 11.70 -9.24
N GLU A 242 3.01 12.08 -10.23
CA GLU A 242 3.31 13.33 -10.93
C GLU A 242 3.26 14.53 -9.98
N PHE A 243 2.28 14.54 -9.07
CA PHE A 243 2.26 15.57 -8.03
C PHE A 243 3.50 15.51 -7.19
N GLY A 244 3.95 14.30 -6.86
CA GLY A 244 5.21 14.16 -6.18
C GLY A 244 6.36 14.81 -6.90
N PHE A 245 6.48 14.56 -8.21
CA PHE A 245 7.58 15.18 -8.96
C PHE A 245 7.39 16.69 -9.13
N PHE A 246 6.16 17.15 -9.20
CA PHE A 246 5.92 18.59 -9.14
C PHE A 246 6.37 19.18 -7.81
N VAL A 247 6.09 18.51 -6.69
CA VAL A 247 6.55 19.07 -5.43
C VAL A 247 8.07 19.10 -5.37
N VAL A 248 8.72 18.04 -5.83
CA VAL A 248 10.17 18.08 -5.91
C VAL A 248 10.61 19.28 -6.73
N MET A 249 9.99 19.46 -7.89
N MET A 249 9.99 19.49 -7.87
CA MET A 249 10.32 20.61 -8.74
CA MET A 249 10.40 20.62 -8.69
C MET A 249 10.17 21.92 -7.96
C MET A 249 10.19 21.94 -7.95
N LEU A 250 9.05 22.10 -7.27
CA LEU A 250 8.82 23.34 -6.53
C LEU A 250 9.77 23.51 -5.36
N ALA A 251 10.00 22.44 -4.60
CA ALA A 251 10.88 22.54 -3.45
C ALA A 251 12.27 23.01 -3.85
N VAL A 252 12.76 22.57 -5.00
CA VAL A 252 14.09 22.99 -5.38
C VAL A 252 14.05 24.33 -6.06
N ALA A 253 13.08 24.53 -6.98
CA ALA A 253 13.12 25.72 -7.82
C ALA A 253 12.73 26.95 -7.02
N GLY A 254 11.91 26.80 -6.02
CA GLY A 254 11.38 27.94 -5.28
C GLY A 254 12.26 28.46 -4.16
N ASN A 255 13.40 27.82 -3.93
CA ASN A 255 14.13 28.03 -2.68
C ASN A 255 15.38 28.85 -3.00
N GLU A 256 16.47 28.18 -3.41
CA GLU A 256 17.75 28.88 -3.44
C GLU A 256 17.78 30.04 -4.44
N THR A 257 17.06 29.93 -5.55
CA THR A 257 17.17 31.05 -6.50
C THR A 257 16.61 32.36 -5.94
N THR A 258 15.45 32.32 -5.32
CA THR A 258 14.94 33.56 -4.76
C THR A 258 15.78 34.02 -3.57
N ARG A 259 16.22 33.07 -2.74
CA ARG A 259 17.14 33.43 -1.66
C ARG A 259 18.34 34.19 -2.19
N ASN A 260 19.00 33.64 -3.21
CA ASN A 260 20.19 34.29 -3.71
C ASN A 260 19.88 35.62 -4.42
N SER A 261 18.69 35.76 -5.02
N SER A 261 18.68 35.79 -4.98
CA SER A 261 18.28 37.09 -5.48
CA SER A 261 18.35 37.11 -5.51
C SER A 261 18.33 38.10 -4.34
C SER A 261 18.20 38.15 -4.39
N ILE A 262 17.75 37.73 -3.20
CA ILE A 262 17.63 38.65 -2.05
C ILE A 262 19.00 39.01 -1.54
N THR A 263 19.86 38.01 -1.33
CA THR A 263 21.19 38.30 -0.81
C THR A 263 21.96 39.20 -1.75
N GLN A 264 21.95 38.88 -3.06
CA GLN A 264 22.73 39.67 -4.00
C GLN A 264 22.11 41.04 -4.25
N GLY A 265 20.80 41.12 -4.14
CA GLY A 265 20.13 42.43 -4.20
C GLY A 265 20.62 43.33 -3.09
N MET A 266 20.67 42.81 -1.86
CA MET A 266 21.19 43.60 -0.75
C MET A 266 22.68 43.88 -0.92
N MET A 267 23.46 42.91 -1.43
CA MET A 267 24.83 43.23 -1.74
C MET A 267 24.91 44.40 -2.73
N ALA A 268 24.04 44.40 -3.73
CA ALA A 268 24.06 45.49 -4.72
C ALA A 268 23.74 46.82 -4.02
N PHE A 269 22.72 46.82 -3.18
CA PHE A 269 22.37 48.05 -2.47
C PHE A 269 23.50 48.53 -1.57
N ALA A 270 24.23 47.60 -0.94
CA ALA A 270 25.38 47.99 -0.14
C ALA A 270 26.49 48.63 -0.98
N GLU A 271 26.64 48.24 -2.24
CA GLU A 271 27.64 48.84 -3.12
C GLU A 271 27.17 50.10 -3.82
N HIS A 272 25.86 50.35 -3.86
CA HIS A 272 25.26 51.47 -4.59
C HIS A 272 24.33 52.20 -3.66
N PRO A 273 24.88 52.91 -2.68
CA PRO A 273 24.03 53.51 -1.63
C PRO A 273 22.99 54.48 -2.15
N ASP A 274 23.24 55.13 -3.28
CA ASP A 274 22.25 56.04 -3.84
C ASP A 274 21.02 55.28 -4.30
N GLN A 275 21.21 54.10 -4.89
CA GLN A 275 20.07 53.26 -5.24
C GLN A 275 19.35 52.79 -3.98
N TRP A 276 20.09 52.56 -2.89
CA TRP A 276 19.41 52.16 -1.64
C TRP A 276 18.60 53.32 -1.06
N GLU A 277 19.16 54.53 -1.07
CA GLU A 277 18.37 55.68 -0.63
C GLU A 277 17.12 55.86 -1.47
N LEU A 278 17.26 55.76 -2.79
CA LEU A 278 16.10 55.87 -3.65
C LEU A 278 15.09 54.78 -3.34
N TYR A 279 15.57 53.54 -3.18
CA TYR A 279 14.64 52.44 -2.90
C TYR A 279 13.84 52.76 -1.65
N LYS A 280 14.52 53.11 -0.57
CA LYS A 280 13.81 53.34 0.70
C LYS A 280 12.76 54.42 0.56
N LYS A 281 12.99 55.41 -0.30
CA LYS A 281 12.02 56.49 -0.41
C LYS A 281 10.84 56.14 -1.30
N VAL A 282 11.07 55.51 -2.44
CA VAL A 282 10.04 55.26 -3.46
C VAL A 282 9.52 53.83 -3.42
N ARG A 283 10.35 52.88 -2.94
CA ARG A 283 10.01 51.47 -2.90
C ARG A 283 9.55 50.95 -4.28
N PRO A 284 10.33 51.18 -5.33
CA PRO A 284 9.82 50.85 -6.69
C PRO A 284 9.89 49.35 -6.93
N GLU A 285 8.80 48.78 -7.43
CA GLU A 285 8.81 47.34 -7.69
C GLU A 285 9.59 46.95 -8.92
N THR A 286 9.98 47.91 -9.76
CA THR A 286 10.97 47.62 -10.78
C THR A 286 12.28 47.14 -10.17
N ALA A 287 12.52 47.44 -8.88
CA ALA A 287 13.71 46.94 -8.19
C ALA A 287 13.84 45.41 -8.30
N ALA A 288 12.74 44.69 -8.21
CA ALA A 288 12.82 43.23 -8.23
C ALA A 288 13.45 42.73 -9.50
N ASP A 289 13.09 43.28 -10.65
CA ASP A 289 13.67 42.78 -11.87
C ASP A 289 15.11 43.19 -12.00
N GLU A 290 15.48 44.41 -11.56
CA GLU A 290 16.89 44.76 -11.63
C GLU A 290 17.71 43.92 -10.66
N ILE A 291 17.08 43.49 -9.56
CA ILE A 291 17.75 42.59 -8.61
C ILE A 291 17.92 41.19 -9.25
N VAL A 292 16.91 40.69 -9.94
CA VAL A 292 17.09 39.39 -10.59
C VAL A 292 18.12 39.46 -11.73
N ARG A 293 18.11 40.56 -12.51
CA ARG A 293 19.13 40.75 -13.55
C ARG A 293 20.52 40.79 -12.92
N TRP A 294 20.68 41.59 -11.86
CA TRP A 294 21.99 41.73 -11.22
C TRP A 294 22.43 40.41 -10.57
N ALA A 295 21.50 39.71 -9.92
CA ALA A 295 21.80 38.46 -9.21
C ALA A 295 21.95 37.25 -10.10
N THR A 296 21.30 37.22 -11.29
CA THR A 296 21.21 36.05 -12.16
C THR A 296 21.46 34.77 -11.38
N PRO A 297 20.46 34.38 -10.60
CA PRO A 297 20.67 33.25 -9.68
C PRO A 297 20.98 31.96 -10.40
N VAL A 298 20.37 31.74 -11.57
CA VAL A 298 20.76 30.61 -12.43
C VAL A 298 21.76 31.17 -13.43
N THR A 299 23.04 30.85 -13.27
CA THR A 299 24.07 31.33 -14.18
C THR A 299 23.83 30.80 -15.58
N ALA A 300 23.39 29.56 -15.68
CA ALA A 300 23.29 28.92 -16.98
C ALA A 300 22.42 27.69 -16.91
N PHE A 301 21.69 27.48 -17.98
CA PHE A 301 21.00 26.23 -18.30
C PHE A 301 21.35 25.86 -19.73
N GLN A 302 21.33 24.56 -20.03
CA GLN A 302 21.70 24.07 -21.35
C GLN A 302 20.51 23.49 -22.12
N ARG A 303 20.77 23.23 -23.40
CA ARG A 303 19.91 22.48 -24.30
C ARG A 303 20.80 21.59 -25.14
N THR A 304 20.17 20.64 -25.83
CA THR A 304 20.86 19.76 -26.79
C THR A 304 20.17 19.85 -28.15
N ALA A 305 20.98 20.08 -29.17
CA ALA A 305 20.44 20.21 -30.51
C ALA A 305 19.92 18.87 -31.01
N LEU A 306 18.65 18.85 -31.43
CA LEU A 306 18.02 17.68 -32.03
C LEU A 306 18.34 17.55 -33.52
N ARG A 307 18.84 18.60 -34.14
CA ARG A 307 19.20 18.58 -35.53
C ARG A 307 20.21 19.68 -35.73
N ASP A 308 20.92 19.61 -36.85
CA ASP A 308 21.79 20.73 -37.22
C ASP A 308 20.96 22.02 -37.26
N TYR A 309 21.56 23.11 -36.78
CA TYR A 309 20.88 24.39 -36.70
C TYR A 309 21.95 25.47 -36.77
N GLU A 310 21.76 26.44 -37.66
CA GLU A 310 22.65 27.60 -37.75
C GLU A 310 22.13 28.73 -36.86
N LEU A 311 22.95 29.14 -35.88
CA LEU A 311 22.63 30.18 -34.91
C LEU A 311 23.64 31.30 -35.03
N SER A 312 23.19 32.49 -35.43
CA SER A 312 24.05 33.66 -35.58
C SER A 312 25.37 33.33 -36.28
N GLY A 313 25.25 32.65 -37.43
CA GLY A 313 26.38 32.34 -38.24
C GLY A 313 27.22 31.16 -37.83
N VAL A 314 26.93 30.50 -36.69
CA VAL A 314 27.65 29.33 -36.22
C VAL A 314 26.83 28.08 -36.48
N GLN A 315 27.49 27.06 -36.99
CA GLN A 315 26.80 25.81 -37.30
C GLN A 315 26.76 24.96 -36.04
N ILE A 316 25.57 24.84 -35.42
CA ILE A 316 25.37 23.86 -34.33
C ILE A 316 25.02 22.52 -34.95
N LYS A 317 25.66 21.48 -34.48
CA LYS A 317 25.41 20.15 -35.01
C LYS A 317 24.53 19.33 -34.09
N LYS A 318 23.73 18.48 -34.72
CA LYS A 318 22.89 17.54 -34.01
C LYS A 318 23.68 16.85 -32.91
N GLY A 319 23.10 16.84 -31.69
CA GLY A 319 23.67 16.21 -30.53
C GLY A 319 24.56 17.10 -29.69
N GLN A 320 24.95 18.26 -30.19
CA GLN A 320 25.80 19.15 -29.41
C GLN A 320 24.96 19.88 -28.37
N ARG A 321 25.58 20.18 -27.23
CA ARG A 321 25.03 21.01 -26.20
C ARG A 321 25.34 22.47 -26.44
N VAL A 322 24.34 23.29 -26.17
CA VAL A 322 24.51 24.73 -26.07
C VAL A 322 24.19 25.13 -24.63
N VAL A 323 25.05 25.95 -24.03
CA VAL A 323 24.85 26.41 -22.66
C VAL A 323 24.54 27.90 -22.70
N MET A 324 23.38 28.25 -22.17
CA MET A 324 22.81 29.63 -22.22
C MET A 324 23.31 30.32 -20.94
N PHE A 325 24.34 31.15 -21.08
CA PHE A 325 24.87 31.89 -19.94
C PHE A 325 24.06 33.14 -19.70
N TYR A 326 23.00 32.96 -18.87
CA TYR A 326 22.17 34.09 -18.48
C TYR A 326 22.99 35.18 -17.83
N ARG A 327 24.07 34.82 -17.13
CA ARG A 327 24.94 35.81 -16.49
C ARG A 327 25.62 36.70 -17.51
N SER A 328 25.90 36.18 -18.68
CA SER A 328 26.45 37.03 -19.74
C SER A 328 25.35 37.80 -20.47
N ALA A 329 24.27 37.11 -20.83
CA ALA A 329 23.19 37.76 -21.57
C ALA A 329 22.57 38.91 -20.81
N ASN A 330 22.54 38.82 -19.48
CA ASN A 330 21.92 39.83 -18.65
C ASN A 330 22.80 41.08 -18.54
N PHE A 331 23.98 41.04 -19.14
CA PHE A 331 24.86 42.19 -19.18
C PHE A 331 25.26 42.53 -20.60
N ASP A 332 24.40 42.21 -21.56
CA ASP A 332 24.68 42.33 -22.98
C ASP A 332 24.48 43.80 -23.36
N GLU A 333 25.57 44.43 -23.76
CA GLU A 333 25.64 45.85 -24.11
C GLU A 333 24.73 46.18 -25.29
N GLU A 334 24.38 45.21 -26.12
N GLU A 334 24.37 45.20 -26.13
CA GLU A 334 23.50 45.54 -27.24
CA GLU A 334 23.50 45.49 -27.27
C GLU A 334 22.04 45.64 -26.82
C GLU A 334 22.01 45.49 -26.89
N VAL A 335 21.67 45.09 -25.67
CA VAL A 335 20.30 45.08 -25.21
C VAL A 335 20.07 46.08 -24.08
N PHE A 336 21.01 46.20 -23.16
CA PHE A 336 20.86 47.03 -21.99
C PHE A 336 21.68 48.29 -22.14
N GLN A 337 21.10 49.41 -21.72
CA GLN A 337 21.83 50.66 -21.63
C GLN A 337 22.62 50.64 -20.33
N ASP A 338 23.95 50.62 -20.43
CA ASP A 338 24.79 50.65 -19.25
C ASP A 338 24.50 49.42 -18.39
N PRO A 339 24.75 48.22 -18.89
CA PRO A 339 24.42 47.02 -18.11
C PRO A 339 25.11 46.94 -16.80
N PHE A 340 26.29 47.55 -16.67
CA PHE A 340 27.03 47.45 -15.42
C PHE A 340 26.68 48.57 -14.41
N THR A 341 25.63 49.29 -14.69
CA THR A 341 24.97 50.20 -13.73
C THR A 341 23.77 49.49 -13.09
N PHE A 342 23.78 49.45 -11.77
CA PHE A 342 22.63 48.94 -11.01
C PHE A 342 21.58 50.04 -10.93
N ASN A 343 20.48 49.86 -11.64
CA ASN A 343 19.45 50.91 -11.75
C ASN A 343 18.07 50.32 -11.42
N ILE A 344 17.57 50.60 -10.24
CA ILE A 344 16.35 49.95 -9.80
C ILE A 344 15.10 50.45 -10.49
N LEU A 345 15.24 51.48 -11.34
CA LEU A 345 14.12 51.96 -12.16
C LEU A 345 14.18 51.51 -13.60
N ARG A 346 15.18 50.71 -13.96
CA ARG A 346 15.31 50.22 -15.32
C ARG A 346 14.00 49.66 -15.83
N ASN A 347 13.59 50.14 -17.00
CA ASN A 347 12.26 49.88 -17.52
C ASN A 347 12.12 50.30 -18.97
N PRO A 348 11.86 49.39 -19.88
CA PRO A 348 11.66 47.95 -19.67
C PRO A 348 12.95 47.25 -19.28
N ASN A 349 12.84 46.08 -18.68
CA ASN A 349 14.01 45.35 -18.20
C ASN A 349 13.93 43.93 -18.74
N PRO A 350 14.33 43.72 -20.01
CA PRO A 350 14.11 42.43 -20.67
C PRO A 350 15.16 41.39 -20.30
N HIS A 351 15.41 41.24 -19.01
CA HIS A 351 16.43 40.29 -18.62
C HIS A 351 15.93 38.85 -18.79
N VAL A 352 16.91 37.93 -18.87
CA VAL A 352 16.61 36.51 -19.01
C VAL A 352 16.91 35.76 -17.71
N GLY A 353 16.87 36.46 -16.60
CA GLY A 353 17.06 35.80 -15.30
C GLY A 353 16.08 34.66 -15.06
N PHE A 354 14.87 34.77 -15.61
CA PHE A 354 13.83 33.76 -15.56
C PHE A 354 13.81 32.93 -16.84
N GLY A 355 14.89 32.97 -17.60
CA GLY A 355 14.98 32.29 -18.86
C GLY A 355 14.51 33.12 -20.01
N GLY A 356 14.77 32.62 -21.20
CA GLY A 356 14.16 33.21 -22.41
C GLY A 356 12.69 32.86 -22.55
N THR A 357 11.93 33.78 -23.11
N THR A 357 11.92 33.79 -23.09
CA THR A 357 10.55 33.49 -23.46
CA THR A 357 10.55 33.50 -23.50
C THR A 357 10.49 32.23 -24.29
C THR A 357 10.52 32.19 -24.27
N GLY A 358 9.58 31.34 -23.94
CA GLY A 358 9.47 30.06 -24.59
C GLY A 358 8.70 29.13 -23.69
N ALA A 359 8.71 27.85 -24.08
CA ALA A 359 7.86 26.86 -23.44
C ALA A 359 8.21 26.67 -21.98
N HIS A 360 9.49 26.82 -21.60
CA HIS A 360 9.97 26.55 -20.25
C HIS A 360 10.16 27.82 -19.38
N TYR A 361 9.67 28.96 -19.85
CA TYR A 361 9.76 30.18 -19.06
C TYR A 361 9.27 30.01 -17.62
N CYS A 362 10.05 30.55 -16.68
CA CYS A 362 9.79 30.35 -15.25
C CYS A 362 8.32 30.58 -14.86
N ILE A 363 7.64 29.54 -14.42
N ILE A 363 7.64 29.52 -14.43
CA ILE A 363 6.26 29.68 -14.00
CA ILE A 363 6.26 29.68 -14.01
C ILE A 363 6.15 30.39 -12.67
C ILE A 363 6.16 30.46 -12.70
N GLY A 364 7.26 30.51 -11.94
CA GLY A 364 7.33 31.16 -10.65
C GLY A 364 7.80 32.61 -10.70
N ALA A 365 7.97 33.18 -11.89
CA ALA A 365 8.56 34.52 -11.98
C ALA A 365 7.81 35.55 -11.13
N ASN A 366 6.49 35.62 -11.25
CA ASN A 366 5.78 36.67 -10.52
C ASN A 366 5.72 36.38 -9.02
N LEU A 367 5.64 35.11 -8.63
CA LEU A 367 5.79 34.77 -7.22
C LEU A 367 7.15 35.20 -6.67
N ALA A 368 8.22 34.96 -7.44
CA ALA A 368 9.53 35.39 -7.01
C ALA A 368 9.59 36.89 -6.87
N ARG A 369 9.09 37.62 -7.89
CA ARG A 369 9.16 39.07 -7.82
C ARG A 369 8.40 39.60 -6.60
N MET A 370 7.26 39.01 -6.30
CA MET A 370 6.45 39.45 -5.15
C MET A 370 7.24 39.19 -3.88
N THR A 371 7.93 38.04 -3.81
CA THR A 371 8.69 37.71 -2.63
C THR A 371 9.77 38.72 -2.41
N ILE A 372 10.44 39.10 -3.50
CA ILE A 372 11.54 40.03 -3.44
C ILE A 372 11.03 41.39 -2.99
N ASN A 373 9.97 41.88 -3.63
CA ASN A 373 9.46 43.22 -3.25
C ASN A 373 9.03 43.22 -1.78
N LEU A 374 8.37 42.16 -1.35
CA LEU A 374 7.91 42.17 0.04
C LEU A 374 9.07 42.12 1.02
N ILE A 375 10.14 41.35 0.74
CA ILE A 375 11.21 41.29 1.74
C ILE A 375 12.01 42.59 1.74
N PHE A 376 12.21 43.22 0.57
CA PHE A 376 12.98 44.47 0.59
C PHE A 376 12.19 45.64 1.22
N ASN A 377 10.88 45.65 1.05
CA ASN A 377 10.09 46.62 1.84
C ASN A 377 10.29 46.38 3.35
N ALA A 378 10.28 45.10 3.78
CA ALA A 378 10.44 44.86 5.23
C ALA A 378 11.84 45.23 5.70
N VAL A 379 12.86 44.95 4.87
CA VAL A 379 14.19 45.35 5.22
C VAL A 379 14.26 46.86 5.36
N ALA A 380 13.72 47.57 4.37
CA ALA A 380 13.74 49.03 4.45
C ALA A 380 12.97 49.55 5.67
N ASP A 381 11.90 48.86 6.05
CA ASP A 381 11.11 49.28 7.19
C ASP A 381 11.87 49.03 8.48
N HIS A 382 12.60 47.91 8.59
CA HIS A 382 13.05 47.50 9.91
C HIS A 382 14.55 47.62 10.11
N MET A 383 15.34 47.68 9.05
N MET A 383 15.33 47.66 9.04
CA MET A 383 16.80 47.81 9.18
CA MET A 383 16.80 47.75 9.13
C MET A 383 17.33 48.69 8.06
C MET A 383 17.31 48.67 8.02
N PRO A 384 16.80 49.91 7.96
CA PRO A 384 17.20 50.78 6.83
C PRO A 384 18.70 51.10 6.81
N ASP A 385 19.41 50.97 7.94
CA ASP A 385 20.81 51.38 7.99
C ASP A 385 21.76 50.20 8.06
N LEU A 386 21.32 49.03 7.63
N LEU A 386 21.32 49.03 7.66
CA LEU A 386 22.19 47.86 7.70
CA LEU A 386 22.19 47.86 7.73
C LEU A 386 23.44 48.08 6.87
C LEU A 386 23.43 48.09 6.88
N LYS A 387 24.54 47.49 7.32
CA LYS A 387 25.80 47.60 6.59
C LYS A 387 26.56 46.30 6.75
N PRO A 388 27.28 45.88 5.73
CA PRO A 388 27.96 44.58 5.82
C PRO A 388 29.12 44.64 6.81
N ILE A 389 29.37 43.50 7.44
N ILE A 389 29.44 43.47 7.37
CA ILE A 389 30.53 43.32 8.30
CA ILE A 389 30.53 43.33 8.32
C ILE A 389 31.73 42.81 7.52
C ILE A 389 31.72 42.55 7.76
N SER A 390 31.52 41.75 6.73
CA SER A 390 32.62 41.07 6.04
C SER A 390 32.13 40.55 4.68
N ALA A 391 33.05 39.96 3.92
CA ALA A 391 32.73 39.61 2.54
C ALA A 391 31.78 38.43 2.47
N PRO A 392 30.91 38.38 1.47
CA PRO A 392 30.09 37.18 1.26
C PRO A 392 30.95 35.93 0.99
N GLU A 393 30.43 34.78 1.39
N GLU A 393 30.43 34.77 1.37
CA GLU A 393 31.00 33.48 1.02
CA GLU A 393 31.06 33.49 0.99
C GLU A 393 30.15 32.94 -0.14
C GLU A 393 30.21 32.82 -0.08
N ARG A 394 30.79 32.63 -1.26
CA ARG A 394 30.09 32.10 -2.43
C ARG A 394 29.98 30.58 -2.39
N LEU A 395 29.01 30.09 -3.14
CA LEU A 395 28.74 28.68 -3.25
C LEU A 395 29.54 28.04 -4.39
N ARG A 396 30.15 26.88 -4.11
N ARG A 396 30.16 26.88 -4.11
CA ARG A 396 30.81 26.11 -5.17
CA ARG A 396 30.80 26.09 -5.16
C ARG A 396 29.77 25.38 -6.00
C ARG A 396 29.73 25.40 -6.00
N SER A 397 29.51 25.88 -7.21
CA SER A 397 28.56 25.29 -8.13
C SER A 397 28.97 25.71 -9.54
N GLY A 398 28.71 24.85 -10.50
CA GLY A 398 28.98 25.17 -11.89
C GLY A 398 27.88 25.89 -12.63
N TRP A 399 26.69 26.07 -12.02
CA TRP A 399 25.58 26.67 -12.76
C TRP A 399 24.68 27.55 -11.89
N LEU A 400 24.72 27.36 -10.57
CA LEU A 400 23.97 28.20 -9.64
C LEU A 400 24.90 29.25 -9.06
N ASN A 401 24.43 30.46 -8.97
CA ASN A 401 25.20 31.59 -8.42
C ASN A 401 24.70 31.82 -7.00
N GLY A 402 25.40 31.27 -6.03
CA GLY A 402 24.91 31.24 -4.66
C GLY A 402 25.78 31.98 -3.69
N ILE A 403 25.14 32.52 -2.65
CA ILE A 403 25.81 33.07 -1.49
C ILE A 403 25.43 32.22 -0.26
N LYS A 404 26.41 31.60 0.36
CA LYS A 404 26.15 30.76 1.51
C LYS A 404 25.96 31.59 2.78
N HIS A 405 26.78 32.61 2.98
CA HIS A 405 26.86 33.36 4.22
C HIS A 405 27.25 34.80 3.94
N TRP A 406 26.70 35.74 4.71
CA TRP A 406 27.11 37.13 4.58
C TRP A 406 26.80 37.85 5.89
N GLN A 407 27.82 38.21 6.65
CA GLN A 407 27.64 38.83 7.95
C GLN A 407 27.35 40.30 7.80
N VAL A 408 26.27 40.75 8.45
N VAL A 408 26.30 40.74 8.50
CA VAL A 408 25.90 42.15 8.37
CA VAL A 408 25.79 42.10 8.37
C VAL A 408 25.46 42.66 9.74
C VAL A 408 25.44 42.65 9.75
N ASP A 409 25.60 43.96 9.91
CA ASP A 409 25.16 44.65 11.11
C ASP A 409 23.85 45.34 10.75
N TYR A 410 22.77 44.84 11.30
CA TYR A 410 21.45 45.29 10.87
C TYR A 410 21.14 46.69 11.40
N THR A 411 21.65 47.02 12.58
CA THR A 411 21.43 48.34 13.16
C THR A 411 22.32 49.39 12.53
N GLY A 412 23.47 48.99 12.01
CA GLY A 412 24.34 49.91 11.29
C GLY A 412 24.85 51.04 12.16
N SER B 4 -2.74 -8.10 30.58
CA SER B 4 -3.23 -9.21 29.74
C SER B 4 -3.87 -8.70 28.45
N PRO B 5 -3.32 -9.11 27.32
CA PRO B 5 -3.77 -8.58 26.04
C PRO B 5 -5.17 -9.07 25.69
N ASN B 6 -5.83 -8.34 24.79
CA ASN B 6 -7.22 -8.58 24.46
C ASN B 6 -7.36 -9.59 23.31
N LEU B 7 -7.16 -10.86 23.64
CA LEU B 7 -7.14 -11.97 22.72
C LEU B 7 -8.13 -13.03 23.16
N PRO B 8 -8.67 -13.81 22.22
CA PRO B 8 -9.54 -14.96 22.59
C PRO B 8 -8.81 -15.93 23.50
N PRO B 9 -9.48 -16.52 24.49
CA PRO B 9 -8.79 -17.46 25.36
C PRO B 9 -8.15 -18.56 24.54
N GLY B 10 -6.89 -18.89 24.86
CA GLY B 10 -6.18 -19.99 24.22
C GLY B 10 -5.65 -19.68 22.85
N PHE B 11 -5.69 -18.42 22.42
CA PHE B 11 -5.15 -18.03 21.11
C PHE B 11 -3.69 -18.46 20.99
N ASP B 12 -3.33 -18.99 19.84
CA ASP B 12 -1.97 -19.50 19.62
C ASP B 12 -1.44 -18.94 18.31
N PHE B 13 -0.48 -18.01 18.40
CA PHE B 13 0.02 -17.35 17.20
C PHE B 13 0.74 -18.30 16.23
N THR B 14 1.06 -19.54 16.63
CA THR B 14 1.66 -20.49 15.69
C THR B 14 0.65 -21.45 15.08
N ASP B 15 -0.63 -21.21 15.28
CA ASP B 15 -1.66 -22.13 14.84
C ASP B 15 -1.76 -22.09 13.32
N PRO B 16 -1.43 -23.18 12.62
CA PRO B 16 -1.48 -23.14 11.14
C PRO B 16 -2.84 -22.84 10.60
N ALA B 17 -3.89 -23.10 11.37
CA ALA B 17 -5.23 -22.80 10.88
C ALA B 17 -5.41 -21.30 10.67
N ILE B 18 -4.75 -20.49 11.48
CA ILE B 18 -4.81 -19.03 11.28
C ILE B 18 -4.29 -18.67 9.90
N TYR B 19 -3.05 -19.09 9.60
CA TYR B 19 -2.35 -18.62 8.40
C TYR B 19 -2.91 -19.23 7.12
N ALA B 20 -3.62 -20.35 7.21
CA ALA B 20 -4.34 -20.86 6.05
C ALA B 20 -5.40 -19.89 5.58
N GLU B 21 -5.83 -18.97 6.44
N GLU B 21 -5.81 -18.92 6.40
CA GLU B 21 -6.87 -17.98 6.15
CA GLU B 21 -6.83 -17.97 5.98
C GLU B 21 -6.33 -16.56 6.01
C GLU B 21 -6.43 -16.52 6.09
N ARG B 22 -5.44 -16.15 6.90
CA ARG B 22 -5.07 -14.75 7.01
C ARG B 22 -3.77 -14.61 7.79
N LEU B 23 -3.20 -13.41 7.72
CA LEU B 23 -2.18 -13.03 8.68
C LEU B 23 -2.86 -12.32 9.85
N PRO B 24 -2.56 -12.71 11.10
CA PRO B 24 -3.24 -12.10 12.26
C PRO B 24 -2.67 -10.74 12.64
N VAL B 25 -2.84 -9.78 11.73
CA VAL B 25 -2.21 -8.47 11.88
C VAL B 25 -2.73 -7.75 13.11
N ALA B 26 -4.04 -7.76 13.30
CA ALA B 26 -4.60 -7.03 14.43
C ALA B 26 -4.22 -7.67 15.75
N GLU B 27 -4.09 -9.00 15.79
CA GLU B 27 -3.73 -9.65 17.05
C GLU B 27 -2.29 -9.31 17.41
N PHE B 28 -1.40 -9.27 16.43
CA PHE B 28 -0.02 -8.82 16.68
C PHE B 28 0.00 -7.37 17.15
N ALA B 29 -0.83 -6.53 16.57
CA ALA B 29 -0.90 -5.14 16.98
C ALA B 29 -1.33 -5.03 18.43
N GLU B 30 -2.31 -5.84 18.83
CA GLU B 30 -2.73 -5.86 20.23
C GLU B 30 -1.60 -6.30 21.14
N LEU B 31 -0.79 -7.29 20.72
CA LEU B 31 0.36 -7.66 21.54
C LEU B 31 1.35 -6.50 21.65
N ARG B 32 1.72 -5.89 20.51
CA ARG B 32 2.68 -4.78 20.60
C ARG B 32 2.15 -3.71 21.54
N SER B 33 0.84 -3.45 21.49
CA SER B 33 0.24 -2.42 22.33
C SER B 33 0.20 -2.82 23.80
N ALA B 34 -0.26 -4.03 24.09
CA ALA B 34 -0.68 -4.41 25.44
C ALA B 34 0.24 -5.39 26.15
N ALA B 35 1.02 -6.22 25.41
CA ALA B 35 1.89 -7.23 26.00
C ALA B 35 2.93 -7.64 24.97
N PRO B 36 3.94 -6.81 24.71
CA PRO B 36 4.84 -7.05 23.56
C PRO B 36 5.72 -8.25 23.73
N ILE B 37 5.93 -8.72 24.95
CA ILE B 37 6.47 -10.05 25.19
C ILE B 37 5.43 -10.77 26.02
N TRP B 38 4.78 -11.79 25.45
CA TRP B 38 3.60 -12.42 26.04
C TRP B 38 3.77 -13.93 26.02
N TRP B 39 3.48 -14.58 27.14
CA TRP B 39 3.55 -16.02 27.19
C TRP B 39 2.36 -16.61 26.44
N ASN B 40 2.64 -17.34 25.37
CA ASN B 40 1.65 -18.00 24.51
C ASN B 40 1.56 -19.44 25.00
N GLY B 41 0.59 -19.70 25.87
CA GLY B 41 0.41 -21.05 26.37
C GLY B 41 -0.12 -22.01 25.32
N GLN B 42 0.31 -23.27 25.44
CA GLN B 42 -0.10 -24.32 24.51
C GLN B 42 -0.52 -25.53 25.34
N ASP B 43 -1.71 -26.05 25.06
CA ASP B 43 -2.21 -27.23 25.79
C ASP B 43 -1.37 -28.47 25.48
N PRO B 44 -1.53 -29.55 26.25
CA PRO B 44 -0.79 -30.78 25.95
C PRO B 44 -1.19 -31.34 24.59
N GLY B 45 -0.18 -31.82 23.86
CA GLY B 45 -0.39 -32.32 22.53
C GLY B 45 -0.67 -31.27 21.46
N LYS B 46 -0.75 -29.99 21.80
CA LYS B 46 -1.09 -28.95 20.82
C LYS B 46 0.05 -27.96 20.59
N GLY B 47 1.28 -28.38 20.83
CA GLY B 47 2.41 -27.48 20.76
C GLY B 47 3.22 -27.62 19.49
N GLY B 48 2.60 -28.18 18.46
CA GLY B 48 3.28 -28.30 17.18
C GLY B 48 4.58 -29.05 17.22
N GLY B 49 4.69 -30.05 18.10
CA GLY B 49 5.89 -30.87 18.16
C GLY B 49 6.71 -30.62 19.39
N PHE B 50 6.44 -29.54 20.10
CA PHE B 50 7.12 -29.19 21.34
C PHE B 50 6.17 -29.42 22.51
N HIS B 51 6.73 -29.88 23.63
CA HIS B 51 5.94 -30.29 24.79
C HIS B 51 6.47 -29.59 26.04
N ASP B 52 6.51 -28.27 25.96
CA ASP B 52 6.99 -27.45 27.07
C ASP B 52 5.92 -26.51 27.58
N GLY B 53 4.69 -26.58 27.07
CA GLY B 53 3.59 -25.78 27.57
C GLY B 53 3.40 -24.44 26.87
N GLY B 54 4.32 -24.04 26.03
CA GLY B 54 4.14 -22.82 25.25
C GLY B 54 5.47 -22.13 25.07
N PHE B 55 5.39 -20.83 24.76
CA PHE B 55 6.57 -20.07 24.37
C PHE B 55 6.32 -18.58 24.61
N TRP B 56 7.41 -17.83 24.60
CA TRP B 56 7.30 -16.38 24.65
C TRP B 56 7.11 -15.83 23.23
N ALA B 57 6.04 -15.07 23.03
CA ALA B 57 5.80 -14.42 21.76
C ALA B 57 6.50 -13.08 21.75
N ILE B 58 7.43 -12.90 20.80
CA ILE B 58 8.26 -11.70 20.66
C ILE B 58 7.74 -10.91 19.46
N THR B 59 7.27 -9.67 19.72
CA THR B 59 6.52 -8.91 18.71
C THR B 59 7.15 -7.58 18.33
N LYS B 60 8.15 -7.07 19.08
CA LYS B 60 8.80 -5.79 18.79
C LYS B 60 10.14 -5.99 18.07
N LEU B 61 10.44 -5.12 17.13
CA LEU B 61 11.63 -5.33 16.31
C LEU B 61 12.89 -5.31 17.15
N ASN B 62 13.02 -4.37 18.07
CA ASN B 62 14.25 -4.32 18.86
C ASN B 62 14.47 -5.60 19.69
N ASP B 63 13.40 -6.22 20.20
CA ASP B 63 13.55 -7.48 20.94
C ASP B 63 14.00 -8.61 20.01
N VAL B 64 13.47 -8.63 18.79
CA VAL B 64 13.92 -9.58 17.78
C VAL B 64 15.41 -9.39 17.52
N LYS B 65 15.84 -8.15 17.33
CA LYS B 65 17.26 -7.94 17.07
C LYS B 65 18.09 -8.39 18.25
N GLU B 66 17.62 -8.08 19.46
CA GLU B 66 18.38 -8.44 20.66
C GLU B 66 18.54 -9.94 20.76
N ILE B 67 17.50 -10.69 20.41
CA ILE B 67 17.61 -12.13 20.51
C ILE B 67 18.58 -12.64 19.46
N SER B 68 18.49 -12.08 18.24
CA SER B 68 19.31 -12.53 17.12
C SER B 68 20.78 -12.22 17.34
N ARG B 69 21.08 -11.12 18.02
CA ARG B 69 22.47 -10.76 18.27
C ARG B 69 23.10 -11.66 19.33
N HIS B 70 22.33 -12.06 20.35
CA HIS B 70 22.83 -12.81 21.50
C HIS B 70 22.64 -14.32 21.27
N SER B 71 23.24 -14.78 20.18
CA SER B 71 23.20 -16.20 19.83
C SER B 71 23.89 -17.05 20.89
N ASP B 72 24.85 -16.49 21.62
N ASP B 72 24.85 -16.48 21.62
CA ASP B 72 25.48 -17.28 22.68
CA ASP B 72 25.49 -17.22 22.70
C ASP B 72 24.51 -17.60 23.80
C ASP B 72 24.49 -17.62 23.78
N VAL B 73 23.37 -16.89 23.88
CA VAL B 73 22.34 -17.20 24.87
C VAL B 73 21.12 -17.84 24.22
N PHE B 74 20.69 -17.33 23.07
CA PHE B 74 19.48 -17.84 22.41
C PHE B 74 19.90 -18.82 21.32
N SER B 75 19.71 -20.10 21.61
CA SER B 75 20.22 -21.19 20.79
C SER B 75 19.27 -21.55 19.64
N SER B 76 19.83 -21.69 18.43
CA SER B 76 19.14 -22.27 17.28
C SER B 76 19.18 -23.80 17.32
N TYR B 77 20.25 -24.36 17.86
CA TYR B 77 20.39 -25.81 17.84
C TYR B 77 19.42 -26.50 18.80
N GLU B 78 19.20 -25.91 19.98
N GLU B 78 19.21 -25.93 19.99
CA GLU B 78 18.57 -26.65 21.08
CA GLU B 78 18.56 -26.69 21.06
C GLU B 78 17.21 -27.22 20.67
C GLU B 78 17.23 -27.26 20.62
N ASN B 79 16.38 -26.44 19.97
CA ASN B 79 15.09 -26.92 19.51
C ASN B 79 14.84 -26.62 18.03
N GLY B 80 15.87 -26.26 17.28
CA GLY B 80 15.68 -25.77 15.93
C GLY B 80 15.03 -24.41 15.98
N VAL B 81 14.90 -23.82 14.78
CA VAL B 81 14.33 -22.47 14.64
C VAL B 81 12.90 -22.49 14.13
N ILE B 82 12.40 -23.61 13.62
CA ILE B 82 11.01 -23.69 13.22
C ILE B 82 10.12 -23.89 14.43
N PRO B 83 9.13 -23.04 14.64
CA PRO B 83 8.32 -23.16 15.87
C PRO B 83 7.05 -24.00 15.76
N ARG B 84 6.80 -24.68 14.64
CA ARG B 84 5.55 -25.43 14.50
C ARG B 84 5.69 -26.55 13.47
N PHE B 85 5.43 -27.79 13.90
CA PHE B 85 5.23 -28.91 13.00
C PHE B 85 3.86 -29.51 13.26
N LYS B 86 3.58 -30.65 12.61
CA LYS B 86 2.46 -31.50 13.04
C LYS B 86 2.62 -31.83 14.52
N ASN B 87 1.52 -31.75 15.27
CA ASN B 87 1.57 -32.02 16.69
C ASN B 87 2.17 -33.38 17.02
N ASP B 88 2.00 -34.36 16.14
CA ASP B 88 2.47 -35.72 16.41
C ASP B 88 3.85 -36.00 15.83
N ILE B 89 4.59 -34.97 15.40
CA ILE B 89 5.93 -35.23 14.91
C ILE B 89 6.85 -35.79 15.99
N ALA B 90 7.73 -36.71 15.58
CA ALA B 90 8.65 -37.33 16.53
C ALA B 90 9.77 -36.36 16.86
N ARG B 91 10.25 -36.41 18.10
CA ARG B 91 11.36 -35.55 18.48
C ARG B 91 12.50 -35.72 17.48
N GLU B 92 12.82 -36.95 17.09
CA GLU B 92 13.98 -37.16 16.23
C GLU B 92 13.83 -36.45 14.88
N ASP B 93 12.60 -36.30 14.41
CA ASP B 93 12.40 -35.54 13.17
C ASP B 93 12.71 -34.07 13.37
N ILE B 94 12.53 -33.57 14.59
CA ILE B 94 12.91 -32.18 14.88
C ILE B 94 14.42 -32.05 14.96
N GLU B 95 15.06 -32.97 15.67
CA GLU B 95 16.50 -32.89 15.90
C GLU B 95 17.28 -33.06 14.61
N VAL B 96 16.73 -33.79 13.64
CA VAL B 96 17.46 -34.02 12.40
C VAL B 96 17.71 -32.71 11.68
N GLN B 97 16.95 -31.66 12.01
CA GLN B 97 17.17 -30.35 11.42
C GLN B 97 18.55 -29.80 11.74
N ARG B 98 19.17 -30.28 12.83
CA ARG B 98 20.48 -29.81 13.24
C ARG B 98 21.56 -30.08 12.21
N PHE B 99 21.29 -30.90 11.19
CA PHE B 99 22.31 -31.16 10.18
C PHE B 99 22.45 -30.02 9.17
N VAL B 100 21.60 -29.00 9.22
CA VAL B 100 21.77 -27.84 8.33
C VAL B 100 22.23 -26.66 9.18
N MET B 101 22.97 -25.75 8.53
N MET B 101 22.98 -25.75 8.54
CA MET B 101 23.65 -24.66 9.21
CA MET B 101 23.66 -24.69 9.29
C MET B 101 22.68 -23.77 9.98
C MET B 101 22.68 -23.78 10.01
N LEU B 102 21.47 -23.62 9.47
CA LEU B 102 20.46 -22.80 10.13
C LEU B 102 20.22 -23.24 11.57
N ASN B 103 20.34 -24.52 11.84
CA ASN B 103 19.99 -25.08 13.13
C ASN B 103 21.22 -25.52 13.91
N MET B 104 22.35 -24.86 13.72
CA MET B 104 23.47 -25.09 14.60
C MET B 104 23.93 -23.83 15.31
N ASP B 105 24.63 -24.08 16.41
CA ASP B 105 25.25 -23.05 17.21
C ASP B 105 26.75 -23.06 17.01
N ALA B 106 27.39 -22.00 17.50
CA ALA B 106 28.84 -21.96 17.52
C ALA B 106 29.38 -23.07 18.40
N PRO B 107 30.59 -23.56 18.14
CA PRO B 107 31.50 -23.16 17.07
C PRO B 107 31.23 -23.79 15.72
N HIS B 108 30.43 -24.86 15.73
N HIS B 108 30.42 -24.86 15.70
CA HIS B 108 30.15 -25.61 14.50
CA HIS B 108 30.18 -25.59 14.47
C HIS B 108 29.54 -24.71 13.44
C HIS B 108 29.54 -24.69 13.41
N HIS B 109 28.59 -23.86 13.82
CA HIS B 109 27.97 -22.95 12.86
C HIS B 109 29.01 -22.01 12.27
N THR B 110 29.93 -21.54 13.12
CA THR B 110 30.91 -20.57 12.69
C THR B 110 31.78 -21.14 11.58
N ARG B 111 32.22 -22.38 11.75
N ARG B 111 32.22 -22.38 11.75
CA ARG B 111 33.04 -23.01 10.72
CA ARG B 111 33.03 -23.03 10.73
C ARG B 111 32.28 -23.06 9.40
C ARG B 111 32.28 -23.08 9.41
N LEU B 112 31.10 -23.69 9.41
CA LEU B 112 30.35 -23.85 8.16
C LEU B 112 30.03 -22.51 7.53
N ARG B 113 29.54 -21.56 8.33
CA ARG B 113 29.15 -20.28 7.75
C ARG B 113 30.32 -19.63 7.01
N LYS B 114 31.52 -19.69 7.60
CA LYS B 114 32.70 -19.15 6.95
C LYS B 114 32.93 -19.80 5.59
N ILE B 115 32.91 -21.13 5.54
CA ILE B 115 33.14 -21.85 4.31
C ILE B 115 32.07 -21.50 3.28
N ILE B 116 30.80 -21.54 3.70
CA ILE B 116 29.69 -21.36 2.76
C ILE B 116 29.66 -19.95 2.20
N SER B 117 30.25 -18.97 2.89
CA SER B 117 30.21 -17.60 2.42
C SER B 117 30.79 -17.44 1.03
N ARG B 118 31.64 -18.39 0.60
CA ARG B 118 32.26 -18.31 -0.72
C ARG B 118 31.20 -18.26 -1.82
N GLY B 119 30.22 -19.15 -1.75
CA GLY B 119 29.18 -19.17 -2.76
C GLY B 119 28.26 -17.97 -2.77
N PHE B 120 28.43 -17.02 -1.86
CA PHE B 120 27.55 -15.87 -1.83
C PHE B 120 28.34 -14.58 -1.82
N THR B 121 29.53 -14.61 -2.37
CA THR B 121 30.24 -13.38 -2.62
C THR B 121 29.50 -12.59 -3.70
N PRO B 122 29.48 -11.27 -3.58
CA PRO B 122 28.91 -10.45 -4.63
C PRO B 122 29.37 -10.88 -6.04
N ARG B 123 30.56 -11.43 -6.17
CA ARG B 123 30.97 -11.94 -7.47
C ARG B 123 30.04 -13.06 -7.92
N ALA B 124 29.87 -14.08 -7.08
CA ALA B 124 29.01 -15.19 -7.44
C ALA B 124 27.58 -14.72 -7.67
N VAL B 125 27.15 -13.69 -6.95
CA VAL B 125 25.79 -13.20 -7.10
C VAL B 125 25.64 -12.36 -8.36
N GLY B 126 26.51 -11.37 -8.55
CA GLY B 126 26.38 -10.51 -9.72
C GLY B 126 26.60 -11.25 -11.02
N ARG B 127 27.35 -12.37 -11.02
CA ARG B 127 27.53 -13.13 -12.26
C ARG B 127 26.26 -13.83 -12.71
N LEU B 128 25.30 -14.02 -11.80
CA LEU B 128 24.00 -14.57 -12.18
C LEU B 128 23.09 -13.52 -12.80
N HIS B 129 23.40 -12.23 -12.63
CA HIS B 129 22.48 -11.16 -13.05
C HIS B 129 22.05 -11.32 -14.50
N ASP B 130 23.03 -11.36 -15.43
CA ASP B 130 22.67 -11.38 -16.84
C ASP B 130 21.77 -12.56 -17.19
N GLU B 131 22.09 -13.76 -16.67
CA GLU B 131 21.25 -14.90 -17.00
C GLU B 131 19.88 -14.81 -16.32
N LEU B 132 19.84 -14.30 -15.08
CA LEU B 132 18.55 -14.20 -14.40
C LEU B 132 17.69 -13.10 -15.02
N GLN B 133 18.32 -11.98 -15.41
CA GLN B 133 17.58 -10.96 -16.13
C GLN B 133 16.99 -11.52 -17.41
N GLU B 134 17.82 -12.21 -18.20
CA GLU B 134 17.32 -12.84 -19.41
C GLU B 134 16.13 -13.76 -19.08
N ARG B 135 16.25 -14.57 -18.02
CA ARG B 135 15.21 -15.55 -17.72
C ARG B 135 13.93 -14.87 -17.25
N ALA B 136 14.07 -13.82 -16.43
CA ALA B 136 12.91 -13.06 -15.95
C ALA B 136 12.11 -12.49 -17.11
N GLN B 137 12.80 -11.90 -18.08
CA GLN B 137 12.13 -11.31 -19.23
C GLN B 137 11.36 -12.36 -20.00
N LYS B 138 11.96 -13.52 -20.22
CA LYS B 138 11.25 -14.60 -20.91
C LYS B 138 10.03 -15.05 -20.11
N ILE B 139 10.17 -15.20 -18.80
CA ILE B 139 9.05 -15.59 -17.97
C ILE B 139 7.92 -14.60 -18.09
N ALA B 140 8.22 -13.30 -17.93
CA ALA B 140 7.18 -12.30 -18.01
C ALA B 140 6.57 -12.25 -19.40
N ALA B 141 7.37 -12.44 -20.44
CA ALA B 141 6.83 -12.43 -21.80
C ALA B 141 5.90 -13.62 -22.00
N GLU B 142 6.29 -14.77 -21.46
CA GLU B 142 5.46 -15.97 -21.59
C GLU B 142 4.13 -15.80 -20.86
N ALA B 143 4.14 -15.15 -19.71
CA ALA B 143 2.90 -14.89 -19.00
C ALA B 143 2.02 -13.90 -19.75
N ALA B 144 2.59 -12.81 -20.26
CA ALA B 144 1.83 -11.86 -21.05
C ALA B 144 1.14 -12.52 -22.23
N ALA B 145 1.84 -13.43 -22.90
CA ALA B 145 1.27 -14.12 -24.04
C ALA B 145 0.13 -15.04 -23.63
N ALA B 146 0.25 -15.65 -22.45
CA ALA B 146 -0.81 -16.50 -21.93
C ALA B 146 -2.06 -15.72 -21.58
N GLY B 147 -1.94 -14.42 -21.33
CA GLY B 147 -3.08 -13.55 -21.06
C GLY B 147 -3.56 -13.49 -19.63
N SER B 148 -3.63 -14.64 -18.99
CA SER B 148 -4.12 -14.71 -17.61
C SER B 148 -3.70 -16.06 -17.07
N GLY B 149 -3.73 -16.20 -15.77
CA GLY B 149 -3.46 -17.50 -15.18
C GLY B 149 -3.05 -17.35 -13.72
N ASP B 150 -2.44 -18.42 -13.22
CA ASP B 150 -1.97 -18.44 -11.83
C ASP B 150 -0.63 -17.71 -11.75
N PHE B 151 -0.66 -16.49 -11.20
CA PHE B 151 0.53 -15.68 -11.06
C PHE B 151 1.62 -16.42 -10.30
N VAL B 152 1.23 -17.22 -9.31
CA VAL B 152 2.26 -17.91 -8.52
C VAL B 152 3.06 -18.85 -9.42
N GLU B 153 2.36 -19.67 -10.22
CA GLU B 153 3.09 -20.61 -11.08
C GLU B 153 3.79 -19.91 -12.23
N GLN B 154 3.12 -18.92 -12.86
CA GLN B 154 3.59 -18.36 -14.12
C GLN B 154 4.61 -17.24 -13.95
N VAL B 155 4.64 -16.60 -12.79
CA VAL B 155 5.58 -15.49 -12.61
C VAL B 155 6.48 -15.64 -11.38
N SER B 156 5.95 -16.18 -10.29
CA SER B 156 6.71 -16.19 -9.05
C SER B 156 7.65 -17.39 -8.89
N CYS B 157 7.28 -18.54 -9.44
N CYS B 157 7.26 -18.54 -9.43
CA CYS B 157 7.91 -19.81 -9.05
CA CYS B 157 7.89 -19.82 -9.08
C CYS B 157 9.29 -19.99 -9.69
C CYS B 157 9.28 -19.98 -9.69
N GLU B 158 9.41 -19.74 -10.99
CA GLU B 158 10.58 -20.22 -11.71
C GLU B 158 11.86 -19.46 -11.37
N LEU B 159 11.81 -18.12 -11.33
CA LEU B 159 13.09 -17.41 -11.23
C LEU B 159 13.89 -17.76 -9.97
N PRO B 160 13.29 -17.78 -8.76
CA PRO B 160 14.07 -18.23 -7.59
C PRO B 160 14.71 -19.59 -7.79
N LEU B 161 14.00 -20.50 -8.41
CA LEU B 161 14.56 -21.83 -8.63
C LEU B 161 15.71 -21.78 -9.63
N GLN B 162 15.60 -20.96 -10.67
CA GLN B 162 16.71 -20.80 -11.62
C GLN B 162 17.93 -20.15 -10.97
N ALA B 163 17.69 -19.23 -10.03
CA ALA B 163 18.78 -18.60 -9.28
C ALA B 163 19.56 -19.63 -8.49
N ILE B 164 18.85 -20.56 -7.84
CA ILE B 164 19.49 -21.67 -7.15
C ILE B 164 20.29 -22.51 -8.13
N ALA B 165 19.65 -22.94 -9.21
CA ALA B 165 20.33 -23.80 -10.18
C ALA B 165 21.54 -23.08 -10.76
N GLY B 166 21.40 -21.80 -11.12
CA GLY B 166 22.54 -21.04 -11.61
C GLY B 166 23.69 -21.01 -10.62
N LEU B 167 23.37 -20.70 -9.35
CA LEU B 167 24.42 -20.61 -8.33
C LEU B 167 25.14 -21.93 -8.14
N LEU B 168 24.41 -23.04 -8.20
CA LEU B 168 25.02 -24.36 -8.05
C LEU B 168 25.64 -24.89 -9.35
N GLY B 169 25.39 -24.23 -10.49
CA GLY B 169 25.79 -24.76 -11.78
C GLY B 169 25.11 -26.06 -12.16
N VAL B 170 23.79 -26.12 -12.04
CA VAL B 170 23.06 -27.36 -12.27
C VAL B 170 22.74 -27.47 -13.76
N PRO B 171 23.09 -28.58 -14.41
CA PRO B 171 22.81 -28.69 -15.85
C PRO B 171 21.33 -28.54 -16.13
N GLN B 172 21.02 -28.00 -17.32
CA GLN B 172 19.63 -27.75 -17.65
C GLN B 172 18.81 -29.03 -17.65
N GLU B 173 19.42 -30.17 -18.01
CA GLU B 173 18.66 -31.41 -18.07
C GLU B 173 18.33 -31.94 -16.68
N ASP B 174 18.94 -31.39 -15.62
CA ASP B 174 18.64 -31.84 -14.27
C ASP B 174 17.76 -30.86 -13.49
N ARG B 175 17.46 -29.70 -14.07
CA ARG B 175 16.79 -28.67 -13.29
C ARG B 175 15.35 -29.04 -12.99
N GLY B 176 14.68 -29.69 -13.96
CA GLY B 176 13.32 -30.13 -13.71
C GLY B 176 13.18 -30.99 -12.47
N LYS B 177 14.00 -32.03 -12.36
CA LYS B 177 13.86 -32.88 -11.20
C LYS B 177 14.38 -32.19 -9.95
N LEU B 178 15.41 -31.37 -10.06
CA LEU B 178 15.85 -30.62 -8.88
C LEU B 178 14.74 -29.70 -8.38
N PHE B 179 14.04 -29.02 -9.28
CA PHE B 179 12.96 -28.14 -8.86
C PHE B 179 11.83 -28.94 -8.23
N HIS B 180 11.57 -30.13 -8.79
CA HIS B 180 10.52 -30.98 -8.25
C HIS B 180 10.81 -31.35 -6.81
N TRP B 181 12.01 -31.89 -6.54
CA TRP B 181 12.38 -32.23 -5.17
C TRP B 181 12.30 -31.01 -4.27
N SER B 182 12.75 -29.86 -4.76
N SER B 182 12.78 -29.86 -4.75
CA SER B 182 12.81 -28.67 -3.92
CA SER B 182 12.80 -28.68 -3.88
C SER B 182 11.41 -28.20 -3.53
C SER B 182 11.39 -28.26 -3.49
N ASN B 183 10.46 -28.29 -4.44
CA ASN B 183 9.09 -27.87 -4.13
C ASN B 183 8.48 -28.76 -3.06
N GLU B 184 8.77 -30.05 -3.11
CA GLU B 184 8.16 -30.96 -2.16
C GLU B 184 8.70 -30.78 -0.75
N MET B 185 9.81 -30.07 -0.58
N MET B 185 9.82 -30.08 -0.60
CA MET B 185 10.38 -29.92 0.76
CA MET B 185 10.40 -29.88 0.72
C MET B 185 9.57 -28.96 1.62
C MET B 185 9.50 -29.06 1.63
N THR B 186 8.56 -28.29 1.06
CA THR B 186 7.63 -27.52 1.89
C THR B 186 6.86 -28.41 2.87
N GLY B 187 6.81 -29.73 2.63
CA GLY B 187 6.14 -30.64 3.53
C GLY B 187 4.64 -30.73 3.26
N ASN B 188 3.99 -31.57 4.06
CA ASN B 188 2.63 -31.99 3.81
C ASN B 188 1.64 -31.46 4.84
N GLU B 189 1.92 -30.30 5.46
CA GLU B 189 0.99 -29.71 6.41
C GLU B 189 -0.23 -29.10 5.73
N ASP B 190 -0.07 -28.64 4.49
CA ASP B 190 -1.21 -28.09 3.76
C ASP B 190 -1.95 -29.21 3.04
N PRO B 191 -3.27 -29.25 3.12
CA PRO B 191 -4.01 -30.35 2.49
C PRO B 191 -3.70 -30.56 1.02
N GLU B 192 -3.38 -29.49 0.29
CA GLU B 192 -3.11 -29.66 -1.13
C GLU B 192 -1.91 -30.57 -1.35
N TYR B 193 -0.99 -30.57 -0.39
CA TYR B 193 0.23 -31.37 -0.50
C TYR B 193 0.25 -32.53 0.47
N ALA B 194 -0.91 -32.88 1.03
CA ALA B 194 -0.94 -33.83 2.15
C ALA B 194 -0.43 -35.22 1.80
N HIS B 195 -0.40 -35.55 0.52
CA HIS B 195 -0.02 -36.87 0.04
C HIS B 195 1.45 -37.02 -0.28
N ILE B 196 2.21 -35.93 -0.28
CA ILE B 196 3.62 -35.94 -0.66
C ILE B 196 4.48 -36.44 0.48
N ASP B 197 5.55 -37.17 0.14
CA ASP B 197 6.57 -37.63 1.08
C ASP B 197 7.79 -36.74 0.99
N PRO B 198 7.97 -35.76 1.89
CA PRO B 198 9.13 -34.85 1.76
C PRO B 198 10.44 -35.51 2.15
N LYS B 199 10.40 -36.50 3.03
CA LYS B 199 11.62 -37.20 3.39
C LYS B 199 12.23 -37.84 2.15
N ALA B 200 11.42 -38.44 1.31
CA ALA B 200 11.92 -38.98 0.04
C ALA B 200 12.56 -37.89 -0.81
N SER B 201 11.98 -36.70 -0.86
CA SER B 201 12.55 -35.63 -1.68
C SER B 201 13.87 -35.14 -1.08
N SER B 202 13.95 -34.99 0.24
CA SER B 202 15.24 -34.72 0.87
C SER B 202 16.28 -35.72 0.41
N ALA B 203 15.93 -37.01 0.43
CA ALA B 203 16.91 -38.03 0.11
C ALA B 203 17.40 -37.91 -1.33
N GLU B 204 16.52 -37.57 -2.26
CA GLU B 204 16.93 -37.44 -3.66
C GLU B 204 17.84 -36.23 -3.84
N LEU B 205 17.56 -35.18 -3.10
CA LEU B 205 18.42 -34.01 -3.17
C LEU B 205 19.83 -34.34 -2.69
N ILE B 206 19.92 -35.01 -1.55
CA ILE B 206 21.23 -35.36 -1.00
C ILE B 206 21.99 -36.23 -1.99
N GLY B 207 21.34 -37.25 -2.55
CA GLY B 207 22.00 -38.13 -3.50
C GLY B 207 22.49 -37.41 -4.74
N TYR B 208 21.68 -36.50 -5.29
CA TYR B 208 22.10 -35.73 -6.44
C TYR B 208 23.26 -34.81 -6.09
N ALA B 209 23.24 -34.25 -4.87
CA ALA B 209 24.36 -33.42 -4.43
C ALA B 209 25.68 -34.21 -4.46
N MET B 210 25.67 -35.43 -3.93
N MET B 210 25.67 -35.44 -3.95
CA MET B 210 26.89 -36.24 -4.01
CA MET B 210 26.89 -36.25 -4.00
C MET B 210 27.32 -36.46 -5.44
C MET B 210 27.33 -36.48 -5.45
N LYS B 211 26.37 -36.77 -6.33
CA LYS B 211 26.68 -36.93 -7.75
C LYS B 211 27.43 -35.72 -8.30
N MET B 212 27.02 -34.50 -7.95
CA MET B 212 27.70 -33.33 -8.49
C MET B 212 28.98 -33.00 -7.72
N ALA B 213 29.05 -33.33 -6.44
CA ALA B 213 30.31 -33.20 -5.71
C ALA B 213 31.38 -34.12 -6.31
N GLU B 214 31.08 -35.41 -6.40
CA GLU B 214 32.06 -36.32 -7.01
C GLU B 214 32.35 -35.88 -8.45
N GLU B 215 31.32 -35.38 -9.13
CA GLU B 215 31.47 -34.94 -10.51
C GLU B 215 32.53 -33.85 -10.61
N LYS B 216 32.31 -32.74 -9.91
CA LYS B 216 33.22 -31.60 -10.01
C LYS B 216 34.59 -31.89 -9.39
N ALA B 217 34.68 -32.86 -8.47
CA ALA B 217 35.97 -33.19 -7.87
C ALA B 217 36.98 -33.64 -8.93
N LYS B 218 36.56 -34.57 -9.79
CA LYS B 218 37.40 -34.96 -10.91
C LYS B 218 37.47 -33.86 -11.97
N ASN B 219 36.42 -33.04 -12.09
CA ASN B 219 36.28 -32.12 -13.23
C ASN B 219 35.88 -30.72 -12.80
N PRO B 220 36.88 -29.86 -12.48
CA PRO B 220 36.66 -28.48 -12.03
C PRO B 220 35.44 -27.80 -12.69
N ASP B 223 31.62 -22.44 -11.17
CA ASP B 223 30.50 -22.13 -10.29
C ASP B 223 31.01 -21.94 -8.86
N ILE B 224 30.24 -22.41 -7.87
CA ILE B 224 30.66 -22.38 -6.48
C ILE B 224 30.96 -23.77 -5.94
N VAL B 225 30.33 -24.81 -6.50
CA VAL B 225 30.55 -26.17 -6.03
C VAL B 225 32.04 -26.45 -5.94
N THR B 226 32.79 -26.09 -6.98
CA THR B 226 34.23 -26.29 -6.96
C THR B 226 34.88 -25.65 -5.73
N GLN B 227 34.44 -24.44 -5.38
CA GLN B 227 35.07 -23.74 -4.26
C GLN B 227 34.75 -24.42 -2.93
N LEU B 228 33.54 -24.96 -2.75
CA LEU B 228 33.20 -25.49 -1.44
C LEU B 228 33.84 -26.84 -1.14
N ILE B 229 33.98 -27.71 -2.15
CA ILE B 229 34.64 -29.00 -1.96
C ILE B 229 36.15 -28.92 -2.02
N GLN B 230 36.70 -27.72 -2.20
CA GLN B 230 38.13 -27.47 -2.26
C GLN B 230 38.58 -26.74 -0.99
N ALA B 231 39.83 -26.98 -0.62
CA ALA B 231 40.41 -26.34 0.56
C ALA B 231 40.43 -24.83 0.38
N ASP B 232 39.80 -24.12 1.32
CA ASP B 232 39.63 -22.66 1.23
C ASP B 232 40.84 -21.92 1.78
N ILE B 233 42.03 -22.26 1.29
CA ILE B 233 43.27 -21.54 1.58
C ILE B 233 43.82 -21.90 2.96
N ASP B 234 42.96 -22.48 3.81
CA ASP B 234 43.36 -22.92 5.14
C ASP B 234 43.16 -24.41 5.34
N GLY B 235 42.88 -25.16 4.27
CA GLY B 235 42.53 -26.56 4.38
C GLY B 235 41.09 -26.81 4.76
N GLU B 236 40.36 -25.78 5.21
CA GLU B 236 38.98 -25.92 5.64
C GLU B 236 38.07 -26.02 4.42
N LYS B 237 37.31 -27.12 4.33
CA LYS B 237 36.41 -27.34 3.20
C LYS B 237 35.15 -28.04 3.69
N LEU B 238 34.14 -28.10 2.81
CA LEU B 238 32.89 -28.77 3.13
C LEU B 238 33.11 -30.27 2.97
N SER B 239 32.85 -31.04 4.03
CA SER B 239 32.83 -32.49 3.93
C SER B 239 31.74 -32.91 2.94
N ASP B 240 31.88 -34.13 2.41
CA ASP B 240 30.89 -34.60 1.43
C ASP B 240 29.48 -34.58 1.99
N ASP B 241 29.29 -35.06 3.22
CA ASP B 241 28.00 -34.91 3.90
C ASP B 241 27.59 -33.42 3.98
N GLU B 242 28.46 -32.59 4.57
CA GLU B 242 28.11 -31.18 4.75
C GLU B 242 27.75 -30.54 3.42
N PHE B 243 28.40 -30.93 2.33
CA PHE B 243 28.01 -30.38 1.04
C PHE B 243 26.61 -30.83 0.67
N GLY B 244 26.27 -32.08 0.98
CA GLY B 244 24.90 -32.52 0.77
C GLY B 244 23.90 -31.67 1.51
N PHE B 245 24.09 -31.51 2.83
CA PHE B 245 23.14 -30.72 3.60
C PHE B 245 23.17 -29.25 3.21
N PHE B 246 24.31 -28.77 2.70
CA PHE B 246 24.34 -27.42 2.14
C PHE B 246 23.41 -27.32 0.95
N VAL B 247 23.48 -28.28 0.02
CA VAL B 247 22.63 -28.25 -1.16
C VAL B 247 21.17 -28.37 -0.77
N VAL B 248 20.84 -29.25 0.18
CA VAL B 248 19.46 -29.33 0.68
C VAL B 248 19.06 -27.99 1.29
N MET B 249 19.93 -27.40 2.10
N MET B 249 19.93 -27.40 2.11
CA MET B 249 19.59 -26.11 2.72
CA MET B 249 19.63 -26.11 2.72
C MET B 249 19.29 -25.05 1.67
C MET B 249 19.30 -25.07 1.68
N LEU B 250 20.09 -25.02 0.61
CA LEU B 250 19.89 -24.01 -0.43
C LEU B 250 18.67 -24.28 -1.28
N ALA B 251 18.41 -25.55 -1.61
CA ALA B 251 17.23 -25.88 -2.39
C ALA B 251 15.97 -25.50 -1.65
N VAL B 252 15.97 -25.62 -0.33
CA VAL B 252 14.83 -25.22 0.47
C VAL B 252 14.80 -23.72 0.66
N ALA B 253 15.91 -23.14 1.15
CA ALA B 253 15.86 -21.74 1.56
C ALA B 253 15.66 -20.80 0.38
N GLY B 254 16.14 -21.16 -0.81
CA GLY B 254 16.04 -20.23 -1.94
C GLY B 254 14.75 -20.32 -2.75
N ASN B 255 13.80 -21.13 -2.31
CA ASN B 255 12.61 -21.38 -3.14
C ASN B 255 11.41 -20.58 -2.64
N GLU B 256 10.68 -21.13 -1.67
CA GLU B 256 9.40 -20.53 -1.28
C GLU B 256 9.54 -19.09 -0.84
N THR B 257 10.56 -18.75 -0.06
CA THR B 257 10.53 -17.40 0.53
C THR B 257 10.63 -16.31 -0.54
N THR B 258 11.50 -16.48 -1.54
CA THR B 258 11.53 -15.48 -2.61
C THR B 258 10.26 -15.54 -3.46
N ARG B 259 9.76 -16.75 -3.76
CA ARG B 259 8.50 -16.87 -4.48
C ARG B 259 7.40 -16.05 -3.80
N ASN B 260 7.27 -16.24 -2.46
CA ASN B 260 6.19 -15.60 -1.75
C ASN B 260 6.41 -14.11 -1.59
N SER B 261 7.67 -13.68 -1.64
N SER B 261 7.67 -13.67 -1.65
CA SER B 261 7.94 -12.25 -1.73
CA SER B 261 7.92 -12.24 -1.71
C SER B 261 7.36 -11.71 -3.03
C SER B 261 7.45 -11.65 -3.04
N ILE B 262 7.58 -12.43 -4.13
CA ILE B 262 7.14 -11.93 -5.42
C ILE B 262 5.61 -11.88 -5.49
N THR B 263 4.95 -12.95 -5.07
CA THR B 263 3.49 -12.91 -5.09
C THR B 263 2.94 -11.78 -4.22
N GLN B 264 3.47 -11.66 -3.00
CA GLN B 264 2.88 -10.69 -2.09
C GLN B 264 3.28 -9.26 -2.45
N GLY B 265 4.43 -9.08 -3.07
CA GLY B 265 4.76 -7.76 -3.60
C GLY B 265 3.77 -7.33 -4.68
N MET B 266 3.39 -8.27 -5.55
CA MET B 266 2.47 -7.90 -6.62
C MET B 266 1.07 -7.69 -6.02
N MET B 267 0.74 -8.46 -5.01
CA MET B 267 -0.51 -8.28 -4.28
C MET B 267 -0.52 -6.88 -3.67
N ALA B 268 0.63 -6.45 -3.17
CA ALA B 268 0.74 -5.11 -2.61
C ALA B 268 0.57 -4.02 -3.68
N PHE B 269 1.17 -4.23 -4.84
CA PHE B 269 1.01 -3.27 -5.92
C PHE B 269 -0.42 -3.20 -6.45
N ALA B 270 -1.13 -4.31 -6.39
CA ALA B 270 -2.51 -4.34 -6.84
C ALA B 270 -3.39 -3.59 -5.87
N GLU B 271 -3.09 -3.67 -4.58
CA GLU B 271 -3.80 -2.94 -3.55
C GLU B 271 -3.42 -1.46 -3.55
N HIS B 272 -2.25 -1.12 -4.06
CA HIS B 272 -1.70 0.24 -4.01
C HIS B 272 -1.27 0.69 -5.40
N PRO B 273 -2.23 0.97 -6.27
CA PRO B 273 -1.84 1.28 -7.67
C PRO B 273 -0.98 2.52 -7.80
N ASP B 274 -1.13 3.49 -6.89
CA ASP B 274 -0.22 4.62 -6.93
C ASP B 274 1.24 4.16 -6.83
N GLN B 275 1.51 3.15 -6.03
CA GLN B 275 2.88 2.68 -5.90
C GLN B 275 3.33 1.91 -7.14
N TRP B 276 2.41 1.16 -7.76
CA TRP B 276 2.72 0.48 -9.01
C TRP B 276 3.02 1.49 -10.12
N GLU B 277 2.27 2.58 -10.20
CA GLU B 277 2.58 3.57 -11.24
C GLU B 277 3.94 4.21 -11.00
N LEU B 278 4.24 4.55 -9.75
CA LEU B 278 5.57 5.07 -9.40
C LEU B 278 6.63 4.06 -9.72
N TYR B 279 6.39 2.79 -9.37
CA TYR B 279 7.40 1.77 -9.66
C TYR B 279 7.68 1.68 -11.16
N LYS B 280 6.64 1.60 -11.98
CA LYS B 280 6.87 1.41 -13.41
C LYS B 280 7.74 2.54 -13.96
N LYS B 281 7.55 3.76 -13.46
N LYS B 281 7.57 3.75 -13.41
CA LYS B 281 8.35 4.89 -13.95
CA LYS B 281 8.27 4.93 -13.88
C LYS B 281 9.78 4.84 -13.43
C LYS B 281 9.72 4.95 -13.41
N VAL B 282 9.95 4.71 -12.12
CA VAL B 282 11.25 4.93 -11.51
C VAL B 282 12.06 3.66 -11.29
N ARG B 283 11.42 2.49 -11.21
CA ARG B 283 12.12 1.26 -10.88
C ARG B 283 13.10 1.42 -9.72
N PRO B 284 12.64 1.87 -8.56
CA PRO B 284 13.58 2.09 -7.46
C PRO B 284 14.13 0.78 -6.91
N GLU B 285 15.43 0.77 -6.64
CA GLU B 285 16.06 -0.43 -6.10
C GLU B 285 15.70 -0.64 -4.64
N THR B 286 15.12 0.37 -3.97
CA THR B 286 14.57 0.21 -2.63
C THR B 286 13.28 -0.63 -2.62
N ALA B 287 12.69 -0.87 -3.79
CA ALA B 287 11.43 -1.62 -3.83
C ALA B 287 11.58 -3.03 -3.25
N ALA B 288 12.70 -3.70 -3.52
CA ALA B 288 12.81 -5.08 -3.06
C ALA B 288 12.73 -5.18 -1.54
N ASP B 289 13.35 -4.26 -0.82
CA ASP B 289 13.31 -4.35 0.63
C ASP B 289 11.91 -4.07 1.17
N GLU B 290 11.20 -3.11 0.58
CA GLU B 290 9.83 -2.88 1.03
C GLU B 290 8.95 -4.07 0.67
N ILE B 291 9.22 -4.73 -0.45
CA ILE B 291 8.46 -5.92 -0.78
C ILE B 291 8.75 -7.02 0.21
N VAL B 292 9.99 -7.12 0.69
CA VAL B 292 10.28 -8.16 1.66
C VAL B 292 9.66 -7.81 3.02
N ARG B 293 9.67 -6.52 3.36
CA ARG B 293 9.06 -6.14 4.62
C ARG B 293 7.57 -6.44 4.58
N TRP B 294 6.94 -6.11 3.46
CA TRP B 294 5.51 -6.28 3.32
C TRP B 294 5.18 -7.76 3.24
N ALA B 295 6.03 -8.53 2.56
CA ALA B 295 5.72 -9.95 2.36
C ALA B 295 6.04 -10.81 3.57
N THR B 296 7.00 -10.39 4.40
CA THR B 296 7.60 -11.19 5.51
C THR B 296 7.36 -12.67 5.27
N PRO B 297 8.11 -13.24 4.32
CA PRO B 297 7.87 -14.65 3.92
C PRO B 297 8.03 -15.65 5.04
N VAL B 298 8.97 -15.40 5.96
CA VAL B 298 9.09 -16.15 7.20
C VAL B 298 8.35 -15.35 8.27
N THR B 299 7.20 -15.87 8.71
CA THR B 299 6.43 -15.19 9.76
C THR B 299 7.20 -15.19 11.08
N ALA B 300 7.86 -16.31 11.39
CA ALA B 300 8.47 -16.52 12.71
C ALA B 300 9.52 -17.61 12.65
N PHE B 301 10.62 -17.38 13.37
CA PHE B 301 11.62 -18.38 13.72
C PHE B 301 11.82 -18.27 15.25
N GLN B 302 12.29 -19.34 15.85
CA GLN B 302 12.40 -19.41 17.30
C GLN B 302 13.84 -19.62 17.74
N ARG B 303 14.06 -19.41 19.06
CA ARG B 303 15.30 -19.76 19.76
C ARG B 303 14.96 -20.35 21.12
N THR B 304 15.96 -20.93 21.77
CA THR B 304 15.80 -21.50 23.10
C THR B 304 16.83 -20.87 24.02
N ALA B 305 16.39 -20.42 25.19
CA ALA B 305 17.27 -19.75 26.13
C ALA B 305 18.20 -20.79 26.76
N LEU B 306 19.51 -20.59 26.63
CA LEU B 306 20.47 -21.50 27.26
C LEU B 306 20.81 -21.08 28.68
N ARG B 307 20.39 -19.89 29.11
CA ARG B 307 20.46 -19.46 30.49
C ARG B 307 19.29 -18.52 30.75
N ASP B 308 19.10 -18.16 32.02
CA ASP B 308 18.13 -17.11 32.33
C ASP B 308 18.59 -15.81 31.70
N TYR B 309 17.62 -15.00 31.24
CA TYR B 309 17.94 -13.78 30.49
C TYR B 309 16.76 -12.82 30.59
N GLU B 310 17.05 -11.57 30.96
CA GLU B 310 16.02 -10.56 31.16
C GLU B 310 15.93 -9.76 29.87
N LEU B 311 14.80 -9.87 29.18
CA LEU B 311 14.60 -9.23 27.88
C LEU B 311 13.47 -8.20 28.02
N SER B 312 13.79 -6.93 27.84
CA SER B 312 12.83 -5.86 28.02
C SER B 312 11.92 -6.10 29.23
N GLY B 313 12.55 -6.40 30.36
CA GLY B 313 11.81 -6.47 31.60
C GLY B 313 11.14 -7.78 31.91
N VAL B 314 11.24 -8.76 31.02
CA VAL B 314 10.61 -10.06 31.20
C VAL B 314 11.69 -11.09 31.48
N GLN B 315 11.52 -11.86 32.56
N GLN B 315 11.51 -11.89 32.54
CA GLN B 315 12.48 -12.90 32.92
CA GLN B 315 12.54 -12.87 32.93
C GLN B 315 12.26 -14.09 32.00
C GLN B 315 12.34 -14.14 32.10
N ILE B 316 13.18 -14.32 31.08
CA ILE B 316 13.20 -15.54 30.29
C ILE B 316 14.02 -16.58 31.06
N LYS B 317 13.47 -17.76 31.27
CA LYS B 317 14.18 -18.80 32.03
C LYS B 317 14.84 -19.82 31.11
N LYS B 318 15.98 -20.35 31.55
CA LYS B 318 16.70 -21.39 30.84
C LYS B 318 15.74 -22.44 30.33
N GLY B 319 15.91 -22.80 29.04
CA GLY B 319 15.10 -23.85 28.42
C GLY B 319 13.83 -23.36 27.72
N GLN B 320 13.40 -22.15 27.98
CA GLN B 320 12.17 -21.68 27.40
C GLN B 320 12.40 -21.23 25.98
N ARG B 321 11.36 -21.34 25.17
CA ARG B 321 11.42 -20.94 23.78
C ARG B 321 10.93 -19.51 23.65
N VAL B 322 11.57 -18.75 22.76
CA VAL B 322 11.10 -17.44 22.37
C VAL B 322 10.85 -17.49 20.87
N VAL B 323 9.70 -16.96 20.42
CA VAL B 323 9.36 -17.02 19.02
C VAL B 323 9.35 -15.60 18.49
N MET B 324 10.28 -15.31 17.58
CA MET B 324 10.41 -14.00 16.98
C MET B 324 9.44 -13.91 15.80
N PHE B 325 8.39 -13.13 15.97
CA PHE B 325 7.39 -12.87 14.93
C PHE B 325 7.86 -11.69 14.10
N TYR B 326 8.63 -12.01 13.06
CA TYR B 326 9.04 -11.01 12.09
C TYR B 326 7.85 -10.28 11.51
N ARG B 327 6.69 -10.96 11.41
CA ARG B 327 5.50 -10.30 10.84
C ARG B 327 5.00 -9.16 11.73
N SER B 328 5.17 -9.28 13.05
CA SER B 328 4.84 -8.17 13.93
C SER B 328 5.93 -7.10 13.90
N ALA B 329 7.21 -7.56 13.98
CA ALA B 329 8.35 -6.63 14.08
C ALA B 329 8.42 -5.71 12.88
N ASN B 330 8.08 -6.24 11.71
CA ASN B 330 8.18 -5.47 10.50
C ASN B 330 7.08 -4.44 10.38
N PHE B 331 6.13 -4.41 11.30
CA PHE B 331 5.09 -3.39 11.33
C PHE B 331 5.12 -2.65 12.67
N ASP B 332 6.31 -2.62 13.28
CA ASP B 332 6.50 -2.02 14.61
C ASP B 332 6.39 -0.51 14.51
N GLU B 333 5.39 0.05 15.20
CA GLU B 333 5.07 1.47 15.07
C GLU B 333 6.19 2.35 15.59
N GLU B 334 7.07 1.82 16.43
CA GLU B 334 8.15 2.64 16.95
C GLU B 334 9.36 2.67 16.04
N VAL B 335 9.39 1.84 15.01
CA VAL B 335 10.54 1.72 14.13
C VAL B 335 10.25 2.31 12.76
N PHE B 336 9.03 2.10 12.27
CA PHE B 336 8.65 2.51 10.94
C PHE B 336 7.65 3.65 11.01
N GLN B 337 7.85 4.62 10.13
CA GLN B 337 6.86 5.66 9.91
C GLN B 337 5.80 5.11 8.97
N ASP B 338 4.59 5.00 9.48
CA ASP B 338 3.45 4.56 8.68
C ASP B 338 3.71 3.11 8.28
N PRO B 339 3.81 2.20 9.27
CA PRO B 339 4.17 0.82 8.93
C PRO B 339 3.18 0.19 7.99
N PHE B 340 1.93 0.63 8.06
CA PHE B 340 0.89 0.07 7.23
C PHE B 340 0.77 0.78 5.90
N THR B 341 1.69 1.67 5.58
CA THR B 341 1.86 2.20 4.21
C THR B 341 2.87 1.33 3.46
N PHE B 342 2.50 0.88 2.28
CA PHE B 342 3.43 0.25 1.35
C PHE B 342 4.13 1.38 0.57
N ASN B 343 5.42 1.60 0.84
CA ASN B 343 6.19 2.72 0.29
C ASN B 343 7.47 2.17 -0.34
N ILE B 344 7.49 2.08 -1.67
CA ILE B 344 8.63 1.45 -2.32
C ILE B 344 9.88 2.29 -2.26
N LEU B 345 9.77 3.52 -1.79
CA LEU B 345 10.89 4.42 -1.62
C LEU B 345 11.40 4.42 -0.20
N ARG B 346 10.77 3.68 0.70
CA ARG B 346 11.16 3.67 2.11
C ARG B 346 12.66 3.49 2.24
N ASN B 347 13.31 4.39 3.01
CA ASN B 347 14.76 4.31 3.15
C ASN B 347 15.28 5.18 4.30
N PRO B 348 16.08 4.61 5.23
CA PRO B 348 16.49 3.22 5.30
C PRO B 348 15.26 2.33 5.57
N ASN B 349 15.46 1.03 5.53
CA ASN B 349 14.37 0.07 5.73
C ASN B 349 14.89 -1.06 6.58
N PRO B 350 14.89 -0.89 7.91
CA PRO B 350 15.57 -1.81 8.81
C PRO B 350 14.69 -2.98 9.20
N HIS B 351 13.93 -3.49 8.23
CA HIS B 351 13.07 -4.66 8.45
C HIS B 351 13.89 -5.89 8.77
N VAL B 352 13.24 -6.87 9.40
CA VAL B 352 13.88 -8.12 9.79
C VAL B 352 13.30 -9.30 9.01
N GLY B 353 12.83 -9.01 7.78
CA GLY B 353 12.39 -10.09 6.89
C GLY B 353 13.46 -11.14 6.65
N PHE B 354 14.75 -10.73 6.69
CA PHE B 354 15.91 -11.58 6.56
C PHE B 354 16.49 -11.95 7.90
N GLY B 355 15.71 -11.76 8.97
CA GLY B 355 16.13 -12.01 10.33
C GLY B 355 16.69 -10.77 11.00
N GLY B 356 16.93 -10.88 12.32
CA GLY B 356 17.73 -9.88 13.02
C GLY B 356 19.19 -10.03 12.66
N THR B 357 19.94 -8.94 12.76
CA THR B 357 21.37 -9.01 12.52
C THR B 357 22.04 -9.96 13.52
N GLY B 358 23.05 -10.66 13.05
CA GLY B 358 23.75 -11.58 13.89
C GLY B 358 24.25 -12.76 13.10
N ALA B 359 24.62 -13.79 13.86
CA ALA B 359 25.36 -14.90 13.29
C ALA B 359 24.58 -15.61 12.18
N HIS B 360 23.25 -15.60 12.26
CA HIS B 360 22.43 -16.36 11.34
C HIS B 360 21.70 -15.50 10.32
N TYR B 361 22.09 -14.24 10.16
CA TYR B 361 21.45 -13.36 9.18
C TYR B 361 21.46 -14.03 7.81
N CYS B 362 20.38 -13.82 7.05
CA CYS B 362 20.21 -14.53 5.79
C CYS B 362 21.36 -14.25 4.82
N ILE B 363 22.09 -15.30 4.46
CA ILE B 363 23.18 -15.16 3.49
C ILE B 363 22.69 -15.08 2.07
N GLY B 364 21.41 -15.36 1.83
CA GLY B 364 20.83 -15.18 0.50
C GLY B 364 20.12 -13.86 0.26
N ALA B 365 20.23 -12.91 1.18
CA ALA B 365 19.45 -11.69 1.05
C ALA B 365 19.72 -10.97 -0.28
N ASN B 366 21.01 -10.86 -0.67
CA ASN B 366 21.31 -10.10 -1.89
C ASN B 366 20.85 -10.84 -3.13
N LEU B 367 20.93 -12.16 -3.11
CA LEU B 367 20.38 -12.93 -4.22
C LEU B 367 18.88 -12.77 -4.27
N ALA B 368 18.23 -12.78 -3.09
CA ALA B 368 16.77 -12.62 -3.06
C ALA B 368 16.37 -11.27 -3.63
N ARG B 369 17.03 -10.20 -3.16
CA ARG B 369 16.73 -8.87 -3.64
C ARG B 369 16.92 -8.76 -5.14
N MET B 370 18.01 -9.35 -5.66
CA MET B 370 18.23 -9.31 -7.09
C MET B 370 17.10 -9.99 -7.85
N THR B 371 16.75 -11.22 -7.43
CA THR B 371 15.64 -11.94 -8.02
C THR B 371 14.38 -11.11 -8.04
N ILE B 372 14.07 -10.47 -6.91
CA ILE B 372 12.85 -9.66 -6.79
C ILE B 372 12.92 -8.47 -7.75
N ASN B 373 14.03 -7.73 -7.76
CA ASN B 373 14.10 -6.57 -8.64
C ASN B 373 14.00 -6.98 -10.11
N LEU B 374 14.66 -8.09 -10.49
CA LEU B 374 14.65 -8.51 -11.89
C LEU B 374 13.25 -8.92 -12.37
N ILE B 375 12.50 -9.65 -11.54
CA ILE B 375 11.18 -10.11 -11.98
C ILE B 375 10.20 -8.93 -12.04
N PHE B 376 10.31 -7.99 -11.08
CA PHE B 376 9.36 -6.88 -11.12
C PHE B 376 9.69 -5.94 -12.26
N ASN B 377 10.98 -5.79 -12.60
CA ASN B 377 11.28 -5.00 -13.78
C ASN B 377 10.68 -5.67 -15.01
N ALA B 378 10.72 -7.01 -15.05
CA ALA B 378 10.18 -7.71 -16.22
C ALA B 378 8.65 -7.67 -16.25
N VAL B 379 8.00 -7.75 -15.08
CA VAL B 379 6.54 -7.59 -15.05
C VAL B 379 6.18 -6.19 -15.52
N ALA B 380 6.90 -5.18 -15.05
CA ALA B 380 6.60 -3.82 -15.48
C ALA B 380 6.84 -3.66 -16.98
N ASP B 381 7.85 -4.33 -17.51
CA ASP B 381 8.13 -4.23 -18.94
C ASP B 381 7.04 -4.88 -19.78
N HIS B 382 6.55 -6.05 -19.35
CA HIS B 382 5.73 -6.88 -20.22
C HIS B 382 4.26 -6.91 -19.88
N MET B 383 3.85 -6.65 -18.63
CA MET B 383 2.42 -6.63 -18.31
C MET B 383 2.15 -5.49 -17.34
N PRO B 384 2.37 -4.26 -17.77
CA PRO B 384 2.18 -3.12 -16.88
C PRO B 384 0.75 -2.91 -16.40
N ASP B 385 -0.23 -3.48 -17.07
CA ASP B 385 -1.62 -3.22 -16.71
C ASP B 385 -2.27 -4.40 -16.00
N LEU B 386 -1.48 -5.37 -15.55
CA LEU B 386 -2.05 -6.57 -14.93
C LEU B 386 -2.92 -6.21 -13.73
N LYS B 387 -3.94 -7.05 -13.50
CA LYS B 387 -4.94 -6.82 -12.49
C LYS B 387 -5.37 -8.19 -11.95
N PRO B 388 -5.60 -8.31 -10.66
CA PRO B 388 -5.99 -9.62 -10.12
C PRO B 388 -7.39 -9.97 -10.59
N ILE B 389 -7.65 -11.27 -10.66
CA ILE B 389 -8.97 -11.81 -10.96
C ILE B 389 -9.72 -12.22 -9.68
N SER B 390 -9.05 -12.93 -8.78
CA SER B 390 -9.71 -13.48 -7.61
C SER B 390 -8.75 -13.48 -6.43
N ALA B 391 -9.28 -13.83 -5.26
CA ALA B 391 -8.51 -13.77 -4.04
C ALA B 391 -7.39 -14.79 -4.04
N PRO B 392 -6.25 -14.47 -3.41
CA PRO B 392 -5.18 -15.46 -3.24
C PRO B 392 -5.61 -16.59 -2.30
N GLU B 393 -5.00 -17.75 -2.50
CA GLU B 393 -5.17 -18.91 -1.64
C GLU B 393 -3.90 -19.05 -0.83
N ARG B 394 -4.03 -18.95 0.48
CA ARG B 394 -2.87 -18.96 1.40
C ARG B 394 -2.46 -20.39 1.77
N LEU B 395 -1.23 -20.55 2.24
CA LEU B 395 -0.66 -21.84 2.62
C LEU B 395 -0.90 -22.11 4.10
N ARG B 396 -1.27 -23.35 4.41
N ARG B 396 -1.28 -23.34 4.42
CA ARG B 396 -1.45 -23.73 5.81
CA ARG B 396 -1.45 -23.74 5.81
C ARG B 396 -0.08 -24.03 6.41
C ARG B 396 -0.07 -24.02 6.41
N SER B 397 0.41 -23.12 7.25
CA SER B 397 1.69 -23.29 7.93
C SER B 397 1.64 -22.48 9.20
N GLY B 398 2.33 -22.96 10.24
CA GLY B 398 2.37 -22.16 11.44
C GLY B 398 3.49 -21.12 11.48
N TRP B 399 4.33 -21.03 10.46
CA TRP B 399 5.49 -20.13 10.52
C TRP B 399 5.94 -19.58 9.17
N LEU B 400 5.62 -20.29 8.08
CA LEU B 400 5.88 -19.84 6.72
C LEU B 400 4.65 -19.09 6.19
N ASN B 401 4.87 -17.93 5.57
CA ASN B 401 3.82 -17.11 5.01
C ASN B 401 3.77 -17.33 3.50
N GLY B 402 2.86 -18.20 3.07
CA GLY B 402 2.84 -18.64 1.69
C GLY B 402 1.55 -18.31 0.97
N ILE B 403 1.69 -18.02 -0.32
CA ILE B 403 0.56 -17.93 -1.25
C ILE B 403 0.67 -19.07 -2.26
N LYS B 404 -0.30 -19.98 -2.25
CA LYS B 404 -0.21 -21.13 -3.14
C LYS B 404 -0.65 -20.77 -4.55
N HIS B 405 -1.69 -19.96 -4.68
CA HIS B 405 -2.25 -19.66 -6.00
C HIS B 405 -2.87 -18.27 -5.98
N TRP B 406 -2.85 -17.62 -7.14
CA TRP B 406 -3.44 -16.29 -7.24
C TRP B 406 -3.71 -16.03 -8.73
N GLN B 407 -4.99 -15.93 -9.09
CA GLN B 407 -5.39 -15.77 -10.47
C GLN B 407 -5.30 -14.31 -10.88
N VAL B 408 -4.61 -14.04 -11.99
CA VAL B 408 -4.34 -12.66 -12.42
C VAL B 408 -4.60 -12.55 -13.91
N ASP B 409 -5.09 -11.36 -14.31
CA ASP B 409 -5.25 -11.00 -15.73
C ASP B 409 -4.08 -10.10 -16.15
N TYR B 410 -3.20 -10.62 -17.01
CA TYR B 410 -1.97 -9.89 -17.33
C TYR B 410 -2.20 -8.74 -18.31
N THR B 411 -3.20 -8.87 -19.20
CA THR B 411 -3.46 -7.80 -20.16
C THR B 411 -4.27 -6.68 -19.51
N GLY B 412 -5.07 -7.02 -18.50
CA GLY B 412 -5.94 -6.07 -17.86
C GLY B 412 -7.05 -5.59 -18.78
N SER C 4 -8.40 6.80 20.73
CA SER C 4 -8.52 6.29 19.36
C SER C 4 -8.24 4.80 19.31
N PRO C 5 -9.02 4.05 18.52
CA PRO C 5 -8.79 2.60 18.43
C PRO C 5 -7.57 2.25 17.60
N ASN C 6 -6.89 1.19 18.03
CA ASN C 6 -5.65 0.74 17.39
C ASN C 6 -5.97 -0.01 16.09
N LEU C 7 -6.27 0.76 15.04
CA LEU C 7 -6.63 0.22 13.74
C LEU C 7 -5.76 0.84 12.66
N PRO C 8 -5.50 0.11 11.59
CA PRO C 8 -4.76 0.70 10.48
C PRO C 8 -5.50 1.93 9.96
N PRO C 9 -4.79 2.97 9.54
CA PRO C 9 -5.47 4.13 8.96
C PRO C 9 -6.30 3.71 7.75
N GLY C 10 -7.48 4.31 7.63
CA GLY C 10 -8.32 4.04 6.47
C GLY C 10 -9.18 2.80 6.59
N PHE C 11 -9.05 2.03 7.66
CA PHE C 11 -9.80 0.78 7.81
C PHE C 11 -11.29 1.04 7.69
N ASP C 12 -11.98 0.22 6.89
CA ASP C 12 -13.43 0.32 6.67
C ASP C 12 -14.06 -1.05 6.95
N PHE C 13 -14.91 -1.11 7.97
CA PHE C 13 -15.50 -2.38 8.39
C PHE C 13 -16.54 -2.93 7.41
N THR C 14 -16.96 -2.15 6.40
CA THR C 14 -17.79 -2.70 5.33
C THR C 14 -17.01 -3.07 4.07
N ASP C 15 -15.67 -3.09 4.14
CA ASP C 15 -14.85 -3.40 2.95
C ASP C 15 -14.98 -4.85 2.51
N PRO C 16 -15.52 -5.11 1.31
CA PRO C 16 -15.71 -6.51 0.89
C PRO C 16 -14.44 -7.30 0.82
N ALA C 17 -13.31 -6.64 0.57
CA ALA C 17 -12.06 -7.38 0.46
C ALA C 17 -11.67 -8.01 1.79
N ILE C 18 -12.12 -7.41 2.89
CA ILE C 18 -11.90 -8.02 4.20
C ILE C 18 -12.60 -9.37 4.26
N TYR C 19 -13.90 -9.37 3.94
CA TYR C 19 -14.73 -10.56 4.15
C TYR C 19 -14.46 -11.64 3.14
N ALA C 20 -13.90 -11.30 1.97
CA ALA C 20 -13.42 -12.33 1.05
C ALA C 20 -12.30 -13.17 1.69
N GLU C 21 -11.62 -12.63 2.69
CA GLU C 21 -10.49 -13.28 3.36
C GLU C 21 -10.86 -13.82 4.73
N ARG C 22 -11.56 -13.03 5.53
CA ARG C 22 -11.74 -13.30 6.95
C ARG C 22 -12.86 -12.46 7.52
N LEU C 23 -13.32 -12.88 8.69
CA LEU C 23 -14.11 -12.01 9.55
C LEU C 23 -13.17 -11.21 10.44
N PRO C 24 -13.35 -9.89 10.56
CA PRO C 24 -12.37 -9.05 11.29
C PRO C 24 -12.57 -9.09 12.81
N VAL C 25 -12.51 -10.29 13.37
CA VAL C 25 -12.86 -10.48 14.78
C VAL C 25 -12.03 -9.56 15.67
N ALA C 26 -10.72 -9.56 15.47
CA ALA C 26 -9.84 -8.81 16.38
C ALA C 26 -10.09 -7.32 16.26
N GLU C 27 -10.32 -6.83 15.03
CA GLU C 27 -10.60 -5.42 14.85
C GLU C 27 -11.91 -5.04 15.52
N PHE C 28 -12.94 -5.89 15.39
CA PHE C 28 -14.18 -5.62 16.09
C PHE C 28 -13.93 -5.61 17.60
N ALA C 29 -13.14 -6.57 18.09
CA ALA C 29 -12.87 -6.60 19.53
C ALA C 29 -12.20 -5.29 19.97
N GLU C 30 -11.31 -4.75 19.14
CA GLU C 30 -10.62 -3.51 19.51
C GLU C 30 -11.59 -2.34 19.60
N LEU C 31 -12.57 -2.24 18.70
CA LEU C 31 -13.59 -1.19 18.87
C LEU C 31 -14.38 -1.38 20.15
N ARG C 32 -14.87 -2.59 20.40
CA ARG C 32 -15.65 -2.79 21.60
C ARG C 32 -14.86 -2.38 22.83
N SER C 33 -13.54 -2.54 22.79
CA SER C 33 -12.68 -2.27 23.94
C SER C 33 -12.36 -0.79 24.07
N ALA C 34 -12.13 -0.11 22.94
CA ALA C 34 -11.58 1.23 22.93
C ALA C 34 -12.50 2.29 22.32
N ALA C 35 -13.47 1.90 21.51
CA ALA C 35 -14.29 2.89 20.81
C ALA C 35 -15.57 2.20 20.35
N PRO C 36 -16.46 1.87 21.29
CA PRO C 36 -17.59 1.00 20.95
C PRO C 36 -18.54 1.62 19.95
N ILE C 37 -18.60 2.94 19.88
CA ILE C 37 -19.25 3.64 18.77
C ILE C 37 -18.18 4.49 18.13
N TRP C 38 -17.90 4.23 16.86
CA TRP C 38 -16.74 4.81 16.22
C TRP C 38 -17.09 5.27 14.83
N TRP C 39 -16.65 6.48 14.46
CA TRP C 39 -16.91 6.97 13.12
C TRP C 39 -16.01 6.23 12.15
N ASN C 40 -16.63 5.48 11.24
CA ASN C 40 -15.96 4.80 10.14
C ASN C 40 -16.03 5.72 8.94
N GLY C 41 -14.97 6.51 8.72
CA GLY C 41 -14.91 7.36 7.55
C GLY C 41 -14.65 6.58 6.27
N GLN C 42 -15.28 7.04 5.18
CA GLN C 42 -15.09 6.46 3.86
C GLN C 42 -14.67 7.55 2.89
N ASP C 43 -13.65 7.29 2.10
CA ASP C 43 -13.20 8.25 1.11
C ASP C 43 -14.26 8.45 0.03
N PRO C 44 -14.18 9.56 -0.72
CA PRO C 44 -15.10 9.77 -1.84
C PRO C 44 -14.98 8.64 -2.85
N GLY C 45 -16.14 8.19 -3.33
CA GLY C 45 -16.21 7.09 -4.28
C GLY C 45 -16.02 5.72 -3.69
N LYS C 46 -15.76 5.61 -2.38
CA LYS C 46 -15.47 4.35 -1.73
C LYS C 46 -16.46 4.10 -0.58
N GLY C 47 -17.70 4.53 -0.78
CA GLY C 47 -18.72 4.37 0.24
C GLY C 47 -19.71 3.24 -0.08
N GLY C 48 -19.34 2.36 -1.00
CA GLY C 48 -20.25 1.28 -1.36
C GLY C 48 -21.62 1.72 -1.84
N GLY C 49 -21.68 2.84 -2.57
CA GLY C 49 -22.92 3.38 -3.06
C GLY C 49 -23.50 4.51 -2.26
N PHE C 50 -22.94 4.81 -1.10
CA PHE C 50 -23.39 5.93 -0.28
C PHE C 50 -22.29 6.99 -0.31
N HIS C 51 -22.71 8.25 -0.30
CA HIS C 51 -21.80 9.38 -0.50
C HIS C 51 -21.97 10.39 0.60
N ASP C 52 -21.83 9.93 1.85
CA ASP C 52 -22.03 10.78 3.03
C ASP C 52 -20.82 10.84 3.94
N GLY C 53 -19.67 10.32 3.49
CA GLY C 53 -18.44 10.43 4.25
C GLY C 53 -18.16 9.30 5.22
N GLY C 54 -19.15 8.46 5.52
CA GLY C 54 -18.96 7.33 6.41
C GLY C 54 -20.21 7.07 7.23
N PHE C 55 -20.01 6.29 8.29
CA PHE C 55 -21.10 5.82 9.13
C PHE C 55 -20.55 5.55 10.52
N TRP C 56 -21.44 5.52 11.49
CA TRP C 56 -21.09 5.12 12.83
C TRP C 56 -21.09 3.60 12.94
N ALA C 57 -19.95 3.02 13.30
CA ALA C 57 -19.86 1.59 13.59
C ALA C 57 -20.47 1.30 14.96
N ILE C 58 -21.47 0.42 14.99
CA ILE C 58 -22.11 -0.03 16.22
C ILE C 58 -21.64 -1.45 16.54
N THR C 59 -21.00 -1.63 17.70
CA THR C 59 -20.30 -2.87 17.98
C THR C 59 -20.78 -3.59 19.23
N LYS C 60 -21.56 -2.94 20.09
CA LYS C 60 -22.02 -3.53 21.32
C LYS C 60 -23.45 -4.00 21.17
N LEU C 61 -23.76 -5.10 21.83
CA LEU C 61 -25.07 -5.70 21.66
C LEU C 61 -26.18 -4.76 22.12
N ASN C 62 -26.02 -4.16 23.31
CA ASN C 62 -27.07 -3.30 23.83
C ASN C 62 -27.33 -2.13 22.89
N ASP C 63 -26.28 -1.60 22.25
CA ASP C 63 -26.47 -0.51 21.29
C ASP C 63 -27.22 -0.98 20.05
N VAL C 64 -26.94 -2.21 19.59
CA VAL C 64 -27.68 -2.76 18.45
C VAL C 64 -29.16 -2.89 18.79
N LYS C 65 -29.49 -3.41 19.97
CA LYS C 65 -30.90 -3.58 20.29
C LYS C 65 -31.63 -2.25 20.43
N GLU C 66 -30.96 -1.25 21.00
CA GLU C 66 -31.60 0.06 21.19
C GLU C 66 -31.90 0.72 19.85
N ILE C 67 -30.98 0.62 18.90
CA ILE C 67 -31.27 1.09 17.56
C ILE C 67 -32.46 0.31 16.99
N SER C 68 -32.45 -1.01 17.14
CA SER C 68 -33.49 -1.81 16.53
C SER C 68 -34.85 -1.54 17.17
N ARG C 69 -34.87 -1.22 18.47
CA ARG C 69 -36.11 -0.92 19.17
C ARG C 69 -36.63 0.47 18.84
N HIS C 70 -35.74 1.40 18.50
CA HIS C 70 -36.16 2.77 18.21
C HIS C 70 -36.26 2.98 16.69
N SER C 71 -37.16 2.19 16.09
CA SER C 71 -37.45 2.33 14.68
C SER C 71 -37.99 3.71 14.36
N ASP C 72 -38.73 4.31 15.31
CA ASP C 72 -39.21 5.67 15.12
C ASP C 72 -38.08 6.59 14.68
N VAL C 73 -36.90 6.41 15.25
CA VAL C 73 -35.74 7.26 14.97
C VAL C 73 -34.86 6.66 13.89
N PHE C 74 -34.56 5.36 13.97
CA PHE C 74 -33.57 4.73 13.09
C PHE C 74 -34.31 4.01 11.97
N SER C 75 -34.28 4.62 10.79
CA SER C 75 -35.14 4.26 9.68
C SER C 75 -34.47 3.21 8.80
N SER C 76 -35.26 2.24 8.36
CA SER C 76 -34.80 1.33 7.32
C SER C 76 -35.03 1.92 5.92
N TYR C 77 -36.00 2.82 5.77
CA TYR C 77 -36.43 3.25 4.44
C TYR C 77 -35.46 4.24 3.79
N GLU C 78 -34.93 5.18 4.55
N GLU C 78 -34.88 5.16 4.54
CA GLU C 78 -34.21 6.32 3.97
CA GLU C 78 -34.25 6.32 3.92
C GLU C 78 -33.10 5.86 3.06
C GLU C 78 -32.99 5.96 3.15
N ASN C 79 -32.31 4.86 3.50
CA ASN C 79 -31.15 4.41 2.76
C ASN C 79 -31.10 2.91 2.60
N GLY C 80 -32.16 2.19 2.96
CA GLY C 80 -32.12 0.76 2.97
C GLY C 80 -31.33 0.26 4.18
N VAL C 81 -31.31 -1.06 4.33
CA VAL C 81 -30.56 -1.66 5.43
C VAL C 81 -29.27 -2.32 4.97
N ILE C 82 -29.05 -2.44 3.66
CA ILE C 82 -27.80 -3.06 3.19
C ILE C 82 -26.74 -1.97 3.16
N PRO C 83 -25.59 -2.14 3.85
CA PRO C 83 -24.64 -1.03 4.00
C PRO C 83 -23.55 -0.96 2.94
N ARG C 84 -23.58 -1.82 1.92
CA ARG C 84 -22.51 -1.83 0.95
C ARG C 84 -22.99 -2.47 -0.34
N PHE C 85 -22.86 -1.73 -1.43
CA PHE C 85 -23.05 -2.21 -2.80
C PHE C 85 -21.76 -1.94 -3.57
N LYS C 86 -21.79 -2.24 -4.86
CA LYS C 86 -20.68 -1.83 -5.72
C LYS C 86 -20.57 -0.31 -5.61
N ASN C 87 -19.34 0.19 -5.65
CA ASN C 87 -19.12 1.61 -5.40
C ASN C 87 -19.85 2.50 -6.41
N ASP C 88 -20.02 2.03 -7.65
CA ASP C 88 -20.62 2.87 -8.69
C ASP C 88 -22.11 2.60 -8.90
N ILE C 89 -22.79 2.01 -7.90
CA ILE C 89 -24.21 1.70 -8.04
C ILE C 89 -25.02 2.98 -8.12
N ALA C 90 -25.99 3.02 -9.04
CA ALA C 90 -26.88 4.16 -9.14
C ALA C 90 -27.78 4.24 -7.92
N ARG C 91 -28.09 5.47 -7.50
CA ARG C 91 -28.95 5.66 -6.34
C ARG C 91 -30.32 5.03 -6.55
N GLU C 92 -30.86 5.12 -7.78
CA GLU C 92 -32.15 4.53 -8.05
CA GLU C 92 -32.16 4.52 -8.06
C GLU C 92 -32.17 3.03 -7.73
N ASP C 93 -31.03 2.36 -7.90
CA ASP C 93 -30.93 0.93 -7.61
C ASP C 93 -30.92 0.65 -6.10
N ILE C 94 -30.45 1.62 -5.29
CA ILE C 94 -30.61 1.49 -3.85
C ILE C 94 -32.07 1.71 -3.47
N GLU C 95 -32.71 2.72 -4.06
CA GLU C 95 -34.05 3.12 -3.63
C GLU C 95 -35.10 2.10 -4.05
N VAL C 96 -34.89 1.36 -5.13
CA VAL C 96 -35.87 0.36 -5.56
C VAL C 96 -35.98 -0.77 -4.54
N GLN C 97 -35.04 -0.83 -3.61
CA GLN C 97 -35.09 -1.78 -2.51
C GLN C 97 -36.25 -1.50 -1.57
N ARG C 98 -36.81 -0.29 -1.60
CA ARG C 98 -37.90 0.06 -0.71
C ARG C 98 -39.17 -0.71 -1.00
N PHE C 99 -39.21 -1.48 -2.09
CA PHE C 99 -40.42 -2.20 -2.43
C PHE C 99 -40.55 -3.51 -1.68
N VAL C 100 -39.55 -3.90 -0.89
CA VAL C 100 -39.67 -5.08 -0.06
C VAL C 100 -39.77 -4.63 1.39
N MET C 101 -40.44 -5.46 2.18
CA MET C 101 -40.82 -5.09 3.54
C MET C 101 -39.63 -4.67 4.38
N LEU C 102 -38.48 -5.32 4.14
CA LEU C 102 -37.31 -5.08 4.97
C LEU C 102 -36.88 -3.61 4.98
N ASN C 103 -37.12 -2.89 3.87
CA ASN C 103 -36.64 -1.53 3.71
C ASN C 103 -37.77 -0.51 3.74
N MET C 104 -38.77 -0.78 4.56
CA MET C 104 -39.95 0.04 4.74
C MET C 104 -40.00 0.49 6.20
N ASP C 105 -40.67 1.60 6.47
CA ASP C 105 -40.94 2.00 7.82
C ASP C 105 -42.45 1.96 8.08
N ALA C 106 -42.82 1.99 9.36
CA ALA C 106 -44.21 2.23 9.71
C ALA C 106 -44.68 3.55 9.08
N PRO C 107 -45.98 3.67 8.74
CA PRO C 107 -47.01 2.65 8.90
C PRO C 107 -47.04 1.60 7.80
N HIS C 108 -46.45 1.90 6.65
CA HIS C 108 -46.47 0.97 5.51
C HIS C 108 -45.93 -0.40 5.91
N HIS C 109 -44.80 -0.43 6.60
CA HIS C 109 -44.22 -1.69 7.04
C HIS C 109 -45.16 -2.45 7.96
N THR C 110 -45.91 -1.73 8.79
CA THR C 110 -46.71 -2.40 9.82
C THR C 110 -47.80 -3.27 9.20
N ARG C 111 -48.43 -2.78 8.15
CA ARG C 111 -49.52 -3.52 7.52
C ARG C 111 -49.00 -4.79 6.84
N LEU C 112 -47.91 -4.66 6.08
CA LEU C 112 -47.41 -5.83 5.37
C LEU C 112 -46.91 -6.88 6.35
N ARG C 113 -46.21 -6.45 7.39
CA ARG C 113 -45.69 -7.40 8.37
C ARG C 113 -46.83 -8.17 9.02
N LYS C 114 -47.92 -7.49 9.38
CA LYS C 114 -49.04 -8.16 10.03
C LYS C 114 -49.65 -9.23 9.13
N ILE C 115 -49.74 -8.95 7.83
CA ILE C 115 -50.30 -9.92 6.89
C ILE C 115 -49.31 -11.06 6.65
N ILE C 116 -48.06 -10.70 6.39
CA ILE C 116 -47.09 -11.71 5.97
C ILE C 116 -46.72 -12.63 7.11
N SER C 117 -46.72 -12.12 8.34
N SER C 117 -46.74 -12.12 8.34
CA SER C 117 -46.35 -12.96 9.48
CA SER C 117 -46.38 -12.95 9.49
C SER C 117 -47.27 -14.17 9.64
C SER C 117 -47.25 -14.18 9.62
N ARG C 118 -48.50 -14.11 9.13
CA ARG C 118 -49.37 -15.29 9.20
C ARG C 118 -48.74 -16.48 8.50
N GLY C 119 -47.81 -16.24 7.56
CA GLY C 119 -47.18 -17.34 6.88
C GLY C 119 -46.02 -17.97 7.60
N PHE C 120 -45.59 -17.40 8.72
CA PHE C 120 -44.37 -17.84 9.40
C PHE C 120 -44.63 -18.14 10.87
N THR C 121 -45.88 -18.37 11.24
CA THR C 121 -46.21 -18.72 12.61
C THR C 121 -45.60 -20.08 12.96
N PRO C 122 -45.40 -20.34 14.26
CA PRO C 122 -44.99 -21.71 14.64
C PRO C 122 -45.82 -22.80 13.96
N ARG C 123 -47.14 -22.59 13.81
CA ARG C 123 -47.97 -23.60 13.19
C ARG C 123 -47.69 -23.71 11.69
N ALA C 124 -47.66 -22.57 10.98
CA ALA C 124 -47.35 -22.59 9.56
C ALA C 124 -46.00 -23.23 9.29
N VAL C 125 -45.00 -22.92 10.14
CA VAL C 125 -43.68 -23.53 9.97
C VAL C 125 -43.76 -25.02 10.29
N GLY C 126 -44.47 -25.37 11.35
CA GLY C 126 -44.67 -26.78 11.67
C GLY C 126 -45.25 -27.58 10.52
N ARG C 127 -46.06 -26.95 9.68
CA ARG C 127 -46.66 -27.72 8.57
C ARG C 127 -45.61 -28.15 7.54
N LEU C 128 -44.48 -27.45 7.52
CA LEU C 128 -43.40 -27.84 6.61
C LEU C 128 -42.47 -28.86 7.22
N HIS C 129 -42.63 -29.18 8.51
CA HIS C 129 -41.65 -30.01 9.20
C HIS C 129 -41.46 -31.36 8.50
N ASP C 130 -42.55 -32.09 8.28
CA ASP C 130 -42.40 -33.45 7.75
C ASP C 130 -41.69 -33.45 6.40
N GLU C 131 -42.13 -32.61 5.45
CA GLU C 131 -41.51 -32.67 4.14
C GLU C 131 -40.03 -32.22 4.20
N LEU C 132 -39.70 -31.27 5.08
CA LEU C 132 -38.31 -30.83 5.14
C LEU C 132 -37.45 -31.86 5.85
N GLN C 133 -38.02 -32.56 6.86
CA GLN C 133 -37.29 -33.64 7.52
C GLN C 133 -36.96 -34.77 6.55
N GLU C 134 -37.95 -35.22 5.79
CA GLU C 134 -37.68 -36.23 4.76
C GLU C 134 -36.60 -35.77 3.79
N ARG C 135 -36.70 -34.52 3.33
CA ARG C 135 -35.72 -34.06 2.36
C ARG C 135 -34.34 -33.94 3.02
N ALA C 136 -34.31 -33.43 4.27
CA ALA C 136 -33.03 -33.32 4.97
C ALA C 136 -32.34 -34.67 5.03
N GLN C 137 -33.10 -35.73 5.38
CA GLN C 137 -32.53 -37.05 5.52
C GLN C 137 -31.96 -37.53 4.20
N LYS C 138 -32.69 -37.30 3.10
CA LYS C 138 -32.23 -37.74 1.79
C LYS C 138 -30.95 -37.02 1.40
N ILE C 139 -30.90 -35.71 1.66
CA ILE C 139 -29.72 -34.91 1.32
C ILE C 139 -28.49 -35.48 2.01
N ALA C 140 -28.58 -35.68 3.32
CA ALA C 140 -27.45 -36.20 4.08
C ALA C 140 -27.07 -37.60 3.61
N ALA C 141 -28.05 -38.45 3.34
CA ALA C 141 -27.76 -39.79 2.84
C ALA C 141 -27.03 -39.71 1.50
N GLU C 142 -27.56 -38.91 0.57
CA GLU C 142 -26.90 -38.76 -0.73
C GLU C 142 -25.48 -38.23 -0.57
N ALA C 143 -25.27 -37.26 0.32
CA ALA C 143 -23.92 -36.75 0.52
C ALA C 143 -23.00 -37.81 1.12
N ALA C 144 -23.48 -38.54 2.12
CA ALA C 144 -22.68 -39.61 2.71
C ALA C 144 -22.33 -40.66 1.67
N ALA C 145 -23.22 -40.90 0.70
CA ALA C 145 -22.96 -41.91 -0.32
C ALA C 145 -21.93 -41.44 -1.32
N ALA C 146 -21.86 -40.13 -1.57
CA ALA C 146 -20.81 -39.58 -2.43
C ALA C 146 -19.43 -39.65 -1.80
N GLY C 147 -19.34 -39.96 -0.51
CA GLY C 147 -18.04 -40.04 0.16
C GLY C 147 -17.37 -38.73 0.55
N SER C 148 -17.24 -37.79 -0.40
CA SER C 148 -16.65 -36.50 -0.12
C SER C 148 -17.16 -35.50 -1.15
N GLY C 149 -16.97 -34.21 -0.87
CA GLY C 149 -17.32 -33.18 -1.83
C GLY C 149 -17.50 -31.82 -1.17
N ASP C 150 -18.11 -30.93 -1.94
CA ASP C 150 -18.36 -29.55 -1.50
C ASP C 150 -19.58 -29.55 -0.59
N PHE C 151 -19.33 -29.41 0.71
CA PHE C 151 -20.41 -29.42 1.71
C PHE C 151 -21.45 -28.34 1.41
N VAL C 152 -21.00 -27.17 0.95
CA VAL C 152 -21.92 -26.06 0.69
C VAL C 152 -22.98 -26.50 -0.31
N GLU C 153 -22.55 -27.11 -1.42
CA GLU C 153 -23.46 -27.51 -2.48
C GLU C 153 -24.22 -28.77 -2.10
N GLN C 154 -23.55 -29.72 -1.46
CA GLN C 154 -24.13 -31.05 -1.24
C GLN C 154 -24.97 -31.13 0.03
N VAL C 155 -24.79 -30.22 0.98
CA VAL C 155 -25.50 -30.32 2.25
C VAL C 155 -26.18 -29.02 2.65
N SER C 156 -25.57 -27.85 2.39
CA SER C 156 -26.14 -26.59 2.88
C SER C 156 -27.15 -25.92 1.96
N CYS C 157 -26.96 -26.06 0.64
N CYS C 157 -26.96 -26.07 0.64
CA CYS C 157 -27.66 -25.22 -0.32
CA CYS C 157 -27.65 -25.22 -0.31
C CYS C 157 -29.14 -25.57 -0.43
C CYS C 157 -29.13 -25.57 -0.47
N GLU C 158 -29.47 -26.87 -0.52
CA GLU C 158 -30.78 -27.23 -1.03
C GLU C 158 -31.90 -27.02 -0.03
N LEU C 159 -31.72 -27.41 1.24
CA LEU C 159 -32.87 -27.44 2.14
C LEU C 159 -33.46 -26.05 2.36
N PRO C 160 -32.67 -24.98 2.52
CA PRO C 160 -33.29 -23.65 2.63
C PRO C 160 -34.10 -23.31 1.41
N LEU C 161 -33.66 -23.74 0.22
CA LEU C 161 -34.43 -23.45 -0.98
C LEU C 161 -35.70 -24.30 -1.03
N GLN C 162 -35.67 -25.54 -0.53
CA GLN C 162 -36.90 -26.33 -0.54
C GLN C 162 -37.89 -25.82 0.50
N ALA C 163 -37.39 -25.18 1.55
CA ALA C 163 -38.26 -24.56 2.54
C ALA C 163 -39.03 -23.41 1.92
N ILE C 164 -38.35 -22.59 1.12
CA ILE C 164 -39.02 -21.52 0.39
C ILE C 164 -40.02 -22.09 -0.59
N ALA C 165 -39.58 -23.02 -1.43
CA ALA C 165 -40.49 -23.62 -2.41
C ALA C 165 -41.69 -24.24 -1.71
N GLY C 166 -41.47 -24.88 -0.56
CA GLY C 166 -42.55 -25.57 0.11
C GLY C 166 -43.52 -24.59 0.72
N LEU C 167 -42.99 -23.49 1.25
CA LEU C 167 -43.86 -22.49 1.83
C LEU C 167 -44.77 -21.91 0.77
N LEU C 168 -44.26 -21.75 -0.46
CA LEU C 168 -45.01 -21.13 -1.52
C LEU C 168 -45.86 -22.09 -2.33
N GLY C 169 -45.72 -23.40 -2.14
CA GLY C 169 -46.47 -24.35 -2.95
C GLY C 169 -46.02 -24.42 -4.40
N VAL C 170 -44.75 -24.20 -4.66
CA VAL C 170 -44.22 -24.23 -6.03
C VAL C 170 -44.19 -25.65 -6.56
N PRO C 171 -44.84 -25.96 -7.69
CA PRO C 171 -44.79 -27.34 -8.19
C PRO C 171 -43.35 -27.79 -8.46
N GLN C 172 -43.14 -29.09 -8.34
CA GLN C 172 -41.79 -29.65 -8.45
C GLN C 172 -41.11 -29.26 -9.76
N GLU C 173 -41.86 -29.24 -10.87
CA GLU C 173 -41.25 -28.95 -12.17
C GLU C 173 -40.74 -27.51 -12.28
N ASP C 174 -41.21 -26.63 -11.40
CA ASP C 174 -40.82 -25.22 -11.41
C ASP C 174 -39.70 -24.86 -10.44
N ARG C 175 -39.28 -25.79 -9.58
CA ARG C 175 -38.33 -25.45 -8.52
C ARG C 175 -36.93 -25.21 -9.09
N GLY C 176 -36.61 -25.87 -10.19
CA GLY C 176 -35.33 -25.63 -10.82
C GLY C 176 -35.14 -24.16 -11.19
N LYS C 177 -36.11 -23.60 -11.91
CA LYS C 177 -35.97 -22.19 -12.27
C LYS C 177 -36.20 -21.29 -11.05
N LEU C 178 -37.04 -21.70 -10.09
CA LEU C 178 -37.13 -20.92 -8.87
C LEU C 178 -35.77 -20.82 -8.17
N PHE C 179 -35.08 -21.95 -8.02
CA PHE C 179 -33.79 -21.93 -7.34
C PHE C 179 -32.76 -21.11 -8.11
N HIS C 180 -32.82 -21.18 -9.44
CA HIS C 180 -31.90 -20.43 -10.28
C HIS C 180 -32.04 -18.93 -10.04
N TRP C 181 -33.24 -18.40 -10.21
CA TRP C 181 -33.48 -16.99 -9.93
C TRP C 181 -33.04 -16.62 -8.52
N SER C 182 -33.47 -17.40 -7.52
CA SER C 182 -33.11 -17.06 -6.14
C SER C 182 -31.61 -16.97 -5.98
N ASN C 183 -30.86 -17.86 -6.61
CA ASN C 183 -29.41 -17.77 -6.49
C ASN C 183 -28.84 -16.62 -7.32
N GLU C 184 -29.41 -16.32 -8.48
CA GLU C 184 -28.91 -15.18 -9.26
C GLU C 184 -29.21 -13.82 -8.61
N MET C 185 -30.10 -13.76 -7.62
CA MET C 185 -30.33 -12.52 -6.89
C MET C 185 -29.43 -12.38 -5.68
N THR C 186 -28.40 -13.21 -5.59
CA THR C 186 -27.47 -13.09 -4.47
C THR C 186 -26.64 -11.82 -4.59
N GLY C 187 -26.18 -11.52 -5.80
CA GLY C 187 -25.28 -10.39 -6.02
C GLY C 187 -24.03 -10.81 -6.76
N ASN C 188 -23.55 -9.96 -7.66
CA ASN C 188 -22.39 -10.26 -8.49
C ASN C 188 -21.11 -9.66 -7.92
N GLU C 189 -21.08 -9.38 -6.62
CA GLU C 189 -19.97 -8.69 -5.97
C GLU C 189 -18.72 -9.58 -5.82
N ASP C 190 -18.87 -10.89 -5.82
CA ASP C 190 -17.74 -11.81 -5.76
C ASP C 190 -17.31 -12.20 -7.17
N PRO C 191 -16.01 -12.25 -7.47
CA PRO C 191 -15.57 -12.55 -8.86
C PRO C 191 -16.14 -13.86 -9.42
N GLU C 192 -16.41 -14.85 -8.58
CA GLU C 192 -17.01 -16.09 -9.08
C GLU C 192 -18.40 -15.87 -9.66
N TYR C 193 -19.10 -14.80 -9.26
CA TYR C 193 -20.48 -14.53 -9.70
C TYR C 193 -20.58 -13.24 -10.48
N ALA C 194 -19.49 -12.82 -11.14
CA ALA C 194 -19.50 -11.53 -11.82
C ALA C 194 -20.51 -11.49 -12.96
N HIS C 195 -20.88 -12.65 -13.50
CA HIS C 195 -21.84 -12.80 -14.59
C HIS C 195 -23.30 -12.70 -14.14
N ILE C 196 -23.56 -12.87 -12.85
CA ILE C 196 -24.91 -12.85 -12.32
C ILE C 196 -25.62 -11.57 -12.70
N ASP C 197 -26.91 -11.69 -13.05
CA ASP C 197 -27.76 -10.58 -13.48
C ASP C 197 -28.92 -10.40 -12.50
N PRO C 198 -28.66 -9.74 -11.36
CA PRO C 198 -29.72 -9.67 -10.34
C PRO C 198 -31.01 -9.08 -10.86
N LYS C 199 -30.93 -7.99 -11.62
CA LYS C 199 -32.15 -7.32 -12.07
C LYS C 199 -32.99 -8.26 -12.92
N ALA C 200 -32.35 -9.03 -13.80
CA ALA C 200 -33.09 -9.86 -14.73
C ALA C 200 -33.88 -10.94 -13.98
N SER C 201 -33.22 -11.61 -13.03
N SER C 201 -33.23 -11.62 -13.03
CA SER C 201 -33.88 -12.67 -12.29
CA SER C 201 -33.91 -12.69 -12.33
C SER C 201 -34.99 -12.12 -11.40
C SER C 201 -34.98 -12.15 -11.37
N SER C 202 -34.80 -10.92 -10.82
N SER C 202 -34.79 -10.94 -10.83
CA SER C 202 -35.87 -10.32 -10.04
CA SER C 202 -35.87 -10.32 -10.06
C SER C 202 -37.10 -10.04 -10.89
C SER C 202 -37.10 -10.10 -10.91
N ALA C 203 -36.90 -9.70 -12.17
CA ALA C 203 -38.03 -9.52 -13.06
C ALA C 203 -38.74 -10.85 -13.29
N GLU C 204 -37.97 -11.92 -13.48
CA GLU C 204 -38.59 -13.21 -13.80
C GLU C 204 -39.34 -13.73 -12.59
N LEU C 205 -38.75 -13.62 -11.41
CA LEU C 205 -39.44 -14.06 -10.21
C LEU C 205 -40.75 -13.31 -10.03
N ILE C 206 -40.71 -11.99 -10.20
CA ILE C 206 -41.91 -11.17 -10.03
C ILE C 206 -42.99 -11.63 -11.00
N GLY C 207 -42.62 -11.87 -12.26
CA GLY C 207 -43.61 -12.35 -13.22
C GLY C 207 -44.16 -13.71 -12.82
N TYR C 208 -43.29 -14.57 -12.29
CA TYR C 208 -43.77 -15.87 -11.83
C TYR C 208 -44.82 -15.71 -10.74
N ALA C 209 -44.52 -14.87 -9.74
CA ALA C 209 -45.43 -14.70 -8.61
C ALA C 209 -46.77 -14.13 -9.08
N MET C 210 -46.73 -13.23 -10.06
CA MET C 210 -47.96 -12.76 -10.70
C MET C 210 -48.81 -13.93 -11.14
N LYS C 211 -48.25 -14.81 -11.98
CA LYS C 211 -49.05 -15.93 -12.45
C LYS C 211 -49.56 -16.77 -11.27
N MET C 212 -48.75 -16.93 -10.23
N MET C 212 -48.73 -16.96 -10.25
CA MET C 212 -49.21 -17.69 -9.07
CA MET C 212 -49.19 -17.67 -9.05
C MET C 212 -50.35 -16.96 -8.37
C MET C 212 -50.36 -16.96 -8.42
N ALA C 213 -50.21 -15.65 -8.15
CA ALA C 213 -51.28 -14.88 -7.52
C ALA C 213 -52.52 -14.87 -8.39
N GLU C 214 -52.36 -14.71 -9.71
CA GLU C 214 -53.53 -14.74 -10.58
C GLU C 214 -54.23 -16.10 -10.50
N GLU C 215 -53.45 -17.19 -10.52
CA GLU C 215 -54.04 -18.53 -10.49
C GLU C 215 -54.79 -18.79 -9.19
N LYS C 216 -54.25 -18.34 -8.05
CA LYS C 216 -54.89 -18.59 -6.77
C LYS C 216 -56.13 -17.73 -6.56
N ALA C 217 -56.24 -16.59 -7.26
CA ALA C 217 -57.49 -15.84 -7.20
C ALA C 217 -58.61 -16.61 -7.90
N LYS C 218 -58.26 -17.40 -8.92
CA LYS C 218 -59.25 -18.20 -9.64
C LYS C 218 -59.46 -19.58 -9.03
N ASN C 219 -58.46 -20.14 -8.35
CA ASN C 219 -58.59 -21.42 -7.65
C ASN C 219 -58.00 -21.32 -6.25
N PRO C 220 -58.68 -20.65 -5.34
CA PRO C 220 -58.18 -20.57 -3.96
C PRO C 220 -58.12 -21.95 -3.34
N ALA C 221 -57.09 -22.15 -2.51
CA ALA C 221 -56.85 -23.41 -1.84
C ALA C 221 -56.62 -23.14 -0.35
N ASP C 222 -56.32 -24.20 0.38
CA ASP C 222 -56.02 -24.09 1.81
C ASP C 222 -54.50 -24.07 2.02
N ASP C 223 -53.87 -22.97 1.57
CA ASP C 223 -52.41 -22.86 1.63
C ASP C 223 -52.02 -21.43 2.00
N ILE C 224 -50.74 -21.11 1.81
CA ILE C 224 -50.24 -19.83 2.26
C ILE C 224 -50.51 -18.73 1.24
N VAL C 225 -50.29 -19.01 -0.05
CA VAL C 225 -50.38 -17.94 -1.04
C VAL C 225 -51.82 -17.45 -1.14
N THR C 226 -52.79 -18.36 -1.01
CA THR C 226 -54.18 -17.95 -0.99
C THR C 226 -54.46 -17.07 0.22
N GLN C 227 -53.95 -17.45 1.40
CA GLN C 227 -54.17 -16.63 2.58
C GLN C 227 -53.66 -15.21 2.38
N LEU C 228 -52.59 -15.04 1.61
CA LEU C 228 -51.96 -13.74 1.47
C LEU C 228 -52.70 -12.82 0.50
N ILE C 229 -53.33 -13.38 -0.54
CA ILE C 229 -54.05 -12.56 -1.51
C ILE C 229 -55.54 -12.59 -1.28
N GLN C 230 -56.01 -13.35 -0.30
CA GLN C 230 -57.40 -13.35 0.10
C GLN C 230 -57.60 -12.35 1.21
N ALA C 231 -58.65 -11.55 1.11
CA ALA C 231 -58.93 -10.54 2.13
C ALA C 231 -59.23 -11.22 3.46
N ASP C 232 -58.55 -10.79 4.50
CA ASP C 232 -58.80 -11.32 5.84
C ASP C 232 -60.03 -10.64 6.43
N ILE C 233 -60.33 -10.95 7.70
CA ILE C 233 -61.52 -10.44 8.39
C ILE C 233 -61.49 -8.91 8.50
N ASP C 234 -60.33 -8.30 8.39
CA ASP C 234 -60.22 -6.84 8.40
C ASP C 234 -60.19 -6.24 6.99
N GLY C 235 -60.37 -7.06 5.95
CA GLY C 235 -60.30 -6.57 4.59
C GLY C 235 -58.90 -6.34 4.06
N GLU C 236 -57.89 -6.86 4.72
CA GLU C 236 -56.50 -6.62 4.35
C GLU C 236 -55.94 -7.78 3.52
N LYS C 237 -55.03 -7.45 2.61
CA LYS C 237 -54.47 -8.46 1.73
C LYS C 237 -53.32 -7.88 0.95
N LEU C 238 -52.37 -8.72 0.60
CA LEU C 238 -51.35 -8.32 -0.35
C LEU C 238 -52.02 -8.07 -1.70
N SER C 239 -51.68 -6.95 -2.34
CA SER C 239 -52.04 -6.77 -3.74
C SER C 239 -51.19 -7.69 -4.60
N ASP C 240 -51.53 -7.76 -5.89
CA ASP C 240 -50.73 -8.59 -6.79
C ASP C 240 -49.27 -8.14 -6.83
N ASP C 241 -49.02 -6.83 -6.89
CA ASP C 241 -47.64 -6.33 -6.82
C ASP C 241 -46.99 -6.71 -5.49
N GLU C 242 -47.72 -6.51 -4.40
CA GLU C 242 -47.14 -6.78 -3.09
C GLU C 242 -46.79 -8.25 -2.96
N PHE C 243 -47.65 -9.13 -3.46
CA PHE C 243 -47.32 -10.55 -3.45
C PHE C 243 -46.02 -10.78 -4.20
N GLY C 244 -45.84 -10.12 -5.35
CA GLY C 244 -44.60 -10.25 -6.08
C GLY C 244 -43.38 -9.91 -5.26
N PHE C 245 -43.40 -8.75 -4.60
CA PHE C 245 -42.23 -8.36 -3.81
C PHE C 245 -42.07 -9.19 -2.55
N PHE C 246 -43.15 -9.81 -2.06
CA PHE C 246 -42.98 -10.79 -1.00
C PHE C 246 -42.24 -12.04 -1.52
N VAL C 247 -42.59 -12.50 -2.71
CA VAL C 247 -41.86 -13.63 -3.27
C VAL C 247 -40.40 -13.24 -3.49
N VAL C 248 -40.16 -12.04 -4.01
CA VAL C 248 -38.79 -11.59 -4.19
C VAL C 248 -38.07 -11.50 -2.84
N MET C 249 -38.76 -10.99 -1.82
N MET C 249 -38.76 -10.99 -1.82
CA MET C 249 -38.16 -10.86 -0.50
CA MET C 249 -38.12 -10.87 -0.52
C MET C 249 -37.80 -12.23 0.06
C MET C 249 -37.79 -12.24 0.06
N LEU C 250 -38.72 -13.18 -0.06
CA LEU C 250 -38.48 -14.53 0.47
C LEU C 250 -37.39 -15.22 -0.32
N ALA C 251 -37.43 -15.11 -1.65
CA ALA C 251 -36.46 -15.84 -2.46
C ALA C 251 -35.04 -15.42 -2.14
N VAL C 252 -34.87 -14.17 -1.73
CA VAL C 252 -33.56 -13.66 -1.35
C VAL C 252 -33.28 -13.93 0.12
N ALA C 253 -34.27 -13.73 0.99
CA ALA C 253 -34.03 -13.77 2.43
C ALA C 253 -33.92 -15.19 2.96
N GLY C 254 -34.54 -16.15 2.31
CA GLY C 254 -34.57 -17.48 2.88
C GLY C 254 -33.47 -18.36 2.36
N ASN C 255 -32.54 -17.79 1.58
CA ASN C 255 -31.60 -18.61 0.83
C ASN C 255 -30.26 -18.63 1.53
N GLU C 256 -29.43 -17.63 1.24
CA GLU C 256 -28.03 -17.68 1.67
C GLU C 256 -27.86 -17.59 3.17
N THR C 257 -28.72 -16.88 3.89
CA THR C 257 -28.47 -16.75 5.33
C THR C 257 -28.53 -18.11 6.00
N THR C 258 -29.58 -18.89 5.71
CA THR C 258 -29.69 -20.19 6.35
C THR C 258 -28.60 -21.13 5.85
N ARG C 259 -28.39 -21.15 4.54
CA ARG C 259 -27.25 -21.87 3.96
C ARG C 259 -25.98 -21.62 4.75
N ASN C 260 -25.66 -20.35 5.01
CA ASN C 260 -24.39 -20.06 5.65
C ASN C 260 -24.41 -20.38 7.13
N SER C 261 -25.60 -20.43 7.75
N SER C 261 -25.60 -20.46 7.74
CA SER C 261 -25.67 -20.91 9.12
CA SER C 261 -25.67 -20.90 9.13
C SER C 261 -25.26 -22.37 9.17
C SER C 261 -25.35 -22.39 9.23
N ILE C 262 -25.72 -23.16 8.20
CA ILE C 262 -25.40 -24.58 8.18
C ILE C 262 -23.91 -24.80 7.91
N THR C 263 -23.36 -24.15 6.89
CA THR C 263 -21.92 -24.32 6.62
C THR C 263 -21.08 -23.92 7.82
N GLN C 264 -21.32 -22.73 8.36
CA GLN C 264 -20.49 -22.30 9.47
C GLN C 264 -20.81 -23.03 10.77
N GLY C 265 -22.03 -23.53 10.92
CA GLY C 265 -22.32 -24.39 12.06
C GLY C 265 -21.49 -25.67 12.01
N MET C 266 -21.38 -26.25 10.82
CA MET C 266 -20.54 -27.45 10.69
C MET C 266 -19.05 -27.14 10.85
N MET C 267 -18.59 -25.98 10.35
CA MET C 267 -17.20 -25.63 10.66
C MET C 267 -16.97 -25.41 12.13
N ALA C 268 -17.96 -24.85 12.84
CA ALA C 268 -17.82 -24.74 14.28
C ALA C 268 -17.73 -26.13 14.92
N PHE C 269 -18.59 -27.03 14.48
CA PHE C 269 -18.55 -28.38 15.00
C PHE C 269 -17.22 -29.05 14.72
N ALA C 270 -16.68 -28.84 13.52
CA ALA C 270 -15.40 -29.46 13.16
C ALA C 270 -14.27 -28.94 14.02
N GLU C 271 -14.29 -27.63 14.33
CA GLU C 271 -13.29 -27.00 15.18
C GLU C 271 -13.51 -27.31 16.67
N HIS C 272 -14.68 -27.79 17.06
CA HIS C 272 -15.01 -28.09 18.46
C HIS C 272 -15.59 -29.49 18.55
N PRO C 273 -14.75 -30.51 18.38
CA PRO C 273 -15.25 -31.89 18.35
C PRO C 273 -16.06 -32.29 19.58
N ASP C 274 -15.72 -31.78 20.76
CA ASP C 274 -16.49 -32.14 21.96
C ASP C 274 -17.93 -31.64 21.83
N GLN C 275 -18.12 -30.46 21.24
CA GLN C 275 -19.48 -29.99 21.00
C GLN C 275 -20.22 -30.87 19.98
N TRP C 276 -19.51 -31.37 18.97
CA TRP C 276 -20.15 -32.22 17.97
C TRP C 276 -20.56 -33.56 18.58
N GLU C 277 -19.74 -34.10 19.49
CA GLU C 277 -20.13 -35.35 20.14
C GLU C 277 -21.38 -35.13 21.01
N LEU C 278 -21.42 -34.00 21.71
CA LEU C 278 -22.58 -33.68 22.52
C LEU C 278 -23.83 -33.54 21.66
N TYR C 279 -23.71 -32.88 20.51
CA TYR C 279 -24.86 -32.71 19.63
C TYR C 279 -25.43 -34.06 19.22
N LYS C 280 -24.56 -34.93 18.68
CA LYS C 280 -25.03 -36.23 18.21
C LYS C 280 -25.71 -37.00 19.31
N LYS C 281 -25.24 -36.86 20.56
CA LYS C 281 -25.82 -37.61 21.66
C LYS C 281 -27.16 -37.04 22.09
N VAL C 282 -27.26 -35.71 22.15
CA VAL C 282 -28.35 -35.04 22.84
C VAL C 282 -29.27 -34.27 21.91
N ARG C 283 -28.80 -33.85 20.74
CA ARG C 283 -29.58 -33.06 19.79
C ARG C 283 -30.33 -31.92 20.51
N PRO C 284 -29.63 -31.08 21.27
CA PRO C 284 -30.32 -30.08 22.11
C PRO C 284 -30.99 -28.96 21.32
N GLU C 285 -32.15 -28.52 21.83
CA GLU C 285 -32.94 -27.48 21.18
C GLU C 285 -32.27 -26.11 21.24
N THR C 286 -31.25 -25.92 22.10
CA THR C 286 -30.48 -24.67 22.15
C THR C 286 -29.41 -24.56 21.05
N ALA C 287 -29.13 -25.63 20.32
CA ALA C 287 -28.01 -25.62 19.38
C ALA C 287 -28.23 -24.67 18.21
N ALA C 288 -29.47 -24.63 17.71
CA ALA C 288 -29.75 -23.79 16.55
C ALA C 288 -29.35 -22.35 16.82
N ASP C 289 -29.70 -21.85 18.00
CA ASP C 289 -29.41 -20.46 18.32
C ASP C 289 -27.93 -20.22 18.50
N GLU C 290 -27.19 -21.20 19.05
CA GLU C 290 -25.75 -21.00 19.17
C GLU C 290 -25.08 -21.11 17.80
N ILE C 291 -25.61 -21.95 16.91
CA ILE C 291 -25.10 -21.99 15.55
C ILE C 291 -25.31 -20.65 14.88
N VAL C 292 -26.48 -20.03 15.09
CA VAL C 292 -26.75 -18.75 14.43
C VAL C 292 -25.88 -17.65 15.02
N ARG C 293 -25.66 -17.69 16.35
CA ARG C 293 -24.77 -16.70 16.96
C ARG C 293 -23.36 -16.84 16.43
N TRP C 294 -22.87 -18.08 16.36
CA TRP C 294 -21.52 -18.30 15.85
C TRP C 294 -21.42 -17.94 14.38
N ALA C 295 -22.45 -18.27 13.61
CA ALA C 295 -22.39 -18.06 12.16
C ALA C 295 -22.64 -16.63 11.74
N THR C 296 -23.45 -15.87 12.52
CA THR C 296 -23.92 -14.52 12.22
C THR C 296 -23.92 -14.29 10.71
N PRO C 297 -24.85 -14.92 9.99
CA PRO C 297 -24.80 -14.87 8.52
C PRO C 297 -24.93 -13.46 7.95
N VAL C 298 -25.74 -12.60 8.56
CA VAL C 298 -25.77 -11.18 8.23
C VAL C 298 -24.79 -10.48 9.16
N THR C 299 -23.67 -10.07 8.60
CA THR C 299 -22.64 -9.40 9.39
C THR C 299 -23.15 -8.07 9.91
N ALA C 300 -23.85 -7.32 9.07
CA ALA C 300 -24.24 -5.96 9.39
C ALA C 300 -25.42 -5.50 8.54
N PHE C 301 -26.32 -4.81 9.22
CA PHE C 301 -27.43 -4.08 8.62
C PHE C 301 -27.37 -2.65 9.19
N GLN C 302 -27.82 -1.67 8.40
CA GLN C 302 -27.76 -0.26 8.77
C GLN C 302 -29.14 0.32 9.01
N ARG C 303 -29.14 1.51 9.64
CA ARG C 303 -30.30 2.38 9.73
C ARG C 303 -29.85 3.81 9.43
N THR C 304 -30.83 4.72 9.28
CA THR C 304 -30.50 6.14 9.10
C THR C 304 -31.27 6.95 10.12
N ALA C 305 -30.57 7.86 10.81
CA ALA C 305 -31.22 8.65 11.85
C ALA C 305 -32.14 9.69 11.20
N LEU C 306 -33.40 9.72 11.65
CA LEU C 306 -34.39 10.68 11.20
C LEU C 306 -34.40 11.95 12.04
N ARG C 307 -33.67 11.96 13.16
CA ARG C 307 -33.48 13.14 13.99
C ARG C 307 -32.21 12.90 14.81
N ASP C 308 -31.78 13.93 15.52
CA ASP C 308 -30.65 13.76 16.43
C ASP C 308 -31.03 12.80 17.54
N TYR C 309 -30.03 12.02 17.98
CA TYR C 309 -30.24 10.98 18.99
C TYR C 309 -28.92 10.77 19.71
N GLU C 310 -28.97 10.71 21.04
CA GLU C 310 -27.80 10.43 21.85
C GLU C 310 -27.80 8.96 22.19
N LEU C 311 -26.78 8.25 21.73
CA LEU C 311 -26.65 6.80 21.91
C LEU C 311 -25.38 6.50 22.69
N SER C 312 -25.54 6.02 23.94
CA SER C 312 -24.40 5.65 24.77
C SER C 312 -23.36 6.76 24.75
N GLY C 313 -23.82 7.98 25.00
CA GLY C 313 -22.95 9.13 25.11
C GLY C 313 -22.42 9.68 23.81
N VAL C 314 -22.89 9.16 22.68
CA VAL C 314 -22.45 9.64 21.37
C VAL C 314 -23.64 10.32 20.69
N GLN C 315 -23.37 11.42 20.00
CA GLN C 315 -24.42 12.21 19.36
C GLN C 315 -24.48 11.81 17.90
N ILE C 316 -25.55 11.14 17.50
CA ILE C 316 -25.80 10.86 16.09
C ILE C 316 -26.68 11.96 15.54
N LYS C 317 -26.26 12.53 14.41
CA LYS C 317 -26.98 13.62 13.76
C LYS C 317 -27.95 13.09 12.72
N LYS C 318 -29.02 13.85 12.49
CA LYS C 318 -30.01 13.51 11.47
C LYS C 318 -29.32 13.18 10.15
N GLY C 319 -29.80 12.12 9.50
CA GLY C 319 -29.29 11.73 8.21
C GLY C 319 -28.05 10.86 8.24
N GLN C 320 -27.38 10.76 9.37
CA GLN C 320 -26.21 9.91 9.47
C GLN C 320 -26.64 8.43 9.53
N ARG C 321 -25.80 7.58 8.97
CA ARG C 321 -26.02 6.14 9.00
C ARG C 321 -25.36 5.52 10.23
N VAL C 322 -26.04 4.55 10.83
CA VAL C 322 -25.47 3.69 11.84
C VAL C 322 -25.49 2.28 11.28
N VAL C 323 -24.36 1.58 11.35
CA VAL C 323 -24.23 0.22 10.87
C VAL C 323 -24.12 -0.69 12.08
N MET C 324 -25.09 -1.58 12.22
CA MET C 324 -25.17 -2.49 13.36
C MET C 324 -24.36 -3.73 13.02
N PHE C 325 -23.19 -3.89 13.66
CA PHE C 325 -22.36 -5.04 13.32
C PHE C 325 -22.76 -6.20 14.22
N TYR C 326 -23.72 -6.98 13.75
CA TYR C 326 -24.14 -8.14 14.51
C TYR C 326 -22.96 -9.03 14.83
N ARG C 327 -22.00 -9.15 13.89
CA ARG C 327 -20.83 -10.01 14.09
C ARG C 327 -20.06 -9.62 15.34
N SER C 328 -20.07 -8.32 15.66
CA SER C 328 -19.40 -7.84 16.86
C SER C 328 -20.30 -8.04 18.06
N ALA C 329 -21.57 -7.68 17.92
CA ALA C 329 -22.50 -7.74 19.04
C ALA C 329 -22.63 -9.16 19.54
N ASN C 330 -22.52 -10.15 18.63
CA ASN C 330 -22.71 -11.53 19.05
C ASN C 330 -21.52 -12.10 19.80
N PHE C 331 -20.45 -11.32 19.97
CA PHE C 331 -19.27 -11.69 20.76
C PHE C 331 -18.96 -10.61 21.78
N ASP C 332 -19.97 -9.85 22.16
CA ASP C 332 -19.90 -8.85 23.22
C ASP C 332 -19.56 -9.48 24.56
N GLU C 333 -18.33 -9.21 25.01
CA GLU C 333 -17.84 -9.78 26.26
C GLU C 333 -18.67 -9.36 27.48
N GLU C 334 -19.31 -8.19 27.42
CA GLU C 334 -20.14 -7.74 28.53
C GLU C 334 -21.48 -8.45 28.62
N VAL C 335 -21.86 -9.19 27.60
CA VAL C 335 -23.14 -9.87 27.54
C VAL C 335 -23.00 -11.37 27.69
N PHE C 336 -22.02 -11.96 27.01
CA PHE C 336 -21.91 -13.41 26.93
C PHE C 336 -20.90 -14.03 27.88
N GLN C 337 -20.02 -13.24 28.49
CA GLN C 337 -19.02 -13.74 29.42
C GLN C 337 -17.93 -14.56 28.76
N ASP C 338 -18.32 -15.62 28.02
CA ASP C 338 -17.40 -16.44 27.22
C ASP C 338 -17.85 -16.47 25.76
N PRO C 339 -17.87 -15.33 25.09
CA PRO C 339 -18.37 -15.29 23.70
C PRO C 339 -17.56 -16.13 22.75
N PHE C 340 -16.27 -16.25 22.98
CA PHE C 340 -15.49 -17.07 22.07
C PHE C 340 -15.56 -18.54 22.36
N THR C 341 -16.42 -18.97 23.28
CA THR C 341 -16.72 -20.39 23.47
C THR C 341 -17.96 -20.77 22.64
N PHE C 342 -17.84 -21.83 21.84
CA PHE C 342 -18.96 -22.41 21.09
C PHE C 342 -19.67 -23.41 22.00
N ASN C 343 -20.81 -23.00 22.57
CA ASN C 343 -21.54 -23.78 23.57
C ASN C 343 -22.97 -24.00 23.11
N ILE C 344 -23.26 -25.18 22.53
CA ILE C 344 -24.60 -25.45 22.00
C ILE C 344 -25.66 -25.63 23.08
N LEU C 345 -25.27 -25.68 24.36
CA LEU C 345 -26.20 -25.60 25.47
C LEU C 345 -26.42 -24.17 25.95
N ARG C 346 -25.90 -23.18 25.24
CA ARG C 346 -25.92 -21.81 25.78
C ARG C 346 -27.36 -21.39 26.03
N ASN C 347 -27.63 -20.92 27.25
CA ASN C 347 -28.98 -20.63 27.67
C ASN C 347 -28.91 -19.83 28.98
N PRO C 348 -29.41 -18.59 29.00
CA PRO C 348 -30.01 -17.85 27.89
C PRO C 348 -29.01 -17.49 26.78
N ASN C 349 -29.51 -17.18 25.56
CA ASN C 349 -28.67 -16.88 24.39
C ASN C 349 -29.29 -15.69 23.69
N PRO C 350 -28.95 -14.47 24.13
CA PRO C 350 -29.61 -13.27 23.62
C PRO C 350 -28.93 -12.73 22.38
N HIS C 351 -28.55 -13.59 21.45
CA HIS C 351 -27.82 -13.13 20.28
C HIS C 351 -28.72 -12.31 19.36
N VAL C 352 -28.07 -11.54 18.50
CA VAL C 352 -28.79 -10.71 17.55
C VAL C 352 -28.56 -11.21 16.12
N GLY C 353 -28.38 -12.53 15.96
CA GLY C 353 -28.18 -13.05 14.61
C GLY C 353 -29.40 -12.87 13.73
N PHE C 354 -30.60 -12.88 14.34
CA PHE C 354 -31.83 -12.60 13.62
C PHE C 354 -32.20 -11.13 13.76
N GLY C 355 -31.25 -10.30 14.17
CA GLY C 355 -31.49 -8.90 14.38
C GLY C 355 -31.76 -8.55 15.85
N GLY C 356 -31.71 -7.26 16.13
CA GLY C 356 -32.23 -6.77 17.39
C GLY C 356 -33.74 -6.90 17.40
N THR C 357 -34.29 -7.23 18.57
CA THR C 357 -35.74 -7.28 18.69
C THR C 357 -36.30 -5.92 18.27
N GLY C 358 -37.52 -5.93 17.76
CA GLY C 358 -38.13 -4.72 17.26
C GLY C 358 -39.03 -5.01 16.07
N ALA C 359 -39.36 -3.92 15.38
CA ALA C 359 -40.33 -4.00 14.29
C ALA C 359 -39.89 -4.96 13.19
N HIS C 360 -38.58 -5.05 12.94
CA HIS C 360 -38.07 -5.73 11.76
C HIS C 360 -37.38 -7.05 12.09
N TYR C 361 -37.57 -7.56 13.31
CA TYR C 361 -36.96 -8.83 13.72
C TYR C 361 -37.36 -9.93 12.74
N CYS C 362 -36.38 -10.76 12.41
CA CYS C 362 -36.52 -11.73 11.32
C CYS C 362 -37.79 -12.52 11.48
N ILE C 363 -38.67 -12.42 10.50
CA ILE C 363 -39.88 -13.22 10.60
C ILE C 363 -39.62 -14.67 10.23
N GLY C 364 -38.47 -14.98 9.66
CA GLY C 364 -38.16 -16.37 9.30
C GLY C 364 -37.39 -17.14 10.35
N ALA C 365 -37.31 -16.61 11.58
CA ALA C 365 -36.40 -17.15 12.58
C ALA C 365 -36.74 -18.58 12.94
N ASN C 366 -38.03 -18.85 13.20
CA ASN C 366 -38.46 -20.20 13.51
C ASN C 366 -38.24 -21.14 12.33
N LEU C 367 -38.49 -20.66 11.12
CA LEU C 367 -38.29 -21.48 9.94
C LEU C 367 -36.81 -21.83 9.76
N ALA C 368 -35.94 -20.84 9.96
CA ALA C 368 -34.50 -21.06 9.88
C ALA C 368 -34.04 -22.05 10.95
N ARG C 369 -34.50 -21.86 12.19
CA ARG C 369 -34.09 -22.77 13.26
C ARG C 369 -34.53 -24.19 12.94
N MET C 370 -35.76 -24.37 12.44
CA MET C 370 -36.19 -25.72 12.06
C MET C 370 -35.30 -26.29 10.96
N THR C 371 -34.98 -25.47 9.96
CA THR C 371 -34.14 -25.94 8.85
C THR C 371 -32.80 -26.40 9.40
N ILE C 372 -32.19 -25.58 10.28
CA ILE C 372 -30.93 -25.91 10.91
C ILE C 372 -31.05 -27.22 11.68
N ASN C 373 -32.07 -27.31 12.53
CA ASN C 373 -32.21 -28.50 13.35
C ASN C 373 -32.33 -29.76 12.50
N LEU C 374 -33.12 -29.67 11.41
CA LEU C 374 -33.38 -30.85 10.60
C LEU C 374 -32.13 -31.28 9.84
N ILE C 375 -31.38 -30.34 9.27
CA ILE C 375 -30.19 -30.75 8.53
C ILE C 375 -29.12 -31.28 9.49
N PHE C 376 -28.97 -30.68 10.68
CA PHE C 376 -27.92 -31.21 11.55
C PHE C 376 -28.31 -32.58 12.14
N ASN C 377 -29.59 -32.80 12.44
CA ASN C 377 -30.02 -34.14 12.82
C ASN C 377 -29.72 -35.16 11.71
N ALA C 378 -29.93 -34.77 10.45
CA ALA C 378 -29.64 -35.66 9.33
C ALA C 378 -28.14 -35.87 9.17
N VAL C 379 -27.35 -34.82 9.33
CA VAL C 379 -25.91 -34.99 9.24
C VAL C 379 -25.44 -35.92 10.36
N ALA C 380 -25.95 -35.73 11.57
CA ALA C 380 -25.58 -36.62 12.67
C ALA C 380 -25.97 -38.07 12.39
N ASP C 381 -27.13 -38.27 11.75
CA ASP C 381 -27.59 -39.63 11.50
C ASP C 381 -26.76 -40.32 10.41
N HIS C 382 -26.34 -39.58 9.37
CA HIS C 382 -25.82 -40.22 8.15
C HIS C 382 -24.32 -40.10 7.96
N MET C 383 -23.67 -39.05 8.47
N MET C 383 -23.67 -39.06 8.50
CA MET C 383 -22.21 -38.92 8.37
CA MET C 383 -22.23 -38.86 8.36
C MET C 383 -21.66 -38.40 9.69
C MET C 383 -21.67 -38.38 9.69
N PRO C 384 -21.90 -39.15 10.77
CA PRO C 384 -21.45 -38.69 12.09
C PRO C 384 -19.95 -38.44 12.23
N ASP C 385 -19.12 -38.94 11.33
CA ASP C 385 -17.68 -38.82 11.46
C ASP C 385 -17.07 -37.92 10.37
N LEU C 386 -17.87 -37.07 9.76
CA LEU C 386 -17.33 -36.22 8.71
C LEU C 386 -16.22 -35.33 9.27
N LYS C 387 -15.28 -34.98 8.39
CA LYS C 387 -14.06 -34.28 8.73
C LYS C 387 -13.75 -33.37 7.55
N PRO C 388 -13.31 -32.14 7.78
CA PRO C 388 -12.98 -31.26 6.65
C PRO C 388 -11.71 -31.70 5.92
N ILE C 389 -11.67 -31.40 4.63
CA ILE C 389 -10.50 -31.66 3.81
C ILE C 389 -9.62 -30.42 3.71
N SER C 390 -10.21 -29.28 3.36
CA SER C 390 -9.44 -28.07 3.08
C SER C 390 -10.24 -26.86 3.55
N ALA C 391 -9.61 -25.71 3.51
CA ALA C 391 -10.19 -24.53 4.14
C ALA C 391 -11.39 -24.04 3.33
N PRO C 392 -12.39 -23.45 4.00
CA PRO C 392 -13.51 -22.88 3.27
C PRO C 392 -13.07 -21.70 2.43
N GLU C 393 -13.81 -21.43 1.35
CA GLU C 393 -13.64 -20.25 0.52
C GLU C 393 -14.74 -19.25 0.86
N ARG C 394 -14.37 -18.08 1.31
CA ARG C 394 -15.32 -17.07 1.77
C ARG C 394 -15.84 -16.24 0.60
N LEU C 395 -16.99 -15.60 0.83
CA LEU C 395 -17.67 -14.77 -0.15
C LEU C 395 -17.25 -13.33 0.00
N ARG C 396 -16.96 -12.66 -1.12
N ARG C 396 -16.95 -12.67 -1.13
CA ARG C 396 -16.64 -11.24 -1.10
CA ARG C 396 -16.66 -11.24 -1.12
C ARG C 396 -17.94 -10.45 -1.04
C ARG C 396 -17.98 -10.48 -1.02
N SER C 397 -18.17 -9.78 0.08
CA SER C 397 -19.36 -8.99 0.32
C SER C 397 -19.04 -8.08 1.49
N GLY C 398 -19.70 -6.95 1.50
CA GLY C 398 -19.48 -6.03 2.59
C GLY C 398 -20.42 -6.19 3.76
N TRP C 399 -21.39 -7.11 3.69
CA TRP C 399 -22.40 -7.19 4.75
C TRP C 399 -22.88 -8.62 4.94
N LEU C 400 -22.79 -9.45 3.90
CA LEU C 400 -23.19 -10.86 4.00
C LEU C 400 -21.97 -11.72 4.32
N ASN C 401 -22.11 -12.61 5.28
CA ASN C 401 -21.02 -13.49 5.70
C ASN C 401 -21.26 -14.85 5.06
N GLY C 402 -20.56 -15.10 3.95
CA GLY C 402 -20.83 -16.26 3.11
C GLY C 402 -19.64 -17.19 2.96
N ILE C 403 -19.93 -18.48 2.86
CA ILE C 403 -18.98 -19.51 2.49
C ILE C 403 -19.44 -20.05 1.14
N LYS C 404 -18.58 -19.89 0.13
CA LYS C 404 -18.92 -20.33 -1.22
C LYS C 404 -18.69 -21.82 -1.40
N HIS C 405 -17.60 -22.33 -0.84
CA HIS C 405 -17.22 -23.73 -1.01
C HIS C 405 -16.45 -24.20 0.22
N TRP C 406 -16.61 -25.48 0.53
CA TRP C 406 -15.88 -26.10 1.65
C TRP C 406 -15.83 -27.59 1.40
N GLN C 407 -14.63 -28.14 1.18
N GLN C 407 -14.63 -28.13 1.19
CA GLN C 407 -14.48 -29.55 0.84
CA GLN C 407 -14.46 -29.55 0.85
C GLN C 407 -14.39 -30.40 2.11
C GLN C 407 -14.39 -30.40 2.12
N VAL C 408 -15.22 -31.45 2.17
CA VAL C 408 -15.38 -32.25 3.39
C VAL C 408 -15.41 -33.72 3.03
N ASP C 409 -14.81 -34.53 3.88
CA ASP C 409 -14.84 -35.99 3.78
C ASP C 409 -15.95 -36.51 4.68
N TYR C 410 -17.05 -36.95 4.08
CA TYR C 410 -18.21 -37.33 4.89
C TYR C 410 -17.97 -38.64 5.60
N THR C 411 -17.21 -39.56 4.99
CA THR C 411 -16.97 -40.86 5.60
C THR C 411 -16.08 -40.75 6.84
N GLY C 412 -15.10 -39.86 6.82
CA GLY C 412 -14.22 -39.64 7.96
C GLY C 412 -13.12 -40.67 8.10
C1 I6Y D . 13.86 26.95 -12.16
C2 I6Y D . 14.74 25.97 -11.78
C3 I6Y D . 15.44 26.09 -10.59
C4 I6Y D . 16.31 24.99 -10.10
C5 I6Y D . 16.22 23.70 -10.66
C6 I6Y D . 16.98 22.64 -10.15
C8 I6Y D . 17.82 24.15 -8.41
C11 I6Y D . 18.84 20.63 -8.57
C12 I6Y D . 20.27 20.19 -8.35
C13 I6Y D . 22.11 18.85 -9.26
C14 I6Y D . 22.71 18.41 -7.93
C15 I6Y D . 20.65 17.35 -7.34
C16 I6Y D . 20.03 17.78 -8.66
C10 I6Y D . 19.18 22.78 -7.25
C17 I6Y D . 17.08 25.19 -8.94
C18 I6Y D . 15.20 27.22 -9.84
C19 I6Y D . 14.30 28.17 -10.30
C7 I6Y D . 17.75 22.87 -9.02
C9 I6Y D . 18.71 24.05 -7.30
N1 I6Y D . 18.59 22.04 -8.29
N2 I6Y D . 20.64 19.03 -9.16
N3 I6Y D . 22.09 17.15 -7.49
N4 I6Y D . 13.62 28.04 -11.43
H1 I6Y D . 13.42 26.86 -12.97
H2 I6Y D . 14.84 25.19 -12.33
H3 I6Y D . 15.68 23.55 -11.42
H4 I6Y D . 16.93 21.79 -10.55
H5 I6Y D . 18.24 20.10 -8.00
H6 I6Y D . 18.59 20.45 -9.51
H7 I6Y D . 20.85 20.93 -8.56
H8 I6Y D . 20.39 19.99 -7.41
H9 I6Y D . 22.52 19.71 -9.53
H10 I6Y D . 22.32 18.19 -9.94
H11 I6Y D . 23.69 18.28 -8.03
H12 I6Y D . 22.56 19.12 -7.24
H13 I6Y D . 20.22 16.50 -7.04
H14 I6Y D . 20.48 18.04 -6.65
H15 I6Y D . 20.15 17.08 -9.32
H16 I6Y D . 19.07 17.92 -8.54
H17 I6Y D . 19.77 22.42 -6.64
H18 I6Y D . 17.10 26.05 -8.54
H19 I6Y D . 15.62 27.33 -9.01
H20 I6Y D . 14.16 28.95 -9.77
H21 I6Y D . 18.95 24.74 -6.70
H23 I6Y D . 22.24 16.52 -8.11
CHA HEM E . 11.93 27.77 -14.94
CHB HEM E . 14.93 30.95 -12.94
CHC HEM E . 11.95 31.23 -9.15
CHD HEM E . 9.59 27.36 -10.68
C1A HEM E . 12.94 28.66 -14.77
C2A HEM E . 13.94 28.95 -15.73
C3A HEM E . 14.73 29.82 -15.15
C4A HEM E . 14.32 30.08 -13.80
CMA HEM E . 15.98 30.40 -15.80
CAA HEM E . 14.07 28.51 -17.24
CBA HEM E . 14.12 27.03 -17.47
CGA HEM E . 14.66 26.70 -18.87
O1A HEM E . 14.43 27.58 -19.76
O2A HEM E . 15.31 25.57 -19.01
C1B HEM E . 14.36 31.38 -11.76
C2B HEM E . 14.86 32.43 -10.90
C3B HEM E . 14.05 32.49 -9.84
C4B HEM E . 12.98 31.49 -10.01
CMB HEM E . 16.16 33.23 -11.17
CAB HEM E . 14.07 33.45 -8.66
CBB HEM E . 14.65 34.63 -8.75
C1C HEM E . 11.05 30.22 -9.22
C2C HEM E . 9.99 29.94 -8.26
C3C HEM E . 9.36 28.85 -8.70
C4C HEM E . 9.97 28.44 -9.91
CMC HEM E . 9.71 30.81 -7.02
CAC HEM E . 8.14 28.09 -8.13
CBC HEM E . 7.49 28.47 -7.04
C1D HEM E . 10.01 27.14 -11.96
C2D HEM E . 9.62 26.02 -12.82
C3D HEM E . 10.25 26.11 -13.98
C4D HEM E . 11.14 27.28 -13.92
CMD HEM E . 8.62 24.90 -12.40
CAD HEM E . 10.07 25.13 -15.16
CBD HEM E . 9.00 25.50 -16.14
CGD HEM E . 8.91 24.56 -17.33
O1D HEM E . 7.89 24.65 -18.09
O2D HEM E . 9.89 23.78 -17.50
NA HEM E . 13.16 29.36 -13.55
NB HEM E . 13.25 30.85 -11.18
NC HEM E . 11.03 29.28 -10.23
ND HEM E . 10.96 27.88 -12.66
FE HEM E . 12.06 29.37 -11.97
HHB HEM E . 15.90 31.05 -13.03
HHC HEM E . 11.83 31.88 -8.41
HHD HEM E . 9.19 26.59 -10.21
HMA HEM E . 16.36 31.11 -15.22
HMAA HEM E . 15.76 30.78 -16.67
HMAB HEM E . 16.65 29.69 -15.92
HAA HEM E . 14.87 28.90 -17.63
HAAA HEM E . 13.31 28.86 -17.73
HBA HEM E . 13.23 26.65 -17.38
HBAA HEM E . 14.70 26.64 -16.81
HMB HEM E . 16.82 32.64 -11.54
HMBA HEM E . 16.50 33.62 -10.34
HMBB HEM E . 15.98 33.94 -11.80
HAB HEM E . 13.66 33.18 -7.84
HBB HEM E . 14.61 35.23 -7.99
HBBA HEM E . 14.90 34.98 -9.62
HMC HEM E . 10.40 31.49 -6.94
HMCA HEM E . 9.71 30.25 -6.23
HMCB HEM E . 8.85 31.24 -7.11
HAC HEM E . 7.81 27.33 -8.61
HBC HEM E . 6.66 28.04 -6.80
HBCA HEM E . 7.81 29.22 -6.51
HMD HEM E . 8.30 24.43 -13.21
HMDA HEM E . 7.86 25.30 -11.94
HMDB HEM E . 9.07 24.26 -11.81
HAD HEM E . 9.87 24.25 -14.79
HADA HEM E . 10.91 25.07 -15.64
HBD HEM E . 9.17 26.40 -16.46
HBDA HEM E . 8.14 25.50 -15.68
HHA HEM E . 11.58 27.65 -15.86
C1 I6Y F . 16.08 -19.32 5.53
C2 I6Y F . 15.31 -20.46 5.71
C3 I6Y F . 14.27 -20.72 4.83
C4 I6Y F . 13.45 -21.97 4.96
C5 I6Y F . 13.75 -22.90 5.98
C6 I6Y F . 13.04 -24.09 6.12
C8 I6Y F . 11.68 -23.43 4.19
C11 I6Y F . 11.13 -26.58 5.97
C12 I6Y F . 11.70 -27.84 5.35
C13 I6Y F . 11.23 -29.19 7.34
C14 I6Y F . 11.88 -30.07 8.40
C15 I6Y F . 13.45 -30.88 6.77
C16 I6Y F . 12.79 -29.99 5.72
C10 I6Y F . 10.28 -25.19 4.05
C17 I6Y F . 12.41 -22.23 4.07
C18 I6Y F . 14.14 -19.88 3.76
C19 I6Y F . 14.97 -18.78 3.62
C7 I6Y F . 12.02 -24.34 5.21
C9 I6Y F . 10.57 -24.00 3.48
N1 I6Y F . 11.15 -25.42 5.10
N2 I6Y F . 12.23 -28.78 6.35
N3 I6Y F . 12.47 -31.26 7.79
N4 I6Y F . 15.93 -18.49 4.49
H1 I6Y F . 16.76 -19.14 6.15
H2 I6Y F . 15.46 -21.01 6.46
H3 I6Y F . 14.47 -22.73 6.57
H4 I6Y F . 13.26 -24.70 6.79
H5 I6Y F . 10.19 -26.75 6.24
H6 I6Y F . 11.62 -26.37 6.79
H7 I6Y F . 10.99 -28.27 4.85
H8 I6Y F . 12.39 -27.58 4.74
H9 I6Y F . 10.84 -28.39 7.76
H10 I6Y F . 10.50 -29.69 6.90
H11 I6Y F . 11.18 -30.34 9.06
H12 I6Y F . 12.58 -29.55 8.88
H13 I6Y F . 14.20 -30.38 7.20
H14 I6Y F . 13.82 -31.69 6.34
H15 I6Y F . 12.07 -30.49 5.28
H16 I6Y F . 13.45 -29.73 5.04
H17 I6Y F . 9.60 -25.77 3.78
H18 I6Y F . 12.20 -21.63 3.39
H19 I6Y F . 13.47 -20.04 3.10
H20 I6Y F . 14.84 -18.20 2.90
H21 I6Y F . 10.14 -23.61 2.73
H23 I6Y F . 12.87 -31.75 8.42
CHA HEM G . 18.68 -17.29 7.08
CHB HEM G . 14.64 -15.34 5.36
CHC HEM G . 16.12 -15.81 0.85
CHD HEM G . 19.40 -18.87 2.58
C1A HEM G . 17.49 -16.65 7.01
C2A HEM G . 16.77 -16.07 8.11
C3A HEM G . 15.65 -15.54 7.60
C4A HEM G . 15.63 -15.77 6.17
CMA HEM G . 14.54 -14.83 8.39
CAA HEM G . 17.16 -15.94 9.60
CBA HEM G . 17.59 -17.21 10.25
CGA HEM G . 17.65 -17.05 11.76
O1A HEM G . 17.89 -15.91 12.30
O2A HEM G . 17.43 -18.09 12.42
C1B HEM G . 14.71 -15.22 4.01
C2B HEM G . 13.73 -14.57 3.17
C3B HEM G . 14.16 -14.71 1.90
C4B HEM G . 15.37 -15.47 1.94
CMB HEM G . 12.45 -13.85 3.68
CAB HEM G . 13.55 -14.19 0.60
CBB HEM G . 12.89 -12.99 0.55
C1C HEM G . 17.13 -16.72 0.92
C2C HEM G . 17.85 -17.29 -0.21
C3C HEM G . 18.76 -18.13 0.29
C4C HEM G . 18.63 -18.12 1.72
CMC HEM G . 17.56 -16.88 -1.67
CAC HEM G . 19.80 -19.02 -0.42
CBC HEM G . 19.89 -19.01 -1.75
C1D HEM G . 19.51 -18.71 3.94
C2D HEM G . 20.42 -19.44 4.81
C3D HEM G . 20.24 -19.00 6.07
C4D HEM G . 19.18 -18.00 6.03
CMD HEM G . 21.42 -20.51 4.34
CAD HEM G . 20.96 -19.49 7.34
CBD HEM G . 22.29 -18.76 7.54
CGD HEM G . 22.94 -19.21 8.82
O1D HEM G . 24.10 -18.77 9.08
O2D HEM G . 22.32 -20.02 9.59
NA HEM G . 16.79 -16.42 5.80
NB HEM G . 15.67 -15.76 3.23
NC HEM G . 17.62 -17.23 2.07
ND HEM G . 18.77 -17.86 4.71
FE HEM G . 17.22 -16.84 3.98
HHB HEM G . 13.76 -15.22 5.78
HHC HEM G . 16.15 -15.17 0.11
HHD HEM G . 19.91 -19.61 2.18
HMA HEM G . 13.92 -14.40 7.78
HMAA HEM G . 14.94 -14.17 8.99
HMAB HEM G . 14.06 -15.50 8.94
HAA HEM G . 16.40 -15.61 10.09
HAAA HEM G . 17.88 -15.31 9.67
HBA HEM G . 18.46 -17.46 9.92
HBAA HEM G . 16.96 -17.92 10.03
HMB HEM G . 12.00 -14.43 4.31
HMBA HEM G . 11.87 -13.66 2.93
HMBB HEM G . 12.70 -13.02 4.11
HAB HEM G . 13.63 -14.71 -0.21
HBB HEM G . 12.50 -12.68 -0.28
HBBA HEM G . 12.87 -12.42 1.33
HMC HEM G . 16.66 -16.52 -1.73
HMCA HEM G . 17.61 -17.67 -2.24
HMCB HEM G . 18.20 -16.22 -1.96
HAC HEM G . 20.52 -19.41 0.08
HBC HEM G . 20.09 -19.83 -2.23
HBCA HEM G . 19.73 -18.19 -2.25
HMD HEM G . 21.93 -20.84 5.12
HMDA HEM G . 22.04 -20.11 3.69
HMDB HEM G . 20.93 -21.24 3.93
HAD HEM G . 21.12 -20.44 7.27
HADA HEM G . 20.39 -19.32 8.10
HBD HEM G . 22.13 -17.80 7.56
HBDA HEM G . 22.87 -18.96 6.79
HHA HEM G . 19.33 -16.97 7.74
S SO4 H . -2.00 -30.92 13.59
O1 SO4 H . -2.52 -32.09 14.30
O2 SO4 H . -2.43 -30.95 12.19
O3 SO4 H . -0.55 -30.98 13.69
O4 SO4 H . -2.47 -29.67 14.20
S SO4 I . 2.61 -32.87 26.21
O1 SO4 I . 3.83 -33.65 26.39
O2 SO4 I . 1.46 -33.77 26.03
O3 SO4 I . 2.41 -32.01 27.38
O4 SO4 I . 2.73 -32.04 25.01
C1 I6Y J . -33.34 -10.89 6.02
C2 I6Y J . -32.73 -10.45 4.85
C3 I6Y J . -31.99 -11.34 4.08
C4 I6Y J . -31.31 -10.91 2.81
C5 I6Y J . -31.58 -9.63 2.27
C6 I6Y J . -30.97 -9.20 1.09
C8 I6Y J . -29.81 -11.34 0.97
C11 I6Y J . -29.30 -8.70 -1.54
C12 I6Y J . -30.15 -8.71 -2.80
C13 I6Y J . -30.72 -7.61 -4.89
C14 I6Y J . -30.89 -6.28 -5.59
C15 I6Y J . -28.67 -5.89 -4.80
C16 I6Y J . -28.76 -6.93 -3.70
C10 I6Y J . -28.62 -11.06 -0.92
C17 I6Y J . -30.43 -11.76 2.15
C18 I6Y J . -31.91 -12.64 4.55
C19 I6Y J . -32.56 -13.00 5.72
C7 I6Y J . -30.09 -10.06 0.45
C9 I6Y J . -28.87 -11.95 0.07
N1 I6Y J . -29.36 -9.91 -0.71
N2 I6Y J . -30.13 -7.45 -3.55
N3 I6Y J . -29.98 -5.28 -5.02
N4 I6Y J . -33.29 -12.15 6.45
H1 I6Y J . -33.83 -10.27 6.52
H2 I6Y J . -32.81 -9.55 4.59
H3 I6Y J . -32.18 -9.04 2.72
H4 I6Y J . -31.14 -8.34 0.75
H5 I6Y J . -29.58 -7.95 -1.00
H6 I6Y J . -28.37 -8.57 -1.80
H7 I6Y J . -31.06 -8.92 -2.54
H8 I6Y J . -29.83 -9.43 -3.37
H9 I6Y J . -31.60 -8.05 -4.80
H10 I6Y J . -30.15 -8.20 -5.42
H11 I6Y J . -30.71 -6.39 -6.56
H12 I6Y J . -31.84 -5.97 -5.48
H13 I6Y J . -28.01 -5.18 -4.54
H14 I6Y J . -28.35 -6.32 -5.64
H15 I6Y J . -28.47 -6.52 -2.85
H16 I6Y J . -28.15 -7.67 -3.90
H17 I6Y J . -28.04 -11.20 -1.64
H18 I6Y J . -30.25 -12.62 2.50
H19 I6Y J . -31.43 -13.29 4.06
H20 I6Y J . -32.51 -13.89 6.01
H21 I6Y J . -28.50 -12.81 0.15
H23 I6Y J . -29.90 -4.60 -5.59
CHA HEM K . -35.19 -9.81 8.79
CHB HEM K . -31.34 -12.61 9.76
CHC HEM K . -33.55 -16.47 7.76
CHD HEM K . -36.98 -13.46 6.17
C1A HEM K . -33.95 -10.24 9.21
C2A HEM K . -32.98 -9.40 9.83
C3A HEM K . -31.91 -10.17 10.11
C4A HEM K . -32.19 -11.53 9.68
CMA HEM K . -30.59 -9.74 10.79
CAA HEM K . -33.21 -7.89 10.10
CBA HEM K . -33.47 -7.67 11.56
CGA HEM K . -33.70 -6.19 11.80
O1A HEM K . -33.38 -5.37 10.88
O2A HEM K . -34.20 -5.87 12.91
C1B HEM K . -31.61 -13.90 9.30
C2B HEM K . -30.74 -15.04 9.45
C3B HEM K . -31.36 -16.11 8.91
C4B HEM K . -32.63 -15.67 8.38
CMB HEM K . -29.36 -15.02 10.12
CAB HEM K . -30.86 -17.57 8.85
CBB HEM K . -30.08 -18.07 9.81
C1C HEM K . -34.71 -16.02 7.18
C2C HEM K . -35.72 -16.79 6.48
C3C HEM K . -36.66 -15.93 6.05
C4C HEM K . -36.26 -14.61 6.43
CMC HEM K . -35.69 -18.33 6.34
CAC HEM K . -37.95 -16.21 5.26
CBC HEM K . -38.10 -17.38 4.64
C1D HEM K . -36.79 -12.21 6.74
C2D HEM K . -37.63 -11.04 6.52
C3D HEM K . -37.15 -10.04 7.25
C4D HEM K . -35.98 -10.53 7.94
CMD HEM K . -38.89 -10.96 5.62
CAD HEM K . -37.70 -8.59 7.33
CBD HEM K . -38.77 -8.48 8.43
CGD HEM K . -39.36 -7.07 8.46
O1D HEM K . -38.82 -6.14 7.80
O2D HEM K . -40.40 -6.92 9.16
NA HEM K . -33.45 -11.53 9.14
NB HEM K . -32.74 -14.32 8.64
NC HEM K . -35.07 -14.70 7.11
ND HEM K . -35.79 -11.86 7.61
FE HEM K . -34.27 -13.09 8.21
HHB HEM K . -30.49 -12.47 10.23
HHC HEM K . -33.48 -17.44 7.90
HHD HEM K . -37.70 -13.54 5.52
HMA HEM K . -29.99 -10.51 10.86
HMAA HEM K . -30.78 -9.39 11.69
HMAB HEM K . -30.16 -9.04 10.26
HAA HEM K . -33.96 -7.58 9.58
HAAA HEM K . -32.42 -7.40 9.83
HBA HEM K . -32.69 -7.95 12.05
HBAA HEM K . -34.25 -8.17 11.84
HMB HEM K . -28.92 -14.19 9.92
HMBA HEM K . -28.83 -15.76 9.81
HMBB HEM K . -29.48 -15.10 11.09
HAB HEM K . -31.09 -18.11 8.09
HBB HEM K . -29.86 -19.02 9.79
HBBA HEM K . -29.92 -17.57 10.62
HMC HEM K . -36.59 -18.69 6.32
HMCA HEM K . -35.21 -18.72 7.09
HMCB HEM K . -35.23 -18.57 5.51
HAC HEM K . -38.68 -15.58 5.28
HBC HEM K . -38.97 -17.81 4.63
HBCA HEM K . -37.32 -17.86 4.33
HMD HEM K . -39.28 -10.07 5.68
HMDA HEM K . -39.54 -11.63 5.90
HMDB HEM K . -38.63 -11.14 4.68
HAD HEM K . -38.10 -8.35 6.48
HADA HEM K . -36.97 -7.98 7.53
HBD HEM K . -38.35 -8.66 9.29
HBDA HEM K . -39.47 -9.11 8.26
HHA HEM K . -35.63 -9.12 9.32
S SO4 L . -34.96 2.60 25.76
O1 SO4 L . -35.31 1.91 27.00
O2 SO4 L . -34.67 1.62 24.72
O3 SO4 L . -33.78 3.43 25.98
O4 SO4 L . -36.08 3.44 25.33
S SO4 M . -18.62 11.18 -3.13
O1 SO4 M . -18.47 9.83 -2.59
O2 SO4 M . -19.81 11.24 -3.98
O3 SO4 M . -17.45 11.52 -3.95
O4 SO4 M . -18.80 12.12 -2.01
S SO4 N . -16.23 -2.40 -5.98
O1 SO4 N . -16.48 -3.78 -6.38
O2 SO4 N . -17.24 -1.53 -6.60
O3 SO4 N . -14.91 -1.98 -6.42
O4 SO4 N . -16.32 -2.29 -4.52
S SO4 O . -27.40 8.54 -9.44
O1 SO4 O . -27.82 8.98 -10.76
O2 SO4 O . -28.33 7.52 -8.96
O3 SO4 O . -27.37 9.67 -8.53
O4 SO4 O . -26.06 7.94 -9.52
#